data_2ELH
#
_entry.id   2ELH
#
_entity_poly.entity_id   1
_entity_poly.type   'polypeptide(L)'
_entity_poly.pdbx_seq_one_letter_code
;GSSGSSGMNIRMGTKGKRPLRSLTPRDKIHAIQRIHDGESKASVARDIGVPESTLRGWCKNEDKLRFMSRQSATDNLCAD
ALGDKMD
;
_entity_poly.pdbx_strand_id   A
#
# COMPACT_ATOMS: atom_id res chain seq x y z
N GLY A 1 -4.32 1.33 36.43
CA GLY A 1 -4.87 1.56 35.10
C GLY A 1 -4.49 2.92 34.54
N SER A 2 -4.69 3.10 33.24
CA SER A 2 -4.35 4.36 32.59
C SER A 2 -5.14 4.53 31.30
N SER A 3 -5.78 5.68 31.15
CA SER A 3 -6.58 5.97 29.95
C SER A 3 -6.40 7.41 29.51
N GLY A 4 -6.81 7.71 28.29
CA GLY A 4 -6.70 9.06 27.77
C GLY A 4 -6.87 9.12 26.26
N SER A 5 -8.08 8.80 25.80
CA SER A 5 -8.37 8.81 24.37
C SER A 5 -9.14 10.07 23.99
N SER A 6 -8.76 11.20 24.58
CA SER A 6 -9.42 12.47 24.30
C SER A 6 -9.29 12.85 22.83
N GLY A 7 -8.06 12.79 22.31
CA GLY A 7 -7.81 13.12 20.92
C GLY A 7 -7.86 14.61 20.67
N MET A 8 -7.18 15.05 19.62
CA MET A 8 -7.14 16.47 19.27
C MET A 8 -7.17 16.66 17.76
N ASN A 9 -8.03 17.57 17.30
CA ASN A 9 -8.16 17.84 15.87
C ASN A 9 -7.67 19.25 15.54
N ILE A 10 -6.35 19.41 15.48
CA ILE A 10 -5.76 20.70 15.17
C ILE A 10 -4.80 20.60 13.98
N ARG A 11 -4.68 21.69 13.24
CA ARG A 11 -3.80 21.73 12.07
C ARG A 11 -2.47 22.39 12.42
N MET A 12 -1.58 21.62 13.04
CA MET A 12 -0.27 22.13 13.43
C MET A 12 0.66 22.21 12.21
N GLY A 13 1.85 22.78 12.43
CA GLY A 13 2.80 22.91 11.34
C GLY A 13 3.10 21.58 10.67
N THR A 14 3.70 21.64 9.48
CA THR A 14 4.04 20.43 8.74
C THR A 14 5.27 19.75 9.32
N LYS A 15 5.24 19.52 10.62
CA LYS A 15 6.36 18.87 11.31
C LYS A 15 5.97 18.47 12.73
N GLY A 16 6.28 17.24 13.10
CA GLY A 16 5.97 16.76 14.43
C GLY A 16 6.67 15.46 14.77
N LYS A 17 7.07 15.32 16.02
CA LYS A 17 7.77 14.11 16.48
C LYS A 17 6.78 13.00 16.78
N ARG A 18 5.89 12.72 15.84
CA ARG A 18 4.88 11.68 16.01
C ARG A 18 4.35 11.21 14.66
N PRO A 19 3.93 9.94 14.59
CA PRO A 19 3.40 9.34 13.36
C PRO A 19 2.03 9.91 12.99
N LEU A 20 1.50 9.47 11.86
CA LEU A 20 0.20 9.93 11.39
C LEU A 20 -0.76 8.76 11.18
N ARG A 21 -1.99 8.90 11.66
CA ARG A 21 -2.99 7.86 11.52
C ARG A 21 -3.02 7.32 10.10
N SER A 22 -2.99 8.22 9.13
CA SER A 22 -3.02 7.83 7.72
C SER A 22 -1.75 7.06 7.34
N LEU A 23 -1.86 6.20 6.35
CA LEU A 23 -0.72 5.40 5.89
C LEU A 23 -0.30 5.82 4.49
N THR A 24 0.87 5.35 4.07
CA THR A 24 1.39 5.67 2.75
C THR A 24 0.82 4.74 1.69
N PRO A 25 0.75 5.24 0.44
CA PRO A 25 0.22 4.47 -0.68
C PRO A 25 1.14 3.32 -1.09
N ARG A 26 2.41 3.43 -0.71
CA ARG A 26 3.39 2.39 -1.02
C ARG A 26 3.17 1.15 -0.17
N ASP A 27 2.68 1.35 1.05
CA ASP A 27 2.42 0.25 1.97
C ASP A 27 1.54 -0.82 1.31
N LYS A 28 0.46 -0.37 0.67
CA LYS A 28 -0.46 -1.28 0.01
C LYS A 28 0.25 -2.08 -1.07
N ILE A 29 1.09 -1.41 -1.85
CA ILE A 29 1.85 -2.06 -2.92
C ILE A 29 2.65 -3.24 -2.38
N HIS A 30 3.33 -3.02 -1.26
CA HIS A 30 4.15 -4.06 -0.64
C HIS A 30 3.48 -5.42 -0.80
N ALA A 31 2.25 -5.54 -0.30
CA ALA A 31 1.52 -6.79 -0.38
C ALA A 31 1.05 -7.07 -1.81
N ILE A 32 0.50 -6.05 -2.46
CA ILE A 32 0.04 -6.18 -3.83
C ILE A 32 0.91 -7.14 -4.62
N GLN A 33 2.22 -6.99 -4.50
CA GLN A 33 3.16 -7.85 -5.20
C GLN A 33 2.97 -9.32 -4.80
N ARG A 34 3.08 -9.59 -3.51
CA ARG A 34 2.92 -10.94 -3.00
C ARG A 34 1.87 -11.71 -3.80
N ILE A 35 0.64 -11.21 -3.78
CA ILE A 35 -0.45 -11.84 -4.51
C ILE A 35 0.00 -12.28 -5.90
N HIS A 36 0.58 -11.35 -6.65
CA HIS A 36 1.05 -11.65 -8.01
C HIS A 36 2.17 -12.68 -7.97
N ASP A 37 3.08 -12.54 -7.02
CA ASP A 37 4.19 -13.47 -6.87
C ASP A 37 3.69 -14.90 -6.76
N GLY A 38 2.67 -15.11 -5.94
CA GLY A 38 2.12 -16.43 -5.76
C GLY A 38 1.09 -16.50 -4.64
N GLU A 39 1.36 -15.76 -3.57
CA GLU A 39 0.45 -15.73 -2.43
C GLU A 39 -1.00 -15.65 -2.89
N SER A 40 -1.93 -15.98 -1.99
CA SER A 40 -3.35 -15.95 -2.31
C SER A 40 -4.01 -14.70 -1.71
N LYS A 41 -5.05 -14.21 -2.39
CA LYS A 41 -5.76 -13.02 -1.93
C LYS A 41 -6.04 -13.10 -0.43
N ALA A 42 -6.63 -14.21 0.00
CA ALA A 42 -6.94 -14.41 1.41
C ALA A 42 -5.67 -14.47 2.25
N SER A 43 -4.71 -15.27 1.81
CA SER A 43 -3.44 -15.41 2.52
C SER A 43 -2.84 -14.05 2.86
N VAL A 44 -2.76 -13.19 1.85
CA VAL A 44 -2.21 -11.85 2.03
C VAL A 44 -3.12 -10.99 2.89
N ALA A 45 -4.40 -10.96 2.54
CA ALA A 45 -5.38 -10.18 3.29
C ALA A 45 -5.18 -10.34 4.79
N ARG A 46 -5.29 -11.58 5.27
CA ARG A 46 -5.12 -11.86 6.69
C ARG A 46 -3.72 -11.49 7.15
N ASP A 47 -2.74 -11.68 6.28
CA ASP A 47 -1.36 -11.36 6.61
C ASP A 47 -1.27 -10.08 7.44
N ILE A 48 -1.80 -8.99 6.88
CA ILE A 48 -1.78 -7.71 7.57
C ILE A 48 -2.97 -7.57 8.52
N GLY A 49 -4.07 -8.21 8.16
CA GLY A 49 -5.26 -8.15 8.99
C GLY A 49 -6.37 -7.33 8.36
N VAL A 50 -6.70 -7.65 7.11
CA VAL A 50 -7.75 -6.93 6.40
C VAL A 50 -8.66 -7.90 5.66
N PRO A 51 -9.93 -7.50 5.49
CA PRO A 51 -10.94 -8.33 4.80
C PRO A 51 -10.67 -8.44 3.30
N GLU A 52 -10.61 -9.67 2.81
CA GLU A 52 -10.35 -9.92 1.40
C GLU A 52 -11.02 -8.85 0.54
N SER A 53 -12.20 -8.41 0.95
CA SER A 53 -12.95 -7.40 0.21
C SER A 53 -12.07 -6.17 -0.06
N THR A 54 -11.71 -5.46 1.00
CA THR A 54 -10.89 -4.27 0.87
C THR A 54 -9.65 -4.55 0.02
N LEU A 55 -8.88 -5.57 0.42
CA LEU A 55 -7.68 -5.94 -0.31
C LEU A 55 -7.87 -5.74 -1.81
N ARG A 56 -8.82 -6.47 -2.39
CA ARG A 56 -9.09 -6.37 -3.81
C ARG A 56 -9.05 -4.92 -4.28
N GLY A 57 -9.70 -4.04 -3.52
CA GLY A 57 -9.73 -2.64 -3.87
C GLY A 57 -8.40 -2.15 -4.42
N TRP A 58 -7.34 -2.30 -3.64
CA TRP A 58 -6.01 -1.88 -4.06
C TRP A 58 -5.61 -2.55 -5.36
N CYS A 59 -5.56 -3.88 -5.34
CA CYS A 59 -5.19 -4.66 -6.52
C CYS A 59 -5.87 -4.10 -7.77
N LYS A 60 -7.12 -3.69 -7.63
CA LYS A 60 -7.88 -3.14 -8.74
C LYS A 60 -7.20 -1.89 -9.29
N ASN A 61 -6.97 -0.91 -8.43
CA ASN A 61 -6.33 0.33 -8.83
C ASN A 61 -4.82 0.23 -8.72
N GLU A 62 -4.32 -0.99 -8.51
CA GLU A 62 -2.89 -1.23 -8.38
C GLU A 62 -2.12 -0.43 -9.42
N ASP A 63 -2.62 -0.43 -10.66
CA ASP A 63 -1.97 0.30 -11.74
C ASP A 63 -1.41 1.63 -11.25
N LYS A 64 -2.32 2.54 -10.87
CA LYS A 64 -1.92 3.85 -10.38
C LYS A 64 -1.08 3.72 -9.11
N LEU A 65 -1.58 2.94 -8.15
CA LEU A 65 -0.87 2.74 -6.90
C LEU A 65 0.63 2.55 -7.13
N ARG A 66 0.97 1.75 -8.14
CA ARG A 66 2.36 1.49 -8.46
C ARG A 66 3.12 2.80 -8.68
N PHE A 67 2.46 3.76 -9.32
CA PHE A 67 3.08 5.06 -9.60
C PHE A 67 2.72 6.06 -8.51
N MET A 68 1.74 5.71 -7.67
CA MET A 68 1.30 6.58 -6.59
C MET A 68 2.45 6.91 -5.65
N SER A 69 3.12 5.87 -5.16
CA SER A 69 4.24 6.04 -4.24
C SER A 69 5.10 7.23 -4.65
N ARG A 70 5.41 7.31 -5.94
CA ARG A 70 6.23 8.39 -6.48
C ARG A 70 5.74 9.74 -5.96
N GLN A 71 4.46 10.01 -6.14
CA GLN A 71 3.87 11.26 -5.68
C GLN A 71 2.41 11.06 -5.24
N SER A 72 1.99 11.84 -4.25
CA SER A 72 0.63 11.73 -3.73
C SER A 72 0.11 13.11 -3.33
N ALA A 73 -1.13 13.41 -3.74
CA ALA A 73 -1.74 14.69 -3.41
C ALA A 73 -2.48 14.62 -2.09
N THR A 74 -3.47 13.74 -2.00
CA THR A 74 -4.26 13.57 -0.79
C THR A 74 -5.22 12.39 -0.91
N ASP A 75 -5.71 11.92 0.23
CA ASP A 75 -6.63 10.80 0.25
C ASP A 75 -8.07 11.29 0.35
N ASN A 76 -8.66 11.63 -0.79
CA ASN A 76 -10.04 12.11 -0.83
C ASN A 76 -10.86 11.33 -1.86
N LEU A 77 -10.69 10.01 -1.86
CA LEU A 77 -11.42 9.16 -2.79
C LEU A 77 -11.61 7.76 -2.21
N CYS A 78 -12.84 7.26 -2.29
CA CYS A 78 -13.15 5.93 -1.77
C CYS A 78 -12.57 4.84 -2.68
N ALA A 79 -11.77 3.95 -2.09
CA ALA A 79 -11.16 2.86 -2.84
C ALA A 79 -12.21 1.91 -3.39
N ASP A 80 -13.02 1.36 -2.49
CA ASP A 80 -14.08 0.43 -2.88
C ASP A 80 -15.43 0.86 -2.32
N ALA A 81 -16.49 0.16 -2.72
CA ALA A 81 -17.83 0.47 -2.25
C ALA A 81 -18.81 -0.63 -2.64
N LEU A 82 -19.90 -0.74 -1.88
CA LEU A 82 -20.92 -1.74 -2.14
C LEU A 82 -21.20 -1.86 -3.63
N GLY A 83 -21.64 -3.03 -4.06
CA GLY A 83 -21.95 -3.26 -5.46
C GLY A 83 -22.84 -4.46 -5.68
N ASP A 84 -22.25 -5.58 -6.07
CA ASP A 84 -22.99 -6.81 -6.32
C ASP A 84 -23.53 -7.38 -5.01
N LYS A 85 -24.41 -8.37 -5.13
CA LYS A 85 -25.01 -9.00 -3.96
C LYS A 85 -25.29 -10.48 -4.22
N MET A 86 -25.02 -11.32 -3.24
CA MET A 86 -25.24 -12.76 -3.36
C MET A 86 -26.44 -13.19 -2.53
N ASP A 87 -27.57 -13.40 -3.20
CA ASP A 87 -28.79 -13.82 -2.52
C ASP A 87 -28.53 -15.00 -1.59
N GLY A 1 41.57 -25.65 10.32
CA GLY A 1 40.15 -25.69 10.61
C GLY A 1 39.57 -24.31 10.83
N SER A 2 39.20 -23.64 9.74
CA SER A 2 38.63 -22.30 9.83
C SER A 2 37.10 -22.36 9.98
N SER A 3 36.63 -23.29 10.82
CA SER A 3 35.21 -23.44 11.05
C SER A 3 34.42 -23.19 9.78
N GLY A 4 34.92 -23.69 8.66
CA GLY A 4 34.25 -23.49 7.38
C GLY A 4 33.67 -22.10 7.24
N SER A 5 32.36 -22.02 7.02
CA SER A 5 31.69 -20.74 6.87
C SER A 5 30.18 -20.91 6.93
N SER A 6 29.51 -19.96 7.59
CA SER A 6 28.06 -20.01 7.73
C SER A 6 27.51 -18.65 8.19
N GLY A 7 26.19 -18.55 8.24
CA GLY A 7 25.57 -17.31 8.66
C GLY A 7 25.81 -16.99 10.12
N MET A 8 26.04 -15.72 10.42
CA MET A 8 26.29 -15.30 11.80
C MET A 8 26.30 -13.78 11.90
N ASN A 9 26.38 -13.27 13.13
CA ASN A 9 26.39 -11.83 13.36
C ASN A 9 25.25 -11.14 12.62
N ILE A 10 24.05 -11.69 12.76
CA ILE A 10 22.88 -11.13 12.10
C ILE A 10 22.40 -9.86 12.81
N ARG A 11 22.13 -8.82 12.04
CA ARG A 11 21.67 -7.56 12.60
C ARG A 11 20.15 -7.41 12.42
N MET A 12 19.40 -7.86 13.43
CA MET A 12 17.95 -7.78 13.39
C MET A 12 17.43 -6.79 14.42
N GLY A 13 16.66 -5.81 13.98
CA GLY A 13 16.12 -4.81 14.88
C GLY A 13 14.68 -4.45 14.56
N THR A 14 13.74 -5.12 15.21
CA THR A 14 12.33 -4.87 14.98
C THR A 14 11.72 -4.02 16.09
N LYS A 15 12.51 -3.81 17.14
CA LYS A 15 12.05 -3.00 18.28
C LYS A 15 11.58 -1.62 17.82
N GLY A 16 10.98 -0.88 18.74
CA GLY A 16 10.48 0.45 18.42
C GLY A 16 9.18 0.40 17.63
N LYS A 17 8.25 1.27 18.00
CA LYS A 17 6.96 1.34 17.32
C LYS A 17 6.89 2.52 16.37
N ARG A 18 5.96 2.47 15.42
CA ARG A 18 5.80 3.54 14.46
C ARG A 18 4.64 4.47 14.86
N PRO A 19 4.72 5.74 14.43
CA PRO A 19 3.71 6.74 14.73
C PRO A 19 2.40 6.47 14.00
N LEU A 20 1.36 7.24 14.35
CA LEU A 20 0.05 7.09 13.73
C LEU A 20 0.03 7.75 12.36
N ARG A 21 1.20 8.19 11.90
CA ARG A 21 1.30 8.85 10.60
C ARG A 21 0.45 8.13 9.56
N SER A 22 -0.40 8.88 8.88
CA SER A 22 -1.28 8.31 7.85
C SER A 22 -0.56 7.20 7.09
N LEU A 23 -1.25 6.08 6.89
CA LEU A 23 -0.69 4.95 6.17
C LEU A 23 -0.21 5.36 4.78
N THR A 24 0.93 4.82 4.38
CA THR A 24 1.50 5.12 3.06
C THR A 24 0.88 4.25 1.98
N PRO A 25 0.80 4.81 0.75
CA PRO A 25 0.23 4.09 -0.39
C PRO A 25 1.12 2.94 -0.85
N ARG A 26 2.40 3.01 -0.52
CA ARG A 26 3.35 1.98 -0.90
C ARG A 26 3.16 0.72 -0.05
N ASP A 27 2.88 0.92 1.23
CA ASP A 27 2.67 -0.20 2.15
C ASP A 27 1.73 -1.23 1.55
N LYS A 28 0.59 -0.75 1.05
CA LYS A 28 -0.41 -1.63 0.45
C LYS A 28 0.15 -2.30 -0.80
N ILE A 29 0.81 -1.53 -1.65
CA ILE A 29 1.40 -2.05 -2.87
C ILE A 29 2.34 -3.21 -2.58
N HIS A 30 3.18 -3.04 -1.58
CA HIS A 30 4.13 -4.07 -1.19
C HIS A 30 3.47 -5.45 -1.17
N ALA A 31 2.19 -5.48 -0.81
CA ALA A 31 1.43 -6.72 -0.75
C ALA A 31 1.04 -7.18 -2.14
N ILE A 32 0.57 -6.25 -2.97
CA ILE A 32 0.17 -6.57 -4.33
C ILE A 32 1.03 -7.68 -4.92
N GLN A 33 2.33 -7.61 -4.68
CA GLN A 33 3.27 -8.60 -5.18
C GLN A 33 3.03 -9.96 -4.52
N ARG A 34 2.98 -9.97 -3.19
CA ARG A 34 2.76 -11.20 -2.44
C ARG A 34 1.82 -12.13 -3.19
N ILE A 35 0.70 -11.58 -3.67
CA ILE A 35 -0.28 -12.37 -4.41
C ILE A 35 0.34 -12.98 -5.65
N HIS A 36 0.99 -12.15 -6.45
CA HIS A 36 1.62 -12.62 -7.68
C HIS A 36 2.69 -13.67 -7.38
N ASP A 37 3.41 -13.47 -6.28
CA ASP A 37 4.46 -14.40 -5.88
C ASP A 37 3.92 -15.82 -5.76
N GLY A 38 2.76 -15.96 -5.11
CA GLY A 38 2.16 -17.26 -4.94
C GLY A 38 0.99 -17.24 -3.97
N GLU A 39 1.09 -16.40 -2.94
CA GLU A 39 0.03 -16.30 -1.95
C GLU A 39 -1.29 -15.88 -2.59
N SER A 40 -2.38 -16.14 -1.90
CA SER A 40 -3.71 -15.81 -2.40
C SER A 40 -4.22 -14.52 -1.76
N LYS A 41 -5.15 -13.86 -2.44
CA LYS A 41 -5.73 -12.62 -1.94
C LYS A 41 -6.18 -12.76 -0.50
N ALA A 42 -6.83 -13.88 -0.19
CA ALA A 42 -7.31 -14.14 1.16
C ALA A 42 -6.15 -14.21 2.15
N SER A 43 -5.12 -14.97 1.79
CA SER A 43 -3.95 -15.12 2.66
C SER A 43 -3.32 -13.75 2.94
N VAL A 44 -2.93 -13.05 1.88
CA VAL A 44 -2.32 -11.74 2.02
C VAL A 44 -3.18 -10.81 2.86
N ALA A 45 -4.45 -10.70 2.49
CA ALA A 45 -5.38 -9.84 3.21
C ALA A 45 -5.20 -9.97 4.72
N ARG A 46 -5.34 -11.19 5.22
CA ARG A 46 -5.18 -11.44 6.66
C ARG A 46 -3.74 -11.23 7.09
N ASP A 47 -2.80 -11.62 6.23
CA ASP A 47 -1.39 -11.47 6.53
C ASP A 47 -1.12 -10.17 7.27
N ILE A 48 -1.59 -9.05 6.70
CA ILE A 48 -1.40 -7.74 7.31
C ILE A 48 -2.52 -7.44 8.30
N GLY A 49 -3.70 -7.98 8.03
CA GLY A 49 -4.84 -7.73 8.91
C GLY A 49 -5.91 -6.87 8.26
N VAL A 50 -6.25 -7.20 7.01
CA VAL A 50 -7.26 -6.45 6.29
C VAL A 50 -8.27 -7.38 5.62
N PRO A 51 -9.50 -6.90 5.44
CA PRO A 51 -10.58 -7.67 4.82
C PRO A 51 -10.36 -7.86 3.32
N GLU A 52 -10.31 -9.12 2.90
CA GLU A 52 -10.10 -9.45 1.50
C GLU A 52 -10.76 -8.42 0.59
N SER A 53 -11.96 -7.98 0.99
CA SER A 53 -12.70 -6.99 0.21
C SER A 53 -11.85 -5.75 -0.06
N THR A 54 -11.26 -5.21 1.00
CA THR A 54 -10.41 -4.03 0.88
C THR A 54 -9.16 -4.32 0.06
N LEU A 55 -8.40 -5.33 0.49
CA LEU A 55 -7.18 -5.71 -0.21
C LEU A 55 -7.41 -5.75 -1.73
N ARG A 56 -8.27 -6.67 -2.16
CA ARG A 56 -8.57 -6.82 -3.57
C ARG A 56 -8.70 -5.46 -4.25
N GLY A 57 -9.32 -4.51 -3.55
CA GLY A 57 -9.50 -3.18 -4.10
C GLY A 57 -8.23 -2.63 -4.72
N TRP A 58 -7.14 -2.66 -3.96
CA TRP A 58 -5.86 -2.16 -4.44
C TRP A 58 -5.51 -2.76 -5.80
N CYS A 59 -5.32 -4.07 -5.82
CA CYS A 59 -4.98 -4.78 -7.06
C CYS A 59 -5.72 -4.16 -8.24
N LYS A 60 -6.94 -3.71 -8.00
CA LYS A 60 -7.75 -3.10 -9.05
C LYS A 60 -7.18 -1.75 -9.47
N ASN A 61 -6.97 -0.87 -8.50
CA ASN A 61 -6.43 0.46 -8.76
C ASN A 61 -4.90 0.41 -8.80
N GLU A 62 -4.35 -0.77 -9.01
CA GLU A 62 -2.90 -0.95 -9.07
C GLU A 62 -2.27 0.06 -10.03
N ASP A 63 -2.98 0.35 -11.12
CA ASP A 63 -2.48 1.30 -12.11
C ASP A 63 -1.98 2.57 -11.45
N LYS A 64 -2.85 3.23 -10.70
CA LYS A 64 -2.50 4.46 -10.00
C LYS A 64 -1.56 4.17 -8.84
N LEU A 65 -1.92 3.21 -8.01
CA LEU A 65 -1.11 2.84 -6.85
C LEU A 65 0.38 2.83 -7.21
N ARG A 66 0.70 2.22 -8.36
CA ARG A 66 2.08 2.14 -8.81
C ARG A 66 2.72 3.53 -8.85
N PHE A 67 1.94 4.53 -9.25
CA PHE A 67 2.43 5.90 -9.33
C PHE A 67 2.08 6.67 -8.07
N MET A 68 1.19 6.11 -7.26
CA MET A 68 0.78 6.74 -6.02
C MET A 68 1.97 6.99 -5.11
N SER A 69 2.73 5.94 -4.83
CA SER A 69 3.90 6.04 -3.97
C SER A 69 4.63 7.36 -4.20
N ARG A 70 4.94 7.65 -5.46
CA ARG A 70 5.63 8.88 -5.82
C ARG A 70 4.90 10.10 -5.27
N GLN A 71 3.61 10.18 -5.55
CA GLN A 71 2.79 11.29 -5.08
C GLN A 71 1.32 11.04 -5.35
N SER A 72 0.47 11.40 -4.39
CA SER A 72 -0.96 11.20 -4.51
C SER A 72 -1.71 12.53 -4.41
N ALA A 73 -2.23 12.99 -5.54
CA ALA A 73 -2.96 14.26 -5.58
C ALA A 73 -3.90 14.38 -4.39
N THR A 74 -4.85 13.47 -4.29
CA THR A 74 -5.81 13.48 -3.20
C THR A 74 -6.77 14.65 -3.33
N ASP A 75 -7.18 14.96 -4.55
CA ASP A 75 -8.10 16.06 -4.80
C ASP A 75 -9.48 15.54 -5.18
N ASN A 76 -10.43 15.71 -4.27
CA ASN A 76 -11.80 15.26 -4.50
C ASN A 76 -12.28 15.66 -5.89
N LEU A 77 -12.53 14.66 -6.74
CA LEU A 77 -12.99 14.91 -8.10
C LEU A 77 -13.97 13.83 -8.54
N CYS A 78 -14.79 14.16 -9.55
CA CYS A 78 -15.78 13.22 -10.06
C CYS A 78 -15.52 12.93 -11.54
N ALA A 79 -15.93 11.73 -11.97
CA ALA A 79 -15.74 11.33 -13.36
C ALA A 79 -16.29 12.38 -14.32
N ASP A 80 -15.85 12.33 -15.57
CA ASP A 80 -16.30 13.27 -16.58
C ASP A 80 -16.99 12.54 -17.74
N ALA A 81 -17.58 13.32 -18.63
CA ALA A 81 -18.28 12.75 -19.79
C ALA A 81 -17.32 12.47 -20.94
N LEU A 82 -17.46 11.31 -21.55
CA LEU A 82 -16.60 10.93 -22.66
C LEU A 82 -16.39 12.10 -23.62
N GLY A 83 -15.17 12.20 -24.15
CA GLY A 83 -14.85 13.28 -25.07
C GLY A 83 -15.97 13.52 -26.08
N ASP A 84 -16.18 14.79 -26.42
CA ASP A 84 -17.22 15.16 -27.38
C ASP A 84 -16.73 14.96 -28.81
N LYS A 85 -17.61 15.21 -29.78
CA LYS A 85 -17.27 15.07 -31.18
C LYS A 85 -17.02 13.61 -31.54
N MET A 86 -17.87 12.73 -31.01
CA MET A 86 -17.74 11.30 -31.28
C MET A 86 -18.44 10.92 -32.58
N ASP A 87 -18.29 11.75 -33.59
CA ASP A 87 -18.91 11.50 -34.89
C ASP A 87 -17.87 11.56 -36.01
N GLY A 1 27.41 21.37 -22.61
CA GLY A 1 27.13 20.09 -23.23
C GLY A 1 25.64 19.86 -23.43
N SER A 2 25.02 20.72 -24.24
CA SER A 2 23.59 20.61 -24.51
C SER A 2 22.80 20.41 -23.22
N SER A 3 23.19 21.15 -22.19
CA SER A 3 22.51 21.06 -20.89
C SER A 3 21.27 21.95 -20.84
N GLY A 4 20.11 21.33 -20.74
CA GLY A 4 18.87 22.08 -20.69
C GLY A 4 17.65 21.18 -20.65
N SER A 5 17.27 20.76 -19.45
CA SER A 5 16.11 19.89 -19.28
C SER A 5 15.74 19.76 -17.80
N SER A 6 14.48 20.04 -17.50
CA SER A 6 13.99 19.97 -16.13
C SER A 6 12.47 19.95 -16.09
N GLY A 7 11.91 19.66 -14.92
CA GLY A 7 10.47 19.62 -14.77
C GLY A 7 10.03 18.84 -13.54
N MET A 8 8.73 18.55 -13.45
CA MET A 8 8.19 17.82 -12.32
C MET A 8 8.93 18.17 -11.03
N ASN A 9 9.27 19.45 -10.89
CA ASN A 9 9.98 19.91 -9.70
C ASN A 9 9.10 20.81 -8.84
N ILE A 10 8.63 20.27 -7.72
CA ILE A 10 7.77 21.03 -6.81
C ILE A 10 8.55 21.55 -5.62
N ARG A 11 8.55 22.87 -5.44
CA ARG A 11 9.27 23.50 -4.34
C ARG A 11 8.55 24.77 -3.89
N MET A 12 8.35 24.90 -2.58
CA MET A 12 7.68 26.06 -2.03
C MET A 12 8.44 26.60 -0.81
N GLY A 13 8.72 25.71 0.15
CA GLY A 13 9.44 26.11 1.34
C GLY A 13 9.79 24.93 2.22
N THR A 14 10.73 25.14 3.15
CA THR A 14 11.15 24.08 4.06
C THR A 14 10.15 23.89 5.19
N LYS A 15 9.40 22.80 5.12
CA LYS A 15 8.40 22.50 6.15
C LYS A 15 7.84 21.10 5.96
N GLY A 16 7.54 20.42 7.07
CA GLY A 16 7.00 19.08 7.00
C GLY A 16 5.83 18.88 7.95
N LYS A 17 4.66 19.34 7.55
CA LYS A 17 3.45 19.20 8.37
C LYS A 17 2.48 18.20 7.76
N ARG A 18 1.77 17.49 8.62
CA ARG A 18 0.80 16.49 8.17
C ARG A 18 -0.06 16.00 9.32
N PRO A 19 -1.32 15.65 9.02
CA PRO A 19 -2.27 15.17 10.02
C PRO A 19 -1.91 13.78 10.54
N LEU A 20 -2.61 13.34 11.57
CA LEU A 20 -2.36 12.02 12.16
C LEU A 20 -3.36 10.99 11.65
N ARG A 21 -3.18 9.74 12.03
CA ARG A 21 -4.07 8.66 11.62
C ARG A 21 -4.12 8.56 10.10
N SER A 22 -2.95 8.64 9.47
CA SER A 22 -2.87 8.56 8.01
C SER A 22 -2.07 7.33 7.58
N LEU A 23 -2.15 7.01 6.29
CA LEU A 23 -1.44 5.85 5.75
C LEU A 23 -0.74 6.21 4.44
N THR A 24 0.17 5.35 4.01
CA THR A 24 0.90 5.57 2.77
C THR A 24 0.36 4.70 1.64
N PRO A 25 0.53 5.18 0.40
CA PRO A 25 0.06 4.45 -0.79
C PRO A 25 0.86 3.18 -1.05
N ARG A 26 2.15 3.23 -0.72
CA ARG A 26 3.03 2.09 -0.92
C ARG A 26 2.54 0.87 -0.14
N ASP A 27 2.08 1.11 1.08
CA ASP A 27 1.58 0.03 1.93
C ASP A 27 0.86 -1.02 1.10
N LYS A 28 0.05 -0.57 0.15
CA LYS A 28 -0.70 -1.48 -0.71
C LYS A 28 0.23 -2.23 -1.66
N ILE A 29 0.98 -1.47 -2.46
CA ILE A 29 1.92 -2.07 -3.40
C ILE A 29 2.75 -3.16 -2.74
N HIS A 30 3.15 -2.94 -1.50
CA HIS A 30 3.93 -3.91 -0.75
C HIS A 30 3.34 -5.32 -0.89
N ALA A 31 2.13 -5.50 -0.36
CA ALA A 31 1.46 -6.78 -0.43
C ALA A 31 1.06 -7.12 -1.87
N ILE A 32 0.49 -6.14 -2.56
CA ILE A 32 0.06 -6.33 -3.94
C ILE A 32 0.99 -7.29 -4.68
N GLN A 33 2.30 -7.14 -4.44
CA GLN A 33 3.28 -7.99 -5.09
C GLN A 33 3.08 -9.45 -4.70
N ARG A 34 3.10 -9.72 -3.39
CA ARG A 34 2.91 -11.08 -2.90
C ARG A 34 1.92 -11.85 -3.77
N ILE A 35 0.71 -11.33 -3.89
CA ILE A 35 -0.32 -11.97 -4.69
C ILE A 35 0.23 -12.44 -6.03
N HIS A 36 0.86 -11.51 -6.76
CA HIS A 36 1.44 -11.82 -8.05
C HIS A 36 2.42 -13.00 -7.95
N ASP A 37 3.25 -12.98 -6.92
CA ASP A 37 4.23 -14.03 -6.70
C ASP A 37 3.55 -15.40 -6.64
N GLY A 38 2.47 -15.48 -5.87
CA GLY A 38 1.76 -16.74 -5.74
C GLY A 38 0.76 -16.72 -4.59
N GLU A 39 1.15 -16.08 -3.48
CA GLU A 39 0.30 -16.01 -2.31
C GLU A 39 -1.17 -15.81 -2.71
N SER A 40 -2.08 -16.26 -1.85
CA SER A 40 -3.50 -16.14 -2.12
C SER A 40 -4.07 -14.87 -1.51
N LYS A 41 -4.79 -14.09 -2.31
CA LYS A 41 -5.38 -12.85 -1.85
C LYS A 41 -5.85 -12.98 -0.40
N ALA A 42 -6.69 -13.97 -0.14
CA ALA A 42 -7.21 -14.20 1.20
C ALA A 42 -6.07 -14.27 2.22
N SER A 43 -5.03 -15.02 1.88
CA SER A 43 -3.88 -15.17 2.76
C SER A 43 -3.25 -13.83 3.08
N VAL A 44 -2.83 -13.12 2.02
CA VAL A 44 -2.20 -11.81 2.18
C VAL A 44 -3.12 -10.85 2.93
N ALA A 45 -4.42 -10.97 2.68
CA ALA A 45 -5.40 -10.10 3.33
C ALA A 45 -5.27 -10.18 4.84
N ARG A 46 -5.32 -11.40 5.38
CA ARG A 46 -5.22 -11.60 6.82
C ARG A 46 -3.78 -11.36 7.29
N ASP A 47 -2.82 -11.74 6.48
CA ASP A 47 -1.41 -11.57 6.81
C ASP A 47 -1.18 -10.22 7.48
N ILE A 48 -1.66 -9.16 6.84
CA ILE A 48 -1.50 -7.81 7.36
C ILE A 48 -2.60 -7.48 8.37
N GLY A 49 -3.78 -8.07 8.17
CA GLY A 49 -4.89 -7.83 9.07
C GLY A 49 -5.99 -7.01 8.42
N VAL A 50 -6.45 -7.45 7.26
CA VAL A 50 -7.51 -6.76 6.53
C VAL A 50 -8.42 -7.75 5.81
N PRO A 51 -9.70 -7.37 5.66
CA PRO A 51 -10.70 -8.21 4.98
C PRO A 51 -10.44 -8.30 3.48
N GLU A 52 -10.37 -9.53 2.98
CA GLU A 52 -10.13 -9.76 1.56
C GLU A 52 -10.82 -8.70 0.72
N SER A 53 -12.09 -8.44 1.02
CA SER A 53 -12.86 -7.44 0.29
C SER A 53 -12.05 -6.18 0.05
N THR A 54 -11.41 -5.68 1.11
CA THR A 54 -10.60 -4.48 1.02
C THR A 54 -9.34 -4.73 0.20
N LEU A 55 -8.65 -5.83 0.49
CA LEU A 55 -7.44 -6.18 -0.22
C LEU A 55 -7.61 -6.00 -1.73
N ARG A 56 -8.56 -6.72 -2.31
CA ARG A 56 -8.84 -6.63 -3.73
C ARG A 56 -8.95 -5.17 -4.18
N GLY A 57 -9.65 -4.37 -3.37
CA GLY A 57 -9.82 -2.97 -3.71
C GLY A 57 -8.55 -2.33 -4.22
N TRP A 58 -7.46 -2.49 -3.48
CA TRP A 58 -6.18 -1.94 -3.87
C TRP A 58 -5.76 -2.43 -5.26
N CYS A 59 -5.59 -3.73 -5.39
CA CYS A 59 -5.19 -4.33 -6.65
C CYS A 59 -5.96 -3.71 -7.81
N LYS A 60 -7.24 -3.44 -7.58
CA LYS A 60 -8.10 -2.85 -8.60
C LYS A 60 -7.44 -1.61 -9.20
N ASN A 61 -7.05 -0.68 -8.34
CA ASN A 61 -6.41 0.55 -8.79
C ASN A 61 -4.90 0.50 -8.56
N GLU A 62 -4.33 -0.68 -8.74
CA GLU A 62 -2.89 -0.87 -8.55
C GLU A 62 -2.10 -0.05 -9.56
N ASP A 63 -2.53 -0.09 -10.82
CA ASP A 63 -1.86 0.65 -11.89
C ASP A 63 -1.31 1.96 -11.37
N LYS A 64 -2.19 2.81 -10.86
CA LYS A 64 -1.79 4.11 -10.33
C LYS A 64 -0.95 3.95 -9.07
N LEU A 65 -1.46 3.17 -8.13
CA LEU A 65 -0.74 2.93 -6.87
C LEU A 65 0.75 2.74 -7.12
N ARG A 66 1.08 1.87 -8.07
CA ARG A 66 2.47 1.59 -8.40
C ARG A 66 3.24 2.89 -8.63
N PHE A 67 2.58 3.86 -9.23
CA PHE A 67 3.20 5.15 -9.51
C PHE A 67 2.89 6.16 -8.41
N MET A 68 1.87 5.85 -7.61
CA MET A 68 1.45 6.73 -6.52
C MET A 68 2.63 7.00 -5.58
N SER A 69 3.23 5.93 -5.07
CA SER A 69 4.35 6.06 -4.15
C SER A 69 5.32 7.13 -4.62
N ARG A 70 5.69 7.08 -5.90
CA ARG A 70 6.61 8.04 -6.48
C ARG A 70 6.21 9.47 -6.09
N GLN A 71 4.92 9.78 -6.22
CA GLN A 71 4.42 11.09 -5.88
C GLN A 71 4.57 11.39 -4.39
N SER A 72 5.49 12.28 -4.06
CA SER A 72 5.74 12.64 -2.67
C SER A 72 4.46 13.12 -1.99
N ALA A 73 3.92 14.22 -2.48
CA ALA A 73 2.70 14.79 -1.94
C ALA A 73 1.46 14.14 -2.55
N THR A 74 0.98 13.06 -1.92
CA THR A 74 -0.19 12.34 -2.42
C THR A 74 -1.46 13.12 -2.13
N ASP A 75 -1.60 13.60 -0.89
CA ASP A 75 -2.77 14.36 -0.49
C ASP A 75 -2.69 15.80 -0.99
N ASN A 76 -1.55 16.44 -0.75
CA ASN A 76 -1.35 17.82 -1.18
C ASN A 76 -2.52 18.70 -0.76
N LEU A 77 -2.99 18.50 0.46
CA LEU A 77 -4.10 19.28 0.99
C LEU A 77 -5.29 19.25 0.02
N CYS A 78 -5.55 18.08 -0.54
CA CYS A 78 -6.66 17.91 -1.48
C CYS A 78 -8.00 18.10 -0.78
N ALA A 79 -9.07 18.13 -1.56
CA ALA A 79 -10.41 18.30 -1.02
C ALA A 79 -11.17 16.98 -1.02
N ASP A 80 -12.36 16.98 -0.39
CA ASP A 80 -13.18 15.78 -0.32
C ASP A 80 -13.57 15.31 -1.71
N ALA A 81 -14.19 14.12 -1.78
CA ALA A 81 -14.61 13.56 -3.06
C ALA A 81 -15.97 14.09 -3.47
N LEU A 82 -15.98 15.24 -4.13
CA LEU A 82 -17.21 15.87 -4.59
C LEU A 82 -17.74 15.18 -5.85
N GLY A 83 -17.74 13.85 -5.83
CA GLY A 83 -18.22 13.10 -6.98
C GLY A 83 -17.12 12.28 -7.63
N ASP A 84 -17.52 11.18 -8.27
CA ASP A 84 -16.56 10.31 -8.95
C ASP A 84 -17.02 9.97 -10.35
N LYS A 85 -16.17 10.24 -11.33
CA LYS A 85 -16.49 9.96 -12.73
C LYS A 85 -15.74 8.74 -13.24
N MET A 86 -16.48 7.74 -13.71
CA MET A 86 -15.87 6.52 -14.23
C MET A 86 -15.47 6.68 -15.69
N ASP A 87 -16.34 7.29 -16.48
CA ASP A 87 -16.07 7.52 -17.89
C ASP A 87 -15.68 8.97 -18.14
N GLY A 1 42.87 -29.07 -15.65
CA GLY A 1 42.41 -27.74 -15.30
C GLY A 1 41.94 -27.65 -13.86
N SER A 2 41.14 -26.63 -13.57
CA SER A 2 40.62 -26.43 -12.22
C SER A 2 39.31 -25.64 -12.25
N SER A 3 38.62 -25.61 -11.11
CA SER A 3 37.35 -24.89 -11.02
C SER A 3 37.05 -24.53 -9.56
N GLY A 4 36.31 -23.43 -9.38
CA GLY A 4 35.96 -23.01 -8.04
C GLY A 4 35.78 -21.50 -7.95
N SER A 5 34.71 -20.99 -8.55
CA SER A 5 34.43 -19.56 -8.54
C SER A 5 33.19 -19.27 -7.72
N SER A 6 32.09 -19.96 -8.02
CA SER A 6 30.83 -19.77 -7.31
C SER A 6 31.07 -19.61 -5.81
N GLY A 7 30.14 -18.94 -5.14
CA GLY A 7 30.27 -18.73 -3.71
C GLY A 7 29.91 -17.31 -3.30
N MET A 8 28.63 -17.09 -3.02
CA MET A 8 28.15 -15.77 -2.61
C MET A 8 27.28 -15.87 -1.37
N ASN A 9 26.89 -14.71 -0.83
CA ASN A 9 26.06 -14.66 0.35
C ASN A 9 25.17 -13.42 0.36
N ILE A 10 24.16 -13.41 1.22
CA ILE A 10 23.25 -12.28 1.32
C ILE A 10 23.11 -11.81 2.76
N ARG A 11 23.03 -10.50 2.95
CA ARG A 11 22.90 -9.92 4.28
C ARG A 11 21.56 -9.21 4.44
N MET A 12 20.99 -9.28 5.63
CA MET A 12 19.71 -8.65 5.91
C MET A 12 19.90 -7.38 6.74
N GLY A 13 19.03 -6.39 6.50
CA GLY A 13 19.13 -5.14 7.22
C GLY A 13 18.25 -5.12 8.46
N THR A 14 18.48 -4.15 9.34
CA THR A 14 17.71 -4.02 10.56
C THR A 14 17.22 -2.60 10.76
N LYS A 15 15.93 -2.38 10.52
CA LYS A 15 15.34 -1.06 10.67
C LYS A 15 13.82 -1.12 10.50
N GLY A 16 13.12 -0.33 11.30
CA GLY A 16 11.67 -0.31 11.23
C GLY A 16 11.08 0.98 11.77
N LYS A 17 10.00 1.45 11.13
CA LYS A 17 9.34 2.68 11.55
C LYS A 17 7.95 2.38 12.11
N ARG A 18 7.27 3.44 12.57
CA ARG A 18 5.94 3.29 13.13
C ARG A 18 4.88 3.85 12.18
N PRO A 19 3.67 3.29 12.24
CA PRO A 19 2.55 3.73 11.40
C PRO A 19 2.04 5.11 11.77
N LEU A 20 1.64 5.89 10.76
CA LEU A 20 1.13 7.23 10.97
C LEU A 20 -0.34 7.33 10.59
N ARG A 21 -0.98 8.44 10.96
CA ARG A 21 -2.38 8.65 10.66
C ARG A 21 -2.63 8.51 9.16
N SER A 22 -1.99 9.37 8.37
CA SER A 22 -2.14 9.36 6.93
C SER A 22 -1.32 8.23 6.30
N LEU A 23 -1.99 7.13 5.99
CA LEU A 23 -1.33 5.98 5.38
C LEU A 23 -0.63 6.37 4.08
N THR A 24 0.26 5.51 3.60
CA THR A 24 0.99 5.76 2.36
C THR A 24 0.49 4.87 1.24
N PRO A 25 0.62 5.35 0.00
CA PRO A 25 0.19 4.61 -1.19
C PRO A 25 1.06 3.39 -1.46
N ARG A 26 2.31 3.45 -1.00
CA ARG A 26 3.25 2.35 -1.19
C ARG A 26 2.92 1.19 -0.27
N ASP A 27 2.56 1.50 0.97
CA ASP A 27 2.22 0.48 1.95
C ASP A 27 1.34 -0.61 1.33
N LYS A 28 0.44 -0.19 0.44
CA LYS A 28 -0.47 -1.12 -0.23
C LYS A 28 0.30 -2.00 -1.21
N ILE A 29 1.24 -1.40 -1.93
CA ILE A 29 2.04 -2.13 -2.91
C ILE A 29 2.74 -3.33 -2.26
N HIS A 30 3.31 -3.11 -1.09
CA HIS A 30 4.00 -4.17 -0.36
C HIS A 30 3.28 -5.50 -0.53
N ALA A 31 2.02 -5.55 -0.10
CA ALA A 31 1.22 -6.77 -0.20
C ALA A 31 0.89 -7.07 -1.66
N ILE A 32 0.43 -6.06 -2.38
CA ILE A 32 0.08 -6.22 -3.79
C ILE A 32 0.97 -7.26 -4.46
N GLN A 33 2.27 -7.13 -4.25
CA GLN A 33 3.24 -8.06 -4.84
C GLN A 33 3.00 -9.48 -4.35
N ARG A 34 2.86 -9.63 -3.04
CA ARG A 34 2.62 -10.94 -2.44
C ARG A 34 1.65 -11.76 -3.28
N ILE A 35 0.59 -11.11 -3.73
CA ILE A 35 -0.42 -11.79 -4.55
C ILE A 35 0.18 -12.27 -5.86
N HIS A 36 1.08 -11.48 -6.42
CA HIS A 36 1.73 -11.82 -7.68
C HIS A 36 2.73 -12.96 -7.49
N ASP A 37 3.48 -12.91 -6.40
CA ASP A 37 4.46 -13.94 -6.09
C ASP A 37 3.85 -15.33 -6.23
N GLY A 38 2.62 -15.48 -5.75
CA GLY A 38 1.95 -16.76 -5.83
C GLY A 38 0.86 -16.91 -4.78
N GLU A 39 0.97 -16.15 -3.70
CA GLU A 39 -0.01 -16.19 -2.61
C GLU A 39 -1.39 -15.78 -3.12
N SER A 40 -2.43 -16.29 -2.46
CA SER A 40 -3.80 -15.97 -2.84
C SER A 40 -4.25 -14.66 -2.22
N LYS A 41 -5.28 -14.06 -2.80
CA LYS A 41 -5.81 -12.79 -2.30
C LYS A 41 -6.05 -12.86 -0.80
N ALA A 42 -6.67 -13.94 -0.34
CA ALA A 42 -6.95 -14.13 1.08
C ALA A 42 -5.66 -14.19 1.89
N SER A 43 -4.81 -15.15 1.56
CA SER A 43 -3.54 -15.33 2.25
C SER A 43 -2.93 -13.97 2.60
N VAL A 44 -2.76 -13.13 1.59
CA VAL A 44 -2.18 -11.81 1.78
C VAL A 44 -3.11 -10.91 2.59
N ALA A 45 -4.38 -10.88 2.21
CA ALA A 45 -5.38 -10.07 2.89
C ALA A 45 -5.23 -10.20 4.41
N ARG A 46 -5.10 -11.42 4.89
CA ARG A 46 -4.95 -11.68 6.31
C ARG A 46 -3.51 -11.43 6.76
N ASP A 47 -2.56 -11.80 5.93
CA ASP A 47 -1.15 -11.62 6.25
C ASP A 47 -0.91 -10.26 6.88
N ILE A 48 -1.55 -9.23 6.33
CA ILE A 48 -1.41 -7.87 6.85
C ILE A 48 -2.45 -7.58 7.92
N GLY A 49 -3.62 -8.20 7.79
CA GLY A 49 -4.69 -8.00 8.76
C GLY A 49 -5.84 -7.19 8.19
N VAL A 50 -6.38 -7.65 7.07
CA VAL A 50 -7.50 -6.96 6.43
C VAL A 50 -8.41 -7.95 5.70
N PRO A 51 -9.70 -7.60 5.59
CA PRO A 51 -10.69 -8.44 4.92
C PRO A 51 -10.49 -8.50 3.42
N GLU A 52 -10.43 -9.71 2.88
CA GLU A 52 -10.23 -9.90 1.45
C GLU A 52 -10.96 -8.82 0.65
N SER A 53 -12.23 -8.61 0.97
CA SER A 53 -13.03 -7.62 0.28
C SER A 53 -12.24 -6.31 0.09
N THR A 54 -11.69 -5.80 1.18
CA THR A 54 -10.91 -4.58 1.13
C THR A 54 -9.67 -4.74 0.26
N LEU A 55 -8.89 -5.77 0.56
CA LEU A 55 -7.67 -6.05 -0.21
C LEU A 55 -7.88 -5.78 -1.69
N ARG A 56 -8.88 -6.43 -2.27
CA ARG A 56 -9.19 -6.25 -3.68
C ARG A 56 -9.19 -4.78 -4.06
N GLY A 57 -9.78 -3.96 -3.20
CA GLY A 57 -9.85 -2.53 -3.46
C GLY A 57 -8.58 -1.99 -4.07
N TRP A 58 -7.46 -2.18 -3.37
CA TRP A 58 -6.17 -1.71 -3.84
C TRP A 58 -5.81 -2.34 -5.18
N CYS A 59 -5.75 -3.68 -5.20
CA CYS A 59 -5.43 -4.41 -6.43
C CYS A 59 -6.15 -3.81 -7.62
N LYS A 60 -7.41 -3.45 -7.43
CA LYS A 60 -8.22 -2.88 -8.50
C LYS A 60 -7.54 -1.64 -9.09
N ASN A 61 -7.10 -0.75 -8.22
CA ASN A 61 -6.42 0.47 -8.65
C ASN A 61 -4.91 0.34 -8.50
N GLU A 62 -4.41 -0.89 -8.60
CA GLU A 62 -2.98 -1.15 -8.49
C GLU A 62 -2.20 -0.36 -9.52
N ASP A 63 -2.69 -0.35 -10.75
CA ASP A 63 -2.04 0.37 -11.84
C ASP A 63 -1.46 1.70 -11.34
N LYS A 64 -2.32 2.56 -10.81
CA LYS A 64 -1.90 3.85 -10.30
C LYS A 64 -1.03 3.69 -9.05
N LEU A 65 -1.51 2.90 -8.10
CA LEU A 65 -0.77 2.65 -6.86
C LEU A 65 0.72 2.46 -7.14
N ARG A 66 1.02 1.62 -8.13
CA ARG A 66 2.40 1.34 -8.51
C ARG A 66 3.17 2.64 -8.73
N PHE A 67 2.50 3.62 -9.33
CA PHE A 67 3.13 4.92 -9.61
C PHE A 67 2.82 5.91 -8.49
N MET A 68 1.86 5.57 -7.65
CA MET A 68 1.47 6.44 -6.54
C MET A 68 2.65 6.70 -5.61
N SER A 69 3.38 5.64 -5.27
CA SER A 69 4.53 5.76 -4.38
C SER A 69 5.43 6.91 -4.82
N ARG A 70 5.44 7.18 -6.11
CA ARG A 70 6.27 8.26 -6.66
C ARG A 70 5.88 9.60 -6.06
N GLN A 71 4.59 9.92 -6.10
CA GLN A 71 4.09 11.18 -5.55
C GLN A 71 4.07 11.14 -4.02
N SER A 72 5.20 11.50 -3.42
CA SER A 72 5.33 11.50 -1.97
C SER A 72 4.24 12.37 -1.34
N ALA A 73 4.16 13.63 -1.77
CA ALA A 73 3.17 14.56 -1.26
C ALA A 73 1.79 13.91 -1.20
N THR A 74 0.91 14.49 -0.39
CA THR A 74 -0.45 13.97 -0.24
C THR A 74 -1.25 14.17 -1.52
N ASP A 75 -2.00 13.15 -1.91
CA ASP A 75 -2.82 13.22 -3.12
C ASP A 75 -3.99 12.24 -3.03
N ASN A 76 -4.85 12.27 -4.05
CA ASN A 76 -6.01 11.39 -4.09
C ASN A 76 -6.39 11.05 -5.53
N LEU A 77 -6.92 9.85 -5.73
CA LEU A 77 -7.33 9.41 -7.06
C LEU A 77 -8.14 10.49 -7.77
N CYS A 78 -8.46 10.24 -9.04
CA CYS A 78 -9.22 11.20 -9.83
C CYS A 78 -9.91 10.49 -11.00
N ALA A 79 -10.80 11.22 -11.67
CA ALA A 79 -11.53 10.66 -12.81
C ALA A 79 -11.37 11.56 -14.04
N ASP A 80 -11.30 10.93 -15.21
CA ASP A 80 -11.15 11.66 -16.46
C ASP A 80 -11.21 10.72 -17.66
N ALA A 81 -11.96 11.11 -18.68
CA ALA A 81 -12.11 10.30 -19.88
C ALA A 81 -12.87 11.06 -20.96
N LEU A 82 -12.31 11.06 -22.17
CA LEU A 82 -12.93 11.75 -23.30
C LEU A 82 -12.67 11.00 -24.60
N GLY A 83 -13.32 11.45 -25.68
CA GLY A 83 -13.14 10.81 -26.97
C GLY A 83 -12.41 11.69 -27.96
N ASP A 84 -11.60 11.08 -28.81
CA ASP A 84 -10.84 11.82 -29.81
C ASP A 84 -10.67 10.99 -31.09
N LYS A 85 -10.11 11.61 -32.11
CA LYS A 85 -9.88 10.94 -33.39
C LYS A 85 -9.05 11.81 -34.33
N MET A 86 -8.69 11.25 -35.47
CA MET A 86 -7.89 11.97 -36.46
C MET A 86 -8.47 11.80 -37.86
N ASP A 87 -9.11 12.84 -38.36
CA ASP A 87 -9.72 12.81 -39.70
C ASP A 87 -8.64 12.67 -40.77
N GLY A 1 -31.25 -18.74 13.20
CA GLY A 1 -30.38 -17.81 13.89
C GLY A 1 -30.73 -16.36 13.60
N SER A 2 -29.88 -15.45 14.07
CA SER A 2 -30.11 -14.03 13.85
C SER A 2 -28.80 -13.24 14.00
N SER A 3 -28.74 -12.08 13.35
CA SER A 3 -27.55 -11.25 13.41
C SER A 3 -27.92 -9.77 13.21
N GLY A 4 -27.09 -8.88 13.75
CA GLY A 4 -27.34 -7.47 13.62
C GLY A 4 -26.09 -6.63 13.84
N SER A 5 -26.13 -5.37 13.42
CA SER A 5 -25.00 -4.47 13.56
C SER A 5 -25.46 -3.08 13.98
N SER A 6 -24.49 -2.20 14.24
CA SER A 6 -24.79 -0.84 14.67
C SER A 6 -24.95 0.08 13.46
N GLY A 7 -25.77 -0.34 12.51
CA GLY A 7 -25.99 0.46 11.31
C GLY A 7 -24.69 0.84 10.62
N MET A 8 -24.79 1.69 9.60
CA MET A 8 -23.62 2.13 8.87
C MET A 8 -23.56 3.66 8.80
N ASN A 9 -23.76 4.31 9.94
CA ASN A 9 -23.73 5.77 10.01
C ASN A 9 -22.48 6.25 10.74
N ILE A 10 -21.62 6.95 10.02
CA ILE A 10 -20.39 7.47 10.59
C ILE A 10 -20.37 9.00 10.56
N ARG A 11 -19.29 9.58 11.06
CA ARG A 11 -19.14 11.04 11.09
C ARG A 11 -17.86 11.46 10.36
N MET A 12 -18.02 12.15 9.24
CA MET A 12 -16.89 12.61 8.45
C MET A 12 -17.15 14.01 7.89
N GLY A 13 -16.10 14.82 7.81
CA GLY A 13 -16.24 16.16 7.28
C GLY A 13 -14.91 16.77 6.90
N THR A 14 -14.97 17.93 6.24
CA THR A 14 -13.75 18.62 5.80
C THR A 14 -13.49 19.85 6.66
N LYS A 15 -13.71 19.72 7.96
CA LYS A 15 -13.50 20.84 8.88
C LYS A 15 -12.66 20.39 10.07
N GLY A 16 -11.40 20.84 10.11
CA GLY A 16 -10.52 20.48 11.21
C GLY A 16 -9.19 19.92 10.71
N LYS A 17 -9.24 19.10 9.67
CA LYS A 17 -8.03 18.50 9.11
C LYS A 17 -7.29 17.69 10.17
N ARG A 18 -8.04 16.98 11.00
CA ARG A 18 -7.46 16.16 12.05
C ARG A 18 -6.93 14.84 11.49
N PRO A 19 -5.96 14.23 12.19
CA PRO A 19 -5.36 12.97 11.79
C PRO A 19 -6.32 11.80 11.91
N LEU A 20 -6.77 11.27 10.76
CA LEU A 20 -7.69 10.15 10.75
C LEU A 20 -6.94 8.82 10.68
N ARG A 21 -5.62 8.89 10.82
CA ARG A 21 -4.79 7.69 10.77
C ARG A 21 -4.96 6.97 9.44
N SER A 22 -5.04 7.73 8.36
CA SER A 22 -5.21 7.17 7.02
C SER A 22 -4.01 6.30 6.66
N LEU A 23 -4.18 5.46 5.63
CA LEU A 23 -3.12 4.57 5.19
C LEU A 23 -2.42 5.14 3.95
N THR A 24 -1.27 4.57 3.61
CA THR A 24 -0.51 5.01 2.44
C THR A 24 -0.61 4.00 1.30
N PRO A 25 -0.49 4.51 0.06
CA PRO A 25 -0.55 3.67 -1.13
C PRO A 25 0.67 2.76 -1.27
N ARG A 26 1.85 3.35 -1.18
CA ARG A 26 3.09 2.59 -1.29
C ARG A 26 3.06 1.35 -0.40
N ASP A 27 2.25 1.40 0.64
CA ASP A 27 2.12 0.29 1.57
C ASP A 27 1.35 -0.87 0.93
N LYS A 28 0.18 -0.55 0.39
CA LYS A 28 -0.67 -1.56 -0.25
C LYS A 28 0.08 -2.25 -1.39
N ILE A 29 0.91 -1.48 -2.09
CA ILE A 29 1.69 -2.03 -3.20
C ILE A 29 2.59 -3.16 -2.73
N HIS A 30 3.21 -2.98 -1.57
CA HIS A 30 4.10 -3.99 -1.01
C HIS A 30 3.45 -5.38 -1.05
N ALA A 31 2.20 -5.45 -0.60
CA ALA A 31 1.47 -6.71 -0.59
C ALA A 31 1.05 -7.12 -2.00
N ILE A 32 0.54 -6.15 -2.76
CA ILE A 32 0.11 -6.40 -4.13
C ILE A 32 0.98 -7.46 -4.80
N GLN A 33 2.29 -7.39 -4.56
CA GLN A 33 3.23 -8.34 -5.14
C GLN A 33 3.07 -9.71 -4.50
N ARG A 34 3.09 -9.75 -3.17
CA ARG A 34 2.94 -11.00 -2.43
C ARG A 34 2.00 -11.96 -3.16
N ILE A 35 0.95 -11.40 -3.75
CA ILE A 35 -0.03 -12.20 -4.48
C ILE A 35 0.56 -12.75 -5.77
N HIS A 36 1.12 -11.85 -6.58
CA HIS A 36 1.72 -12.24 -7.85
C HIS A 36 2.64 -13.45 -7.67
N ASP A 37 3.41 -13.43 -6.58
CA ASP A 37 4.33 -14.53 -6.30
C ASP A 37 3.59 -15.86 -6.22
N GLY A 38 2.45 -15.86 -5.53
CA GLY A 38 1.67 -17.08 -5.39
C GLY A 38 0.65 -16.99 -4.28
N GLU A 39 1.02 -16.32 -3.18
CA GLU A 39 0.13 -16.17 -2.05
C GLU A 39 -1.27 -15.76 -2.51
N SER A 40 -2.28 -16.43 -1.96
CA SER A 40 -3.67 -16.14 -2.32
C SER A 40 -4.14 -14.85 -1.66
N LYS A 41 -5.00 -14.11 -2.35
CA LYS A 41 -5.53 -12.86 -1.84
C LYS A 41 -5.98 -13.01 -0.39
N ALA A 42 -6.70 -14.09 -0.11
CA ALA A 42 -7.20 -14.35 1.23
C ALA A 42 -6.05 -14.48 2.22
N SER A 43 -4.98 -15.15 1.80
CA SER A 43 -3.81 -15.35 2.64
C SER A 43 -3.18 -14.01 3.03
N VAL A 44 -2.91 -13.19 2.02
CA VAL A 44 -2.31 -11.88 2.25
C VAL A 44 -3.25 -10.97 3.02
N ALA A 45 -4.52 -10.99 2.64
CA ALA A 45 -5.52 -10.15 3.30
C ALA A 45 -5.46 -10.32 4.81
N ARG A 46 -5.72 -11.53 5.28
CA ARG A 46 -5.69 -11.82 6.72
C ARG A 46 -4.27 -11.75 7.25
N ASP A 47 -3.31 -12.22 6.46
CA ASP A 47 -1.91 -12.20 6.86
C ASP A 47 -1.56 -10.92 7.61
N ILE A 48 -1.85 -9.79 6.97
CA ILE A 48 -1.56 -8.49 7.58
C ILE A 48 -2.67 -8.09 8.55
N GLY A 49 -3.89 -8.52 8.25
CA GLY A 49 -5.02 -8.18 9.10
C GLY A 49 -6.02 -7.28 8.41
N VAL A 50 -6.44 -7.66 7.22
CA VAL A 50 -7.40 -6.87 6.45
C VAL A 50 -8.40 -7.77 5.73
N PRO A 51 -9.63 -7.27 5.56
CA PRO A 51 -10.70 -8.01 4.87
C PRO A 51 -10.44 -8.17 3.38
N GLU A 52 -10.54 -9.40 2.89
CA GLU A 52 -10.31 -9.67 1.47
C GLU A 52 -10.84 -8.53 0.61
N SER A 53 -12.02 -8.02 0.97
CA SER A 53 -12.63 -6.92 0.23
C SER A 53 -11.66 -5.76 0.06
N THR A 54 -11.22 -5.19 1.17
CA THR A 54 -10.29 -4.07 1.15
C THR A 54 -9.05 -4.40 0.33
N LEU A 55 -8.47 -5.57 0.61
CA LEU A 55 -7.27 -6.02 -0.10
C LEU A 55 -7.39 -5.74 -1.60
N ARG A 56 -8.43 -6.31 -2.22
CA ARG A 56 -8.66 -6.14 -3.64
C ARG A 56 -8.69 -4.65 -4.01
N GLY A 57 -9.17 -3.82 -3.08
CA GLY A 57 -9.23 -2.40 -3.32
C GLY A 57 -7.92 -1.83 -3.83
N TRP A 58 -6.83 -2.50 -3.51
CA TRP A 58 -5.50 -2.06 -3.93
C TRP A 58 -5.14 -2.64 -5.29
N CYS A 59 -5.22 -3.96 -5.40
CA CYS A 59 -4.91 -4.64 -6.65
C CYS A 59 -5.83 -4.18 -7.77
N LYS A 60 -6.92 -3.51 -7.40
CA LYS A 60 -7.88 -3.01 -8.38
C LYS A 60 -7.31 -1.82 -9.15
N ASN A 61 -6.80 -0.84 -8.42
CA ASN A 61 -6.22 0.35 -9.03
C ASN A 61 -4.70 0.30 -8.97
N GLU A 62 -4.15 -0.90 -9.04
CA GLU A 62 -2.70 -1.08 -9.00
C GLU A 62 -2.00 -0.05 -9.88
N ASP A 63 -2.49 0.09 -11.11
CA ASP A 63 -1.90 1.04 -12.06
C ASP A 63 -1.52 2.34 -11.36
N LYS A 64 -2.52 3.09 -10.91
CA LYS A 64 -2.30 4.34 -10.23
C LYS A 64 -1.34 4.16 -9.05
N LEU A 65 -1.68 3.24 -8.16
CA LEU A 65 -0.85 2.97 -6.99
C LEU A 65 0.63 2.97 -7.37
N ARG A 66 0.97 2.23 -8.41
CA ARG A 66 2.35 2.14 -8.87
C ARG A 66 2.97 3.52 -9.02
N PHE A 67 2.15 4.48 -9.47
CA PHE A 67 2.62 5.85 -9.66
C PHE A 67 2.30 6.70 -8.44
N MET A 68 1.42 6.19 -7.58
CA MET A 68 1.02 6.91 -6.38
C MET A 68 2.23 7.19 -5.48
N SER A 69 2.99 6.14 -5.20
CA SER A 69 4.17 6.28 -4.35
C SER A 69 5.13 7.33 -4.90
N ARG A 70 5.28 7.35 -6.22
CA ARG A 70 6.17 8.30 -6.87
C ARG A 70 5.94 9.71 -6.31
N GLN A 71 4.68 10.07 -6.13
CA GLN A 71 4.33 11.39 -5.60
C GLN A 71 5.24 11.77 -4.44
N SER A 72 5.31 13.06 -4.14
CA SER A 72 6.15 13.55 -3.05
C SER A 72 6.13 12.59 -1.88
N ALA A 73 7.32 12.17 -1.44
CA ALA A 73 7.44 11.25 -0.32
C ALA A 73 7.66 12.00 0.98
N THR A 74 8.75 12.76 1.06
CA THR A 74 9.07 13.52 2.25
C THR A 74 7.80 14.03 2.94
N ASP A 75 7.60 13.61 4.19
CA ASP A 75 6.44 14.02 4.95
C ASP A 75 6.19 15.52 4.82
N ASN A 76 4.96 15.89 4.50
CA ASN A 76 4.59 17.28 4.34
C ASN A 76 3.34 17.62 5.14
N LEU A 77 3.18 18.89 5.47
CA LEU A 77 2.02 19.34 6.24
C LEU A 77 0.77 19.39 5.37
N CYS A 78 0.95 19.75 4.09
CA CYS A 78 -0.16 19.84 3.16
C CYS A 78 -0.77 18.47 2.93
N ALA A 79 -2.10 18.45 2.78
CA ALA A 79 -2.81 17.19 2.55
C ALA A 79 -4.20 17.46 1.96
N ASP A 80 -4.46 16.87 0.79
CA ASP A 80 -5.75 17.04 0.13
C ASP A 80 -6.82 16.19 0.79
N ALA A 81 -8.07 16.64 0.70
CA ALA A 81 -9.19 15.91 1.30
C ALA A 81 -10.50 16.24 0.57
N LEU A 82 -11.11 15.21 -0.01
CA LEU A 82 -12.37 15.39 -0.73
C LEU A 82 -13.51 15.69 0.24
N GLY A 83 -13.96 14.66 0.95
CA GLY A 83 -15.05 14.83 1.90
C GLY A 83 -16.38 15.09 1.23
N ASP A 84 -17.42 14.43 1.71
CA ASP A 84 -18.76 14.59 1.14
C ASP A 84 -19.47 15.80 1.74
N LYS A 85 -20.16 16.56 0.90
CA LYS A 85 -20.88 17.74 1.34
C LYS A 85 -22.33 17.72 0.84
N MET A 86 -23.18 18.50 1.49
CA MET A 86 -24.58 18.58 1.11
C MET A 86 -24.77 19.51 -0.09
N ASP A 87 -23.67 19.87 -0.73
CA ASP A 87 -23.72 20.75 -1.89
C ASP A 87 -24.97 20.51 -2.71
N GLY A 1 -14.65 -35.03 45.19
CA GLY A 1 -15.01 -35.10 43.78
C GLY A 1 -14.32 -34.04 42.95
N SER A 2 -14.46 -34.15 41.63
CA SER A 2 -13.84 -33.20 40.71
C SER A 2 -14.73 -31.97 40.53
N SER A 3 -14.57 -31.00 41.42
CA SER A 3 -15.36 -29.76 41.36
C SER A 3 -15.51 -29.29 39.92
N GLY A 4 -14.38 -29.10 39.24
CA GLY A 4 -14.41 -28.66 37.86
C GLY A 4 -13.68 -27.34 37.66
N SER A 5 -13.47 -26.97 36.41
CA SER A 5 -12.77 -25.73 36.08
C SER A 5 -12.79 -25.47 34.58
N SER A 6 -12.30 -24.29 34.18
CA SER A 6 -12.27 -23.92 32.78
C SER A 6 -11.52 -22.61 32.58
N GLY A 7 -10.92 -22.45 31.40
CA GLY A 7 -10.18 -21.23 31.10
C GLY A 7 -9.52 -21.26 29.74
N MET A 8 -8.92 -20.15 29.35
CA MET A 8 -8.25 -20.06 28.05
C MET A 8 -6.99 -19.21 28.14
N ASN A 9 -6.13 -19.33 27.14
CA ASN A 9 -4.88 -18.57 27.12
C ASN A 9 -4.89 -17.56 25.97
N ILE A 10 -5.49 -16.40 26.22
CA ILE A 10 -5.56 -15.34 25.22
C ILE A 10 -5.02 -14.03 25.76
N ARG A 11 -4.27 -13.31 24.93
CA ARG A 11 -3.69 -12.04 25.33
C ARG A 11 -3.24 -11.24 24.12
N MET A 12 -3.29 -9.91 24.22
CA MET A 12 -2.89 -9.04 23.13
C MET A 12 -2.58 -7.63 23.64
N GLY A 13 -1.42 -7.10 23.23
CA GLY A 13 -1.04 -5.77 23.66
C GLY A 13 -1.92 -4.69 23.07
N THR A 14 -3.00 -4.36 23.76
CA THR A 14 -3.93 -3.33 23.30
C THR A 14 -4.00 -2.17 24.27
N LYS A 15 -3.43 -1.03 23.88
CA LYS A 15 -3.43 0.16 24.72
C LYS A 15 -3.38 1.42 23.86
N GLY A 16 -4.36 2.29 24.03
CA GLY A 16 -4.41 3.53 23.27
C GLY A 16 -5.55 3.55 22.27
N LYS A 17 -5.99 4.76 21.91
CA LYS A 17 -7.07 4.92 20.96
C LYS A 17 -6.83 6.12 20.04
N ARG A 18 -6.66 5.85 18.76
CA ARG A 18 -6.42 6.90 17.78
C ARG A 18 -7.26 6.68 16.52
N PRO A 19 -7.62 7.78 15.85
CA PRO A 19 -8.43 7.74 14.63
C PRO A 19 -7.66 7.16 13.45
N LEU A 20 -8.31 7.10 12.29
CA LEU A 20 -7.69 6.57 11.09
C LEU A 20 -6.38 7.30 10.78
N ARG A 21 -5.27 6.61 10.98
CA ARG A 21 -3.96 7.19 10.73
C ARG A 21 -3.64 7.16 9.23
N SER A 22 -3.39 8.34 8.65
CA SER A 22 -3.07 8.44 7.23
C SER A 22 -2.15 7.30 6.80
N LEU A 23 -2.53 6.62 5.73
CA LEU A 23 -1.75 5.50 5.21
C LEU A 23 -1.10 5.87 3.88
N THR A 24 0.08 5.31 3.61
CA THR A 24 0.79 5.58 2.38
C THR A 24 0.28 4.70 1.24
N PRO A 25 0.44 5.18 0.01
CA PRO A 25 0.00 4.46 -1.20
C PRO A 25 0.84 3.22 -1.46
N ARG A 26 2.06 3.21 -0.93
CA ARG A 26 2.97 2.08 -1.13
C ARG A 26 2.60 0.93 -0.20
N ASP A 27 2.03 1.26 0.96
CA ASP A 27 1.63 0.26 1.93
C ASP A 27 0.82 -0.85 1.26
N LYS A 28 0.06 -0.49 0.24
CA LYS A 28 -0.76 -1.45 -0.48
C LYS A 28 0.09 -2.29 -1.43
N ILE A 29 0.87 -1.61 -2.27
CA ILE A 29 1.73 -2.29 -3.23
C ILE A 29 2.51 -3.42 -2.56
N HIS A 30 3.03 -3.15 -1.37
CA HIS A 30 3.79 -4.14 -0.63
C HIS A 30 3.18 -5.53 -0.79
N ALA A 31 1.94 -5.68 -0.35
CA ALA A 31 1.24 -6.95 -0.46
C ALA A 31 0.94 -7.30 -1.91
N ILE A 32 0.39 -6.34 -2.64
CA ILE A 32 0.04 -6.54 -4.04
C ILE A 32 1.03 -7.48 -4.72
N GLN A 33 2.32 -7.26 -4.48
CA GLN A 33 3.37 -8.08 -5.05
C GLN A 33 3.18 -9.55 -4.68
N ARG A 34 3.18 -9.83 -3.39
CA ARG A 34 3.01 -11.20 -2.90
C ARG A 34 2.05 -11.97 -3.79
N ILE A 35 0.82 -11.48 -3.91
CA ILE A 35 -0.18 -12.12 -4.74
C ILE A 35 0.41 -12.60 -6.06
N HIS A 36 1.02 -11.68 -6.79
CA HIS A 36 1.63 -12.01 -8.08
C HIS A 36 2.70 -13.08 -7.90
N ASP A 37 3.53 -12.94 -6.87
CA ASP A 37 4.59 -13.89 -6.60
C ASP A 37 4.03 -15.30 -6.43
N GLY A 38 2.93 -15.41 -5.68
CA GLY A 38 2.32 -16.71 -5.45
C GLY A 38 1.26 -16.67 -4.37
N GLU A 39 1.52 -15.90 -3.32
CA GLU A 39 0.58 -15.78 -2.21
C GLU A 39 -0.85 -15.63 -2.72
N SER A 40 -1.82 -15.92 -1.86
CA SER A 40 -3.23 -15.82 -2.22
C SER A 40 -3.86 -14.57 -1.63
N LYS A 41 -4.75 -13.94 -2.38
CA LYS A 41 -5.44 -12.74 -1.92
C LYS A 41 -5.97 -12.92 -0.51
N ALA A 42 -6.31 -14.16 -0.17
CA ALA A 42 -6.84 -14.46 1.16
C ALA A 42 -5.73 -14.42 2.21
N SER A 43 -4.68 -15.20 1.99
CA SER A 43 -3.56 -15.26 2.92
C SER A 43 -2.93 -13.88 3.09
N VAL A 44 -2.87 -13.12 2.00
CA VAL A 44 -2.29 -11.78 2.02
C VAL A 44 -3.20 -10.81 2.77
N ALA A 45 -4.47 -10.79 2.42
CA ALA A 45 -5.43 -9.92 3.06
C ALA A 45 -5.38 -10.05 4.58
N ARG A 46 -5.31 -11.29 5.06
CA ARG A 46 -5.25 -11.54 6.49
C ARG A 46 -3.85 -11.27 7.03
N ASP A 47 -2.84 -11.61 6.25
CA ASP A 47 -1.45 -11.40 6.66
C ASP A 47 -1.30 -10.08 7.41
N ILE A 48 -1.68 -8.99 6.74
CA ILE A 48 -1.59 -7.66 7.34
C ILE A 48 -2.71 -7.44 8.36
N GLY A 49 -3.86 -8.05 8.11
CA GLY A 49 -4.99 -7.90 9.00
C GLY A 49 -6.13 -7.13 8.38
N VAL A 50 -6.56 -7.55 7.19
CA VAL A 50 -7.65 -6.90 6.49
C VAL A 50 -8.51 -7.91 5.74
N PRO A 51 -9.81 -7.60 5.60
CA PRO A 51 -10.77 -8.47 4.91
C PRO A 51 -10.51 -8.51 3.40
N GLU A 52 -10.50 -9.72 2.85
CA GLU A 52 -10.28 -9.90 1.42
C GLU A 52 -10.92 -8.76 0.62
N SER A 53 -12.14 -8.40 0.99
CA SER A 53 -12.87 -7.34 0.31
C SER A 53 -11.99 -6.10 0.14
N THR A 54 -11.46 -5.61 1.26
CA THR A 54 -10.61 -4.43 1.24
C THR A 54 -9.41 -4.63 0.33
N LEU A 55 -8.58 -5.61 0.65
CA LEU A 55 -7.39 -5.91 -0.15
C LEU A 55 -7.66 -5.70 -1.64
N ARG A 56 -8.61 -6.47 -2.17
CA ARG A 56 -8.97 -6.37 -3.58
C ARG A 56 -9.01 -4.91 -4.03
N GLY A 57 -9.69 -4.07 -3.23
CA GLY A 57 -9.80 -2.67 -3.56
C GLY A 57 -8.51 -2.09 -4.10
N TRP A 58 -7.40 -2.39 -3.42
CA TRP A 58 -6.10 -1.89 -3.84
C TRP A 58 -5.75 -2.38 -5.24
N CYS A 59 -5.76 -3.71 -5.41
CA CYS A 59 -5.44 -4.31 -6.70
C CYS A 59 -6.19 -3.61 -7.82
N LYS A 60 -7.47 -3.31 -7.59
CA LYS A 60 -8.29 -2.64 -8.59
C LYS A 60 -7.53 -1.47 -9.22
N ASN A 61 -7.03 -0.57 -8.39
CA ASN A 61 -6.29 0.59 -8.87
C ASN A 61 -4.79 0.40 -8.67
N GLU A 62 -4.34 -0.85 -8.77
CA GLU A 62 -2.93 -1.17 -8.58
C GLU A 62 -2.06 -0.30 -9.49
N ASP A 63 -2.53 -0.07 -10.71
CA ASP A 63 -1.80 0.74 -11.68
C ASP A 63 -1.33 2.05 -11.04
N LYS A 64 -2.29 2.88 -10.63
CA LYS A 64 -1.97 4.15 -10.00
C LYS A 64 -1.04 3.97 -8.81
N LEU A 65 -1.46 3.14 -7.86
CA LEU A 65 -0.66 2.87 -6.68
C LEU A 65 0.81 2.65 -7.04
N ARG A 66 1.03 1.83 -8.06
CA ARG A 66 2.39 1.54 -8.51
C ARG A 66 3.16 2.82 -8.79
N PHE A 67 2.46 3.82 -9.33
CA PHE A 67 3.08 5.11 -9.65
C PHE A 67 2.88 6.10 -8.51
N MET A 68 2.00 5.75 -7.58
CA MET A 68 1.72 6.62 -6.43
C MET A 68 2.97 6.82 -5.58
N SER A 69 3.56 5.72 -5.14
CA SER A 69 4.76 5.77 -4.31
C SER A 69 5.78 6.75 -4.90
N ARG A 70 5.87 6.77 -6.22
CA ARG A 70 6.81 7.65 -6.91
C ARG A 70 6.72 9.07 -6.36
N GLN A 71 5.49 9.53 -6.13
CA GLN A 71 5.27 10.87 -5.61
C GLN A 71 6.28 11.21 -4.52
N SER A 72 6.77 12.44 -4.53
CA SER A 72 7.74 12.88 -3.54
C SER A 72 7.08 13.75 -2.47
N ALA A 73 6.45 14.83 -2.89
CA ALA A 73 5.77 15.73 -1.98
C ALA A 73 5.15 14.96 -0.81
N THR A 74 5.47 15.39 0.41
CA THR A 74 4.95 14.74 1.60
C THR A 74 5.55 13.35 1.78
N ASP A 75 6.87 13.28 1.78
CA ASP A 75 7.58 12.01 1.95
C ASP A 75 7.58 11.58 3.41
N ASN A 76 8.01 10.35 3.65
CA ASN A 76 8.06 9.81 5.01
C ASN A 76 9.44 10.01 5.63
N LEU A 77 9.63 9.49 6.83
CA LEU A 77 10.90 9.60 7.53
C LEU A 77 12.06 9.26 6.61
N CYS A 78 13.13 10.05 6.68
CA CYS A 78 14.31 9.82 5.85
C CYS A 78 14.72 8.35 5.87
N ALA A 79 14.65 7.74 7.05
CA ALA A 79 15.01 6.33 7.20
C ALA A 79 16.41 6.06 6.65
N ASP A 80 17.34 6.97 6.95
CA ASP A 80 18.71 6.83 6.49
C ASP A 80 19.14 5.37 6.47
N ALA A 81 19.41 4.86 5.27
CA ALA A 81 19.83 3.47 5.11
C ALA A 81 20.43 3.23 3.73
N LEU A 82 20.90 2.01 3.50
CA LEU A 82 21.49 1.65 2.21
C LEU A 82 20.57 0.73 1.42
N GLY A 83 20.15 -0.37 2.04
CA GLY A 83 19.27 -1.31 1.38
C GLY A 83 19.60 -1.47 -0.09
N ASP A 84 18.77 -0.89 -0.94
CA ASP A 84 18.98 -0.98 -2.39
C ASP A 84 19.95 0.10 -2.86
N LYS A 85 20.71 -0.21 -3.91
CA LYS A 85 21.69 0.72 -4.46
C LYS A 85 20.98 1.86 -5.18
N MET A 86 21.71 2.95 -5.42
CA MET A 86 21.15 4.11 -6.11
C MET A 86 22.01 4.48 -7.31
N ASP A 87 21.46 4.27 -8.51
CA ASP A 87 22.18 4.59 -9.74
C ASP A 87 22.75 6.00 -9.68
N GLY A 1 31.67 12.67 22.99
CA GLY A 1 30.58 11.77 23.31
C GLY A 1 29.70 11.46 22.11
N SER A 2 29.25 10.22 22.01
CA SER A 2 28.41 9.79 20.90
C SER A 2 27.45 8.70 21.34
N SER A 3 26.17 8.86 21.00
CA SER A 3 25.15 7.89 21.36
C SER A 3 23.87 8.11 20.55
N GLY A 4 22.93 7.20 20.67
CA GLY A 4 21.68 7.31 19.94
C GLY A 4 20.60 6.39 20.49
N SER A 5 19.43 6.94 20.73
CA SER A 5 18.31 6.17 21.26
C SER A 5 16.99 6.91 21.09
N SER A 6 15.88 6.19 21.21
CA SER A 6 14.56 6.78 21.06
C SER A 6 13.66 6.41 22.23
N GLY A 7 12.68 7.26 22.52
CA GLY A 7 11.76 7.00 23.61
C GLY A 7 11.23 8.28 24.22
N MET A 8 10.18 8.14 25.04
CA MET A 8 9.57 9.30 25.69
C MET A 8 10.64 10.28 26.18
N ASN A 9 11.68 9.74 26.82
CA ASN A 9 12.76 10.56 27.33
C ASN A 9 13.29 11.51 26.25
N ILE A 10 14.33 12.27 26.59
CA ILE A 10 14.92 13.21 25.66
C ILE A 10 15.93 12.52 24.75
N ARG A 11 15.87 12.83 23.46
CA ARG A 11 16.78 12.23 22.48
C ARG A 11 17.48 13.32 21.66
N MET A 12 18.40 12.89 20.81
CA MET A 12 19.15 13.83 19.97
C MET A 12 19.50 13.18 18.63
N GLY A 13 19.50 13.99 17.58
CA GLY A 13 19.82 13.48 16.25
C GLY A 13 18.79 13.88 15.21
N THR A 14 18.19 12.89 14.56
CA THR A 14 17.19 13.14 13.53
C THR A 14 15.78 13.15 14.13
N LYS A 15 15.57 14.00 15.12
CA LYS A 15 14.27 14.12 15.77
C LYS A 15 13.22 14.69 14.82
N GLY A 16 11.95 14.54 15.18
CA GLY A 16 10.88 15.06 14.34
C GLY A 16 10.00 13.96 13.79
N LYS A 17 9.40 13.18 14.68
CA LYS A 17 8.52 12.08 14.27
C LYS A 17 7.14 12.24 14.87
N ARG A 18 6.16 12.56 14.04
CA ARG A 18 4.78 12.74 14.49
C ARG A 18 3.84 11.79 13.76
N PRO A 19 2.79 11.35 14.46
CA PRO A 19 1.80 10.42 13.89
C PRO A 19 0.93 11.09 12.84
N LEU A 20 0.48 10.31 11.86
CA LEU A 20 -0.36 10.82 10.79
C LEU A 20 -1.63 9.98 10.63
N ARG A 21 -2.60 10.51 9.89
CA ARG A 21 -3.85 9.80 9.67
C ARG A 21 -3.83 9.09 8.32
N SER A 22 -3.49 9.82 7.27
CA SER A 22 -3.43 9.26 5.93
C SER A 22 -2.29 8.25 5.80
N LEU A 23 -2.60 7.08 5.24
CA LEU A 23 -1.60 6.04 5.06
C LEU A 23 -0.89 6.19 3.73
N THR A 24 0.38 5.76 3.69
CA THR A 24 1.16 5.86 2.46
C THR A 24 0.67 4.88 1.40
N PRO A 25 0.84 5.26 0.13
CA PRO A 25 0.41 4.43 -1.01
C PRO A 25 1.25 3.17 -1.16
N ARG A 26 2.53 3.28 -0.79
CA ARG A 26 3.44 2.14 -0.89
C ARG A 26 3.00 1.01 0.02
N ASP A 27 2.50 1.35 1.20
CA ASP A 27 2.03 0.34 2.16
C ASP A 27 1.15 -0.69 1.47
N LYS A 28 0.22 -0.20 0.63
CA LYS A 28 -0.69 -1.09 -0.08
C LYS A 28 0.06 -1.93 -1.11
N ILE A 29 0.96 -1.29 -1.85
CA ILE A 29 1.74 -1.99 -2.87
C ILE A 29 2.54 -3.14 -2.25
N HIS A 30 3.09 -2.91 -1.07
CA HIS A 30 3.87 -3.92 -0.38
C HIS A 30 3.24 -5.30 -0.55
N ALA A 31 2.00 -5.43 -0.11
CA ALA A 31 1.28 -6.70 -0.21
C ALA A 31 0.91 -7.01 -1.66
N ILE A 32 0.40 -6.00 -2.35
CA ILE A 32 0.02 -6.16 -3.76
C ILE A 32 0.94 -7.14 -4.47
N GLN A 33 2.24 -6.97 -4.28
CA GLN A 33 3.23 -7.84 -4.91
C GLN A 33 2.98 -9.30 -4.54
N ARG A 34 2.91 -9.58 -3.24
CA ARG A 34 2.68 -10.94 -2.76
C ARG A 34 1.73 -11.68 -3.70
N ILE A 35 0.53 -11.14 -3.88
CA ILE A 35 -0.46 -11.76 -4.74
C ILE A 35 0.14 -12.14 -6.10
N HIS A 36 0.77 -11.17 -6.75
CA HIS A 36 1.39 -11.39 -8.05
C HIS A 36 2.44 -12.49 -7.95
N ASP A 37 3.26 -12.44 -6.91
CA ASP A 37 4.31 -13.44 -6.71
C ASP A 37 3.72 -14.85 -6.69
N GLY A 38 2.62 -15.02 -5.98
CA GLY A 38 1.98 -16.31 -5.89
C GLY A 38 0.97 -16.39 -4.77
N GLU A 39 1.28 -15.75 -3.65
CA GLU A 39 0.39 -15.75 -2.49
C GLU A 39 -1.06 -15.53 -2.92
N SER A 40 -1.98 -16.10 -2.16
CA SER A 40 -3.41 -15.96 -2.47
C SER A 40 -4.00 -14.73 -1.79
N LYS A 41 -4.86 -14.03 -2.50
CA LYS A 41 -5.50 -12.83 -1.97
C LYS A 41 -5.99 -13.06 -0.54
N ALA A 42 -6.62 -14.21 -0.32
CA ALA A 42 -7.13 -14.56 1.00
C ALA A 42 -6.01 -14.63 2.02
N SER A 43 -4.95 -15.36 1.70
CA SER A 43 -3.81 -15.51 2.60
C SER A 43 -3.20 -14.15 2.92
N VAL A 44 -2.94 -13.37 1.88
CA VAL A 44 -2.35 -12.05 2.06
C VAL A 44 -3.21 -11.17 2.97
N ALA A 45 -4.47 -11.00 2.59
CA ALA A 45 -5.39 -10.20 3.38
C ALA A 45 -5.17 -10.40 4.87
N ARG A 46 -5.31 -11.64 5.33
CA ARG A 46 -5.11 -11.96 6.73
C ARG A 46 -3.68 -11.64 7.18
N ASP A 47 -2.72 -11.97 6.31
CA ASP A 47 -1.31 -11.72 6.62
C ASP A 47 -1.14 -10.41 7.38
N ILE A 48 -1.67 -9.32 6.81
CA ILE A 48 -1.59 -8.02 7.44
C ILE A 48 -2.71 -7.80 8.44
N GLY A 49 -3.86 -8.42 8.17
CA GLY A 49 -5.00 -8.27 9.05
C GLY A 49 -6.12 -7.44 8.44
N VAL A 50 -6.51 -7.80 7.23
CA VAL A 50 -7.57 -7.07 6.53
C VAL A 50 -8.46 -8.03 5.74
N PRO A 51 -9.73 -7.66 5.57
CA PRO A 51 -10.71 -8.47 4.84
C PRO A 51 -10.43 -8.50 3.34
N GLU A 52 -10.52 -9.68 2.74
CA GLU A 52 -10.27 -9.83 1.31
C GLU A 52 -10.87 -8.67 0.53
N SER A 53 -12.12 -8.34 0.83
CA SER A 53 -12.80 -7.24 0.15
C SER A 53 -11.89 -6.03 0.01
N THR A 54 -11.44 -5.51 1.15
CA THR A 54 -10.56 -4.35 1.16
C THR A 54 -9.35 -4.55 0.24
N LEU A 55 -8.60 -5.62 0.49
CA LEU A 55 -7.43 -5.94 -0.31
C LEU A 55 -7.71 -5.72 -1.80
N ARG A 56 -8.75 -6.40 -2.29
CA ARG A 56 -9.13 -6.29 -3.70
C ARG A 56 -9.06 -4.83 -4.17
N GLY A 57 -9.64 -3.93 -3.38
CA GLY A 57 -9.64 -2.53 -3.74
C GLY A 57 -8.27 -2.05 -4.19
N TRP A 58 -7.24 -2.45 -3.45
CA TRP A 58 -5.87 -2.05 -3.78
C TRP A 58 -5.47 -2.57 -5.15
N CYS A 59 -5.42 -3.89 -5.29
CA CYS A 59 -5.05 -4.52 -6.56
C CYS A 59 -5.86 -3.93 -7.71
N LYS A 60 -7.12 -3.59 -7.43
CA LYS A 60 -8.00 -3.02 -8.44
C LYS A 60 -7.38 -1.79 -9.07
N ASN A 61 -6.84 -0.91 -8.23
CA ASN A 61 -6.21 0.32 -8.71
C ASN A 61 -4.69 0.20 -8.66
N GLU A 62 -4.19 -1.03 -8.66
CA GLU A 62 -2.75 -1.28 -8.62
C GLU A 62 -2.03 -0.46 -9.68
N ASP A 63 -2.59 -0.43 -10.88
CA ASP A 63 -2.00 0.32 -12.00
C ASP A 63 -1.49 1.67 -11.52
N LYS A 64 -2.37 2.47 -10.94
CA LYS A 64 -2.01 3.79 -10.44
C LYS A 64 -1.12 3.67 -9.21
N LEU A 65 -1.55 2.87 -8.25
CA LEU A 65 -0.79 2.67 -7.02
C LEU A 65 0.71 2.55 -7.31
N ARG A 66 1.05 1.68 -8.26
CA ARG A 66 2.45 1.48 -8.63
C ARG A 66 3.12 2.80 -8.98
N PHE A 67 2.36 3.72 -9.56
CA PHE A 67 2.88 5.02 -9.93
C PHE A 67 2.60 6.05 -8.85
N MET A 68 1.68 5.72 -7.95
CA MET A 68 1.31 6.62 -6.85
C MET A 68 2.52 6.93 -5.98
N SER A 69 3.26 5.89 -5.60
CA SER A 69 4.44 6.05 -4.75
C SER A 69 5.27 7.25 -5.21
N ARG A 70 5.62 7.26 -6.49
CA ARG A 70 6.42 8.36 -7.04
C ARG A 70 5.85 9.71 -6.61
N GLN A 71 4.54 9.88 -6.78
CA GLN A 71 3.88 11.13 -6.41
C GLN A 71 3.80 11.27 -4.89
N SER A 72 4.74 12.02 -4.32
CA SER A 72 4.77 12.23 -2.88
C SER A 72 3.40 12.67 -2.36
N ALA A 73 2.78 13.61 -3.07
CA ALA A 73 1.47 14.11 -2.67
C ALA A 73 0.40 13.05 -2.88
N THR A 74 -0.49 12.92 -1.89
CA THR A 74 -1.56 11.94 -1.97
C THR A 74 -2.80 12.41 -1.22
N ASP A 75 -3.97 12.14 -1.78
CA ASP A 75 -5.23 12.56 -1.15
C ASP A 75 -5.76 11.45 -0.24
N ASN A 76 -6.19 11.85 0.96
CA ASN A 76 -6.72 10.89 1.92
C ASN A 76 -8.18 10.56 1.62
N LEU A 77 -8.46 9.28 1.42
CA LEU A 77 -9.82 8.83 1.11
C LEU A 77 -10.44 8.12 2.31
N CYS A 78 -11.29 8.84 3.04
CA CYS A 78 -11.94 8.27 4.21
C CYS A 78 -13.21 7.52 3.82
N ALA A 79 -13.08 6.21 3.64
CA ALA A 79 -14.21 5.38 3.26
C ALA A 79 -14.12 4.00 3.90
N ASP A 80 -15.27 3.41 4.21
CA ASP A 80 -15.32 2.09 4.83
C ASP A 80 -16.75 1.54 4.83
N ALA A 81 -16.87 0.23 5.01
CA ALA A 81 -18.17 -0.41 5.03
C ALA A 81 -18.06 -1.87 5.45
N LEU A 82 -18.77 -2.23 6.53
CA LEU A 82 -18.74 -3.60 7.04
C LEU A 82 -20.07 -3.96 7.69
N GLY A 83 -20.24 -5.25 7.99
CA GLY A 83 -21.47 -5.69 8.61
C GLY A 83 -21.47 -7.18 8.90
N ASP A 84 -22.36 -7.62 9.79
CA ASP A 84 -22.44 -9.04 10.16
C ASP A 84 -23.68 -9.30 11.01
N LYS A 85 -24.10 -10.55 11.06
CA LYS A 85 -25.27 -10.95 11.83
C LYS A 85 -24.98 -12.20 12.65
N MET A 86 -25.63 -12.31 13.80
CA MET A 86 -25.45 -13.47 14.67
C MET A 86 -25.92 -14.74 13.98
N ASP A 87 -27.17 -14.75 13.55
CA ASP A 87 -27.73 -15.92 12.87
C ASP A 87 -27.45 -15.86 11.38
N GLY A 1 4.18 -33.31 8.98
CA GLY A 1 4.41 -32.06 8.28
C GLY A 1 5.09 -32.26 6.95
N SER A 2 4.30 -32.53 5.92
CA SER A 2 4.82 -32.75 4.58
C SER A 2 5.44 -31.48 4.02
N SER A 3 4.69 -30.39 4.06
CA SER A 3 5.15 -29.10 3.55
C SER A 3 5.30 -28.09 4.70
N GLY A 4 6.54 -27.67 4.94
CA GLY A 4 6.79 -26.71 6.00
C GLY A 4 7.85 -25.69 5.61
N SER A 5 8.74 -25.39 6.56
CA SER A 5 9.81 -24.42 6.33
C SER A 5 9.31 -23.28 5.44
N SER A 6 8.10 -22.81 5.72
CA SER A 6 7.51 -21.72 4.94
C SER A 6 7.51 -20.42 5.74
N GLY A 7 8.08 -19.37 5.16
CA GLY A 7 8.14 -18.09 5.84
C GLY A 7 8.89 -18.16 7.16
N MET A 8 10.11 -17.61 7.18
CA MET A 8 10.92 -17.61 8.38
C MET A 8 11.78 -16.36 8.46
N ASN A 9 11.76 -15.69 9.60
CA ASN A 9 12.54 -14.47 9.80
C ASN A 9 12.58 -14.09 11.27
N ILE A 10 13.59 -13.32 11.66
CA ILE A 10 13.74 -12.88 13.04
C ILE A 10 13.61 -11.37 13.14
N ARG A 11 12.45 -10.85 12.71
CA ARG A 11 12.18 -9.42 12.76
C ARG A 11 11.32 -9.07 13.96
N MET A 12 11.96 -8.74 15.07
CA MET A 12 11.25 -8.39 16.29
C MET A 12 11.36 -6.89 16.58
N GLY A 13 10.39 -6.35 17.30
CA GLY A 13 10.40 -4.94 17.63
C GLY A 13 9.05 -4.29 17.46
N THR A 14 8.62 -3.54 18.48
CA THR A 14 7.33 -2.86 18.45
C THR A 14 7.50 -1.36 18.31
N LYS A 15 7.31 -0.86 17.09
CA LYS A 15 7.45 0.56 16.82
C LYS A 15 6.97 1.39 18.01
N GLY A 16 7.84 2.26 18.50
CA GLY A 16 7.50 3.10 19.64
C GLY A 16 7.24 4.54 19.24
N LYS A 17 6.45 4.73 18.19
CA LYS A 17 6.13 6.06 17.70
C LYS A 17 4.62 6.26 17.62
N ARG A 18 4.16 7.43 18.06
CA ARG A 18 2.74 7.74 18.04
C ARG A 18 2.09 7.23 16.75
N PRO A 19 0.84 6.77 16.87
CA PRO A 19 0.08 6.24 15.73
C PRO A 19 -0.31 7.34 14.75
N LEU A 20 0.42 7.43 13.64
CA LEU A 20 0.16 8.43 12.62
C LEU A 20 -1.02 8.02 11.74
N ARG A 21 -2.14 8.71 11.90
CA ARG A 21 -3.34 8.40 11.13
C ARG A 21 -3.05 8.43 9.63
N SER A 22 -2.08 9.25 9.24
CA SER A 22 -1.70 9.37 7.83
C SER A 22 -0.78 8.22 7.42
N LEU A 23 -1.04 7.66 6.24
CA LEU A 23 -0.25 6.56 5.73
C LEU A 23 0.24 6.84 4.31
N THR A 24 0.98 5.90 3.74
CA THR A 24 1.51 6.04 2.39
C THR A 24 0.88 5.03 1.44
N PRO A 25 0.83 5.38 0.14
CA PRO A 25 0.26 4.51 -0.89
C PRO A 25 1.13 3.27 -1.15
N ARG A 26 2.35 3.29 -0.62
CA ARG A 26 3.26 2.18 -0.80
C ARG A 26 2.87 1.00 0.10
N ASP A 27 2.21 1.30 1.20
CA ASP A 27 1.79 0.27 2.14
C ASP A 27 0.86 -0.74 1.46
N LYS A 28 0.17 -0.28 0.42
CA LYS A 28 -0.75 -1.14 -0.33
C LYS A 28 0.00 -1.96 -1.37
N ILE A 29 1.07 -1.41 -1.90
CA ILE A 29 1.88 -2.09 -2.90
C ILE A 29 2.56 -3.33 -2.32
N HIS A 30 2.88 -3.26 -1.02
CA HIS A 30 3.53 -4.37 -0.34
C HIS A 30 2.85 -5.69 -0.70
N ALA A 31 1.60 -5.85 -0.26
CA ALA A 31 0.86 -7.07 -0.54
C ALA A 31 0.70 -7.29 -2.04
N ILE A 32 0.29 -6.25 -2.75
CA ILE A 32 0.11 -6.33 -4.19
C ILE A 32 1.12 -7.29 -4.83
N GLN A 33 2.36 -7.23 -4.34
CA GLN A 33 3.42 -8.09 -4.85
C GLN A 33 3.14 -9.55 -4.53
N ARG A 34 3.13 -9.88 -3.24
CA ARG A 34 2.87 -11.24 -2.80
C ARG A 34 1.86 -11.92 -3.71
N ILE A 35 0.81 -11.19 -4.07
CA ILE A 35 -0.24 -11.73 -4.94
C ILE A 35 0.32 -12.08 -6.32
N HIS A 36 1.04 -11.14 -6.92
CA HIS A 36 1.63 -11.36 -8.23
C HIS A 36 2.58 -12.55 -8.21
N ASP A 37 3.32 -12.69 -7.12
CA ASP A 37 4.28 -13.78 -6.97
C ASP A 37 3.56 -15.14 -6.99
N GLY A 38 2.57 -15.28 -6.12
CA GLY A 38 1.82 -16.53 -6.05
C GLY A 38 0.87 -16.57 -4.86
N GLU A 39 1.25 -15.91 -3.78
CA GLU A 39 0.43 -15.88 -2.57
C GLU A 39 -1.02 -15.61 -2.92
N SER A 40 -1.93 -16.15 -2.12
CA SER A 40 -3.36 -15.97 -2.35
C SER A 40 -3.86 -14.67 -1.71
N LYS A 41 -4.65 -13.92 -2.45
CA LYS A 41 -5.19 -12.66 -1.96
C LYS A 41 -5.64 -12.79 -0.50
N ALA A 42 -6.34 -13.88 -0.19
CA ALA A 42 -6.81 -14.13 1.16
C ALA A 42 -5.65 -14.36 2.12
N SER A 43 -4.63 -15.07 1.64
CA SER A 43 -3.46 -15.37 2.46
C SER A 43 -2.73 -14.09 2.87
N VAL A 44 -2.67 -13.14 1.94
CA VAL A 44 -2.01 -11.86 2.20
C VAL A 44 -2.92 -10.93 2.98
N ALA A 45 -4.19 -10.89 2.61
CA ALA A 45 -5.16 -10.03 3.29
C ALA A 45 -5.06 -10.18 4.80
N ARG A 46 -5.01 -11.42 5.27
CA ARG A 46 -4.92 -11.69 6.70
C ARG A 46 -3.51 -11.44 7.21
N ASP A 47 -2.53 -11.53 6.31
CA ASP A 47 -1.14 -11.31 6.67
C ASP A 47 -0.97 -9.99 7.43
N ILE A 48 -1.81 -9.02 7.10
CA ILE A 48 -1.75 -7.71 7.75
C ILE A 48 -2.95 -7.51 8.67
N GLY A 49 -4.07 -8.13 8.33
CA GLY A 49 -5.27 -8.00 9.13
C GLY A 49 -6.35 -7.19 8.45
N VAL A 50 -6.57 -7.45 7.16
CA VAL A 50 -7.58 -6.73 6.40
C VAL A 50 -8.51 -7.71 5.68
N PRO A 51 -9.78 -7.30 5.53
CA PRO A 51 -10.79 -8.12 4.85
C PRO A 51 -10.55 -8.23 3.35
N GLU A 52 -10.62 -9.45 2.82
CA GLU A 52 -10.41 -9.69 1.40
C GLU A 52 -11.13 -8.64 0.56
N SER A 53 -12.26 -8.14 1.07
CA SER A 53 -13.05 -7.13 0.37
C SER A 53 -12.20 -5.90 0.07
N THR A 54 -11.55 -5.36 1.11
CA THR A 54 -10.72 -4.18 0.96
C THR A 54 -9.50 -4.47 0.09
N LEU A 55 -8.76 -5.51 0.44
CA LEU A 55 -7.57 -5.89 -0.31
C LEU A 55 -7.81 -5.73 -1.81
N ARG A 56 -8.83 -6.44 -2.32
CA ARG A 56 -9.15 -6.38 -3.74
C ARG A 56 -9.09 -4.94 -4.25
N GLY A 57 -9.67 -4.02 -3.48
CA GLY A 57 -9.67 -2.63 -3.87
C GLY A 57 -8.33 -2.17 -4.41
N TRP A 58 -7.28 -2.37 -3.62
CA TRP A 58 -5.94 -1.97 -4.02
C TRP A 58 -5.57 -2.56 -5.38
N CYS A 59 -5.75 -3.87 -5.51
CA CYS A 59 -5.44 -4.57 -6.75
C CYS A 59 -6.16 -3.92 -7.93
N LYS A 60 -7.41 -3.53 -7.70
CA LYS A 60 -8.22 -2.90 -8.74
C LYS A 60 -7.48 -1.72 -9.37
N ASN A 61 -7.11 -0.75 -8.55
CA ASN A 61 -6.39 0.43 -9.02
C ASN A 61 -4.89 0.27 -8.81
N GLU A 62 -4.43 -0.98 -8.78
CA GLU A 62 -3.01 -1.27 -8.59
C GLU A 62 -2.16 -0.41 -9.52
N ASP A 63 -2.56 -0.33 -10.78
CA ASP A 63 -1.83 0.46 -11.76
C ASP A 63 -1.33 1.78 -11.16
N LYS A 64 -2.28 2.60 -10.72
CA LYS A 64 -1.94 3.88 -10.12
C LYS A 64 -1.09 3.69 -8.87
N LEU A 65 -1.59 2.94 -7.91
CA LEU A 65 -0.88 2.67 -6.67
C LEU A 65 0.61 2.45 -6.94
N ARG A 66 0.92 1.51 -7.82
CA ARG A 66 2.31 1.22 -8.16
C ARG A 66 3.06 2.48 -8.56
N PHE A 67 2.34 3.41 -9.20
CA PHE A 67 2.94 4.66 -9.63
C PHE A 67 2.69 5.77 -8.61
N MET A 68 1.81 5.49 -7.65
CA MET A 68 1.49 6.46 -6.61
C MET A 68 2.70 6.71 -5.71
N SER A 69 3.20 5.64 -5.09
CA SER A 69 4.36 5.74 -4.20
C SER A 69 5.37 6.74 -4.74
N ARG A 70 5.42 6.88 -6.06
CA ARG A 70 6.35 7.80 -6.71
C ARG A 70 5.96 9.25 -6.42
N GLN A 71 4.68 9.55 -6.54
CA GLN A 71 4.19 10.90 -6.30
C GLN A 71 4.08 11.17 -4.80
N SER A 72 5.18 11.62 -4.20
CA SER A 72 5.21 11.91 -2.77
C SER A 72 4.07 12.84 -2.39
N ALA A 73 2.96 12.25 -1.96
CA ALA A 73 1.79 13.03 -1.55
C ALA A 73 1.28 12.58 -0.19
N THR A 74 0.16 13.15 0.24
CA THR A 74 -0.43 12.81 1.52
C THR A 74 -1.92 12.50 1.37
N ASP A 75 -2.35 11.40 2.00
CA ASP A 75 -3.74 10.99 1.95
C ASP A 75 -4.22 10.51 3.31
N ASN A 76 -5.54 10.48 3.49
CA ASN A 76 -6.13 10.05 4.76
C ASN A 76 -6.83 8.70 4.59
N LEU A 77 -7.00 7.99 5.70
CA LEU A 77 -7.65 6.69 5.68
C LEU A 77 -9.17 6.84 5.68
N CYS A 78 -9.83 6.04 4.86
CA CYS A 78 -11.29 6.08 4.76
C CYS A 78 -11.93 4.89 5.49
N ALA A 79 -13.12 5.11 6.02
CA ALA A 79 -13.83 4.06 6.75
C ALA A 79 -15.27 4.46 7.01
N ASP A 80 -16.01 3.60 7.71
CA ASP A 80 -17.41 3.86 8.02
C ASP A 80 -17.63 5.33 8.32
N ALA A 81 -18.00 6.09 7.29
CA ALA A 81 -18.25 7.52 7.45
C ALA A 81 -18.98 8.09 6.23
N LEU A 82 -19.86 9.05 6.48
CA LEU A 82 -20.63 9.67 5.41
C LEU A 82 -20.01 11.01 5.00
N GLY A 83 -20.08 11.31 3.70
CA GLY A 83 -19.53 12.56 3.21
C GLY A 83 -18.04 12.66 3.44
N ASP A 84 -17.25 12.31 2.42
CA ASP A 84 -15.80 12.38 2.52
C ASP A 84 -15.33 13.78 2.89
N LYS A 85 -14.46 13.86 3.89
CA LYS A 85 -13.94 15.15 4.33
C LYS A 85 -12.43 15.10 4.45
N MET A 86 -11.75 15.94 3.66
CA MET A 86 -10.29 15.99 3.69
C MET A 86 -9.79 16.82 4.88
N ASP A 87 -10.55 17.84 5.24
CA ASP A 87 -10.19 18.70 6.36
C ASP A 87 -11.21 18.58 7.49
N GLY A 1 50.02 15.89 -21.85
CA GLY A 1 49.49 16.83 -20.89
C GLY A 1 48.38 16.23 -20.04
N SER A 2 48.17 16.79 -18.86
CA SER A 2 47.14 16.30 -17.95
C SER A 2 45.88 17.16 -18.05
N SER A 3 44.73 16.54 -17.80
CA SER A 3 43.45 17.24 -17.86
C SER A 3 42.62 16.97 -16.62
N GLY A 4 42.26 15.71 -16.41
CA GLY A 4 41.47 15.33 -15.25
C GLY A 4 39.98 15.54 -15.47
N SER A 5 39.16 14.71 -14.85
CA SER A 5 37.72 14.80 -14.99
C SER A 5 37.02 14.10 -13.82
N SER A 6 35.91 14.69 -13.37
CA SER A 6 35.14 14.13 -12.27
C SER A 6 33.70 14.62 -12.30
N GLY A 7 32.84 13.95 -11.54
CA GLY A 7 31.44 14.32 -11.50
C GLY A 7 30.94 14.59 -10.10
N MET A 8 29.69 15.02 -9.97
CA MET A 8 29.11 15.32 -8.67
C MET A 8 27.61 15.07 -8.69
N ASN A 9 27.15 14.19 -7.80
CA ASN A 9 25.73 13.86 -7.71
C ASN A 9 25.37 13.40 -6.30
N ILE A 10 24.54 14.19 -5.63
CA ILE A 10 24.11 13.86 -4.26
C ILE A 10 22.60 13.61 -4.21
N ARG A 11 22.22 12.36 -3.97
CA ARG A 11 20.82 11.99 -3.89
C ARG A 11 20.40 11.76 -2.44
N MET A 12 20.16 12.86 -1.73
CA MET A 12 19.75 12.78 -0.33
C MET A 12 18.41 13.48 -0.11
N GLY A 13 17.64 13.00 0.86
CA GLY A 13 16.35 13.58 1.14
C GLY A 13 16.44 14.75 2.10
N THR A 14 15.85 15.88 1.72
CA THR A 14 15.87 17.07 2.55
C THR A 14 14.76 17.04 3.59
N LYS A 15 13.86 16.07 3.46
CA LYS A 15 12.75 15.93 4.40
C LYS A 15 12.04 14.59 4.20
N GLY A 16 11.68 13.95 5.31
CA GLY A 16 11.00 12.66 5.24
C GLY A 16 10.38 12.26 6.56
N LYS A 17 9.33 12.96 6.96
CA LYS A 17 8.65 12.67 8.21
C LYS A 17 7.14 12.84 8.06
N ARG A 18 6.41 11.75 8.26
CA ARG A 18 4.95 11.77 8.15
C ARG A 18 4.29 11.34 9.46
N PRO A 19 3.12 11.90 9.74
CA PRO A 19 2.36 11.59 10.95
C PRO A 19 1.80 10.17 10.94
N LEU A 20 0.85 9.91 11.84
CA LEU A 20 0.24 8.59 11.94
C LEU A 20 -1.14 8.59 11.30
N ARG A 21 -1.53 9.72 10.70
CA ARG A 21 -2.81 9.85 10.05
C ARG A 21 -3.18 8.57 9.29
N SER A 22 -2.18 8.00 8.62
CA SER A 22 -2.39 6.78 7.85
C SER A 22 -1.06 6.18 7.40
N LEU A 23 -1.10 4.95 6.91
CA LEU A 23 0.10 4.27 6.45
C LEU A 23 0.59 4.85 5.13
N THR A 24 1.63 4.25 4.57
CA THR A 24 2.18 4.71 3.30
C THR A 24 1.55 4.00 2.12
N PRO A 25 1.58 4.65 0.94
CA PRO A 25 1.00 4.09 -0.29
C PRO A 25 1.78 2.91 -0.81
N ARG A 26 3.06 2.83 -0.44
CA ARG A 26 3.92 1.74 -0.87
C ARG A 26 3.67 0.48 -0.03
N ASP A 27 3.14 0.68 1.17
CA ASP A 27 2.86 -0.43 2.07
C ASP A 27 2.03 -1.50 1.37
N LYS A 28 0.85 -1.11 0.90
CA LYS A 28 -0.06 -2.02 0.22
C LYS A 28 0.59 -2.57 -1.05
N ILE A 29 1.06 -1.68 -1.90
CA ILE A 29 1.71 -2.07 -3.15
C ILE A 29 2.66 -3.24 -2.93
N HIS A 30 3.49 -3.14 -1.91
CA HIS A 30 4.44 -4.20 -1.59
C HIS A 30 3.73 -5.55 -1.45
N ALA A 31 2.58 -5.54 -0.78
CA ALA A 31 1.81 -6.76 -0.58
C ALA A 31 1.19 -7.24 -1.89
N ILE A 32 0.59 -6.30 -2.63
CA ILE A 32 -0.04 -6.62 -3.91
C ILE A 32 0.71 -7.74 -4.62
N GLN A 33 1.98 -7.52 -4.89
CA GLN A 33 2.81 -8.51 -5.57
C GLN A 33 2.87 -9.81 -4.78
N ARG A 34 3.17 -9.69 -3.49
CA ARG A 34 3.26 -10.86 -2.61
C ARG A 34 2.24 -11.92 -3.02
N ILE A 35 1.06 -11.47 -3.41
CA ILE A 35 -0.01 -12.39 -3.82
C ILE A 35 0.33 -13.06 -5.14
N HIS A 36 0.44 -12.26 -6.20
CA HIS A 36 0.77 -12.78 -7.52
C HIS A 36 1.94 -13.75 -7.45
N ASP A 37 2.94 -13.41 -6.64
CA ASP A 37 4.12 -14.25 -6.48
C ASP A 37 3.72 -15.69 -6.13
N GLY A 38 2.77 -15.82 -5.21
CA GLY A 38 2.32 -17.14 -4.80
C GLY A 38 1.27 -17.08 -3.70
N GLU A 39 1.48 -16.21 -2.73
CA GLU A 39 0.55 -16.05 -1.62
C GLU A 39 -0.88 -15.93 -2.13
N SER A 40 -1.85 -16.28 -1.27
CA SER A 40 -3.25 -16.20 -1.63
C SER A 40 -3.85 -14.86 -1.23
N LYS A 41 -4.74 -14.34 -2.07
CA LYS A 41 -5.38 -13.06 -1.81
C LYS A 41 -5.88 -12.99 -0.37
N ALA A 42 -6.46 -14.08 0.11
CA ALA A 42 -6.96 -14.16 1.47
C ALA A 42 -5.82 -14.20 2.49
N SER A 43 -4.77 -14.94 2.16
CA SER A 43 -3.62 -15.06 3.03
C SER A 43 -2.97 -13.70 3.28
N VAL A 44 -2.75 -12.96 2.19
CA VAL A 44 -2.15 -11.63 2.29
C VAL A 44 -3.09 -10.64 2.94
N ALA A 45 -4.35 -10.66 2.54
CA ALA A 45 -5.35 -9.77 3.09
C ALA A 45 -5.37 -9.83 4.62
N ARG A 46 -5.37 -11.06 5.15
CA ARG A 46 -5.39 -11.26 6.59
C ARG A 46 -4.01 -11.01 7.20
N ASP A 47 -2.98 -11.36 6.45
CA ASP A 47 -1.61 -11.18 6.92
C ASP A 47 -1.47 -9.87 7.69
N ILE A 48 -1.85 -8.77 7.05
CA ILE A 48 -1.77 -7.45 7.68
C ILE A 48 -2.96 -7.21 8.60
N GLY A 49 -4.10 -7.81 8.26
CA GLY A 49 -5.29 -7.65 9.08
C GLY A 49 -6.38 -6.86 8.37
N VAL A 50 -6.66 -7.24 7.12
CA VAL A 50 -7.68 -6.56 6.34
C VAL A 50 -8.52 -7.56 5.56
N PRO A 51 -9.80 -7.20 5.31
CA PRO A 51 -10.72 -8.05 4.56
C PRO A 51 -10.37 -8.16 3.08
N GLU A 52 -10.50 -9.36 2.53
CA GLU A 52 -10.19 -9.59 1.13
C GLU A 52 -10.78 -8.49 0.25
N SER A 53 -12.10 -8.37 0.28
CA SER A 53 -12.79 -7.37 -0.53
C SER A 53 -11.97 -6.08 -0.59
N THR A 54 -11.61 -5.55 0.56
CA THR A 54 -10.83 -4.32 0.64
C THR A 54 -9.50 -4.48 -0.10
N LEU A 55 -8.81 -5.58 0.17
CA LEU A 55 -7.53 -5.84 -0.46
C LEU A 55 -7.65 -5.83 -1.99
N ARG A 56 -8.60 -6.61 -2.50
CA ARG A 56 -8.83 -6.69 -3.93
C ARG A 56 -8.83 -5.29 -4.56
N GLY A 57 -9.48 -4.36 -3.88
CA GLY A 57 -9.55 -2.99 -4.39
C GLY A 57 -8.22 -2.50 -4.92
N TRP A 58 -7.21 -2.48 -4.07
CA TRP A 58 -5.88 -2.02 -4.46
C TRP A 58 -5.47 -2.66 -5.79
N CYS A 59 -5.32 -3.98 -5.79
CA CYS A 59 -4.94 -4.70 -6.99
C CYS A 59 -5.63 -4.12 -8.23
N LYS A 60 -6.93 -3.87 -8.10
CA LYS A 60 -7.71 -3.32 -9.19
C LYS A 60 -7.21 -1.93 -9.59
N ASN A 61 -7.23 -1.01 -8.63
CA ASN A 61 -6.78 0.35 -8.86
C ASN A 61 -5.26 0.45 -8.80
N GLU A 62 -4.60 -0.71 -8.79
CA GLU A 62 -3.15 -0.76 -8.72
C GLU A 62 -2.53 0.25 -9.68
N ASP A 63 -3.16 0.45 -10.83
CA ASP A 63 -2.67 1.39 -11.83
C ASP A 63 -2.18 2.66 -11.16
N LYS A 64 -3.09 3.35 -10.47
CA LYS A 64 -2.74 4.59 -9.78
C LYS A 64 -1.76 4.34 -8.65
N LEU A 65 -2.07 3.33 -7.83
CA LEU A 65 -1.20 2.99 -6.70
C LEU A 65 0.26 2.96 -7.12
N ARG A 66 0.52 2.36 -8.28
CA ARG A 66 1.89 2.26 -8.80
C ARG A 66 2.54 3.64 -8.87
N PHE A 67 1.74 4.65 -9.22
CA PHE A 67 2.24 6.01 -9.34
C PHE A 67 2.00 6.79 -8.05
N MET A 68 1.18 6.23 -7.17
CA MET A 68 0.86 6.87 -5.90
C MET A 68 2.12 7.03 -5.04
N SER A 69 2.83 5.93 -4.83
CA SER A 69 4.04 5.95 -4.03
C SER A 69 5.02 7.00 -4.55
N ARG A 70 5.20 7.04 -5.86
CA ARG A 70 6.11 7.99 -6.49
C ARG A 70 5.80 9.41 -6.02
N GLN A 71 4.53 9.69 -5.76
CA GLN A 71 4.11 11.00 -5.30
C GLN A 71 3.81 10.99 -3.81
N SER A 72 4.64 11.68 -3.03
CA SER A 72 4.46 11.75 -1.59
C SER A 72 3.17 12.48 -1.23
N ALA A 73 2.11 11.71 -1.00
CA ALA A 73 0.82 12.29 -0.64
C ALA A 73 -0.18 11.20 -0.27
N THR A 74 -1.12 11.54 0.61
CA THR A 74 -2.13 10.59 1.06
C THR A 74 -3.49 10.91 0.46
N ASP A 75 -4.03 9.97 -0.32
CA ASP A 75 -5.33 10.16 -0.95
C ASP A 75 -6.29 9.04 -0.56
N ASN A 76 -7.26 9.37 0.29
CA ASN A 76 -8.25 8.40 0.75
C ASN A 76 -9.35 8.21 -0.29
N LEU A 77 -9.56 9.23 -1.12
CA LEU A 77 -10.58 9.18 -2.16
C LEU A 77 -10.25 8.12 -3.21
N CYS A 78 -11.20 7.85 -4.08
CA CYS A 78 -11.01 6.86 -5.14
C CYS A 78 -11.70 7.29 -6.42
N ALA A 79 -11.26 6.72 -7.55
CA ALA A 79 -11.84 7.05 -8.84
C ALA A 79 -13.05 6.17 -9.14
N ASP A 80 -12.89 4.87 -8.94
CA ASP A 80 -13.97 3.92 -9.19
C ASP A 80 -13.63 2.54 -8.65
N ALA A 81 -14.65 1.79 -8.24
CA ALA A 81 -14.46 0.45 -7.70
C ALA A 81 -15.78 -0.28 -7.54
N LEU A 82 -15.87 -1.48 -8.07
CA LEU A 82 -17.08 -2.28 -7.98
C LEU A 82 -16.75 -3.76 -7.75
N GLY A 83 -17.70 -4.49 -7.17
CA GLY A 83 -17.49 -5.89 -6.91
C GLY A 83 -18.76 -6.59 -6.43
N ASP A 84 -19.60 -6.99 -7.39
CA ASP A 84 -20.85 -7.67 -7.06
C ASP A 84 -20.93 -9.02 -7.77
N LYS A 85 -22.06 -9.70 -7.61
CA LYS A 85 -22.26 -11.01 -8.23
C LYS A 85 -23.60 -11.07 -8.95
N MET A 86 -23.73 -10.27 -10.01
CA MET A 86 -24.97 -10.23 -10.79
C MET A 86 -26.18 -10.08 -9.89
N ASP A 87 -26.05 -9.26 -8.85
CA ASP A 87 -27.13 -9.04 -7.90
C ASP A 87 -27.82 -7.71 -8.19
N GLY A 1 32.02 -12.86 -19.64
CA GLY A 1 31.40 -11.97 -18.68
C GLY A 1 32.37 -11.46 -17.64
N SER A 2 31.85 -10.83 -16.59
CA SER A 2 32.69 -10.28 -15.53
C SER A 2 31.88 -10.13 -14.24
N SER A 3 32.56 -9.72 -13.18
CA SER A 3 31.92 -9.53 -11.88
C SER A 3 32.27 -8.16 -11.30
N GLY A 4 31.59 -7.80 -10.20
CA GLY A 4 31.86 -6.53 -9.56
C GLY A 4 31.76 -6.62 -8.05
N SER A 5 31.55 -5.46 -7.40
CA SER A 5 31.45 -5.41 -5.96
C SER A 5 30.42 -4.37 -5.52
N SER A 6 30.11 -4.37 -4.23
CA SER A 6 29.13 -3.43 -3.68
C SER A 6 29.56 -2.95 -2.30
N GLY A 7 28.95 -1.85 -1.85
CA GLY A 7 29.29 -1.30 -0.55
C GLY A 7 29.15 0.21 -0.51
N MET A 8 27.98 0.71 -0.87
CA MET A 8 27.72 2.14 -0.87
C MET A 8 26.28 2.44 -0.48
N ASN A 9 26.11 3.23 0.58
CA ASN A 9 24.78 3.58 1.06
C ASN A 9 24.71 5.07 1.40
N ILE A 10 23.97 5.82 0.59
CA ILE A 10 23.82 7.25 0.80
C ILE A 10 22.36 7.62 1.05
N ARG A 11 22.13 8.34 2.15
CA ARG A 11 20.77 8.76 2.52
C ARG A 11 20.80 9.76 3.66
N MET A 12 20.18 10.92 3.43
CA MET A 12 20.14 11.97 4.45
C MET A 12 18.83 12.76 4.35
N GLY A 13 18.12 12.83 5.47
CA GLY A 13 16.86 13.55 5.50
C GLY A 13 16.23 13.57 6.88
N THR A 14 16.12 12.39 7.49
CA THR A 14 15.54 12.27 8.82
C THR A 14 14.40 13.27 9.01
N LYS A 15 13.62 13.49 7.94
CA LYS A 15 12.50 14.42 7.99
C LYS A 15 11.58 14.11 9.18
N GLY A 16 10.53 14.90 9.33
CA GLY A 16 9.60 14.70 10.42
C GLY A 16 8.95 13.33 10.37
N LYS A 17 8.48 12.94 9.20
CA LYS A 17 7.83 11.64 9.03
C LYS A 17 7.02 11.27 10.26
N ARG A 18 6.18 12.19 10.72
CA ARG A 18 5.35 11.96 11.89
C ARG A 18 4.05 11.25 11.51
N PRO A 19 3.45 10.56 12.48
CA PRO A 19 2.19 9.82 12.27
C PRO A 19 1.00 10.75 12.07
N LEU A 20 0.16 10.41 11.11
CA LEU A 20 -1.02 11.21 10.82
C LEU A 20 -2.19 10.34 10.40
N ARG A 21 -3.35 10.96 10.18
CA ARG A 21 -4.54 10.23 9.77
C ARG A 21 -4.55 10.00 8.26
N SER A 22 -3.38 9.74 7.70
CA SER A 22 -3.25 9.51 6.27
C SER A 22 -2.26 8.38 5.99
N LEU A 23 -2.58 7.56 5.00
CA LEU A 23 -1.71 6.44 4.62
C LEU A 23 -1.07 6.68 3.27
N THR A 24 -0.28 5.71 2.81
CA THR A 24 0.40 5.82 1.51
C THR A 24 0.26 4.53 0.71
N PRO A 25 0.47 4.63 -0.61
CA PRO A 25 0.36 3.48 -1.51
C PRO A 25 1.51 2.50 -1.31
N ARG A 26 2.74 3.00 -1.33
CA ARG A 26 3.92 2.17 -1.16
C ARG A 26 3.67 1.09 -0.10
N ASP A 27 2.96 1.46 0.97
CA ASP A 27 2.65 0.52 2.04
C ASP A 27 1.71 -0.57 1.55
N LYS A 28 0.55 -0.16 1.04
CA LYS A 28 -0.44 -1.10 0.53
C LYS A 28 0.07 -1.84 -0.70
N ILE A 29 1.13 -1.30 -1.30
CA ILE A 29 1.73 -1.90 -2.48
C ILE A 29 2.51 -3.16 -2.13
N HIS A 30 3.38 -3.04 -1.14
CA HIS A 30 4.19 -4.18 -0.71
C HIS A 30 3.41 -5.48 -0.82
N ALA A 31 2.18 -5.47 -0.33
CA ALA A 31 1.33 -6.65 -0.39
C ALA A 31 0.98 -7.02 -1.83
N ILE A 32 0.46 -6.04 -2.56
CA ILE A 32 0.07 -6.26 -3.95
C ILE A 32 1.01 -7.27 -4.63
N GLN A 33 2.31 -7.05 -4.49
CA GLN A 33 3.30 -7.93 -5.08
C GLN A 33 3.22 -9.33 -4.47
N ARG A 34 3.31 -9.40 -3.15
CA ARG A 34 3.24 -10.68 -2.44
C ARG A 34 2.28 -11.64 -3.16
N ILE A 35 1.13 -11.13 -3.56
CA ILE A 35 0.14 -11.93 -4.24
C ILE A 35 0.72 -12.57 -5.50
N HIS A 36 1.20 -11.74 -6.41
CA HIS A 36 1.78 -12.22 -7.66
C HIS A 36 2.91 -13.21 -7.38
N ASP A 37 3.60 -13.02 -6.26
CA ASP A 37 4.70 -13.89 -5.88
C ASP A 37 4.25 -15.35 -5.87
N GLY A 38 3.16 -15.63 -5.15
CA GLY A 38 2.65 -16.99 -5.06
C GLY A 38 1.41 -17.08 -4.20
N GLU A 39 1.34 -16.24 -3.18
CA GLU A 39 0.19 -16.24 -2.28
C GLU A 39 -1.07 -15.73 -2.99
N SER A 40 -2.21 -15.91 -2.35
CA SER A 40 -3.48 -15.48 -2.92
C SER A 40 -4.01 -14.23 -2.21
N LYS A 41 -4.92 -13.53 -2.86
CA LYS A 41 -5.51 -12.32 -2.29
C LYS A 41 -5.95 -12.55 -0.86
N ALA A 42 -6.62 -13.68 -0.61
CA ALA A 42 -7.09 -14.01 0.72
C ALA A 42 -5.92 -14.16 1.70
N SER A 43 -5.02 -15.09 1.39
CA SER A 43 -3.86 -15.34 2.24
C SER A 43 -3.17 -14.02 2.62
N VAL A 44 -2.96 -13.17 1.62
CA VAL A 44 -2.32 -11.88 1.86
C VAL A 44 -3.20 -10.97 2.71
N ALA A 45 -4.51 -11.07 2.51
CA ALA A 45 -5.47 -10.25 3.26
C ALA A 45 -5.35 -10.53 4.76
N ARG A 46 -5.69 -11.75 5.16
CA ARG A 46 -5.62 -12.14 6.56
C ARG A 46 -4.19 -12.08 7.09
N ASP A 47 -3.24 -12.38 6.21
CA ASP A 47 -1.83 -12.36 6.58
C ASP A 47 -1.49 -11.11 7.38
N ILE A 48 -1.86 -9.95 6.83
CA ILE A 48 -1.60 -8.68 7.50
C ILE A 48 -2.68 -8.35 8.51
N GLY A 49 -3.91 -8.78 8.22
CA GLY A 49 -5.02 -8.54 9.13
C GLY A 49 -6.05 -7.58 8.53
N VAL A 50 -6.40 -7.82 7.27
CA VAL A 50 -7.37 -6.98 6.59
C VAL A 50 -8.40 -7.83 5.84
N PRO A 51 -9.63 -7.30 5.74
CA PRO A 51 -10.73 -8.00 5.05
C PRO A 51 -10.53 -8.06 3.54
N GLU A 52 -10.60 -9.26 2.98
CA GLU A 52 -10.42 -9.45 1.55
C GLU A 52 -11.05 -8.29 0.77
N SER A 53 -12.29 -7.97 1.11
CA SER A 53 -13.01 -6.89 0.43
C SER A 53 -12.10 -5.69 0.20
N THR A 54 -11.38 -5.29 1.26
CA THR A 54 -10.47 -4.16 1.17
C THR A 54 -9.31 -4.45 0.21
N LEU A 55 -8.58 -5.52 0.49
CA LEU A 55 -7.45 -5.91 -0.35
C LEU A 55 -7.78 -5.73 -1.83
N ARG A 56 -8.85 -6.37 -2.27
CA ARG A 56 -9.28 -6.28 -3.66
C ARG A 56 -9.16 -4.84 -4.18
N GLY A 57 -9.52 -3.89 -3.33
CA GLY A 57 -9.45 -2.49 -3.71
C GLY A 57 -8.07 -2.10 -4.22
N TRP A 58 -7.05 -2.42 -3.44
CA TRP A 58 -5.68 -2.09 -3.83
C TRP A 58 -5.35 -2.62 -5.22
N CYS A 59 -5.42 -3.93 -5.38
CA CYS A 59 -5.15 -4.57 -6.66
C CYS A 59 -6.02 -3.98 -7.76
N LYS A 60 -7.26 -3.66 -7.42
CA LYS A 60 -8.21 -3.08 -8.37
C LYS A 60 -7.64 -1.80 -8.99
N ASN A 61 -7.15 -0.91 -8.14
CA ASN A 61 -6.57 0.35 -8.60
C ASN A 61 -5.06 0.32 -8.54
N GLU A 62 -4.49 -0.88 -8.69
CA GLU A 62 -3.04 -1.05 -8.65
C GLU A 62 -2.37 -0.21 -9.74
N ASP A 63 -2.91 -0.26 -10.95
CA ASP A 63 -2.36 0.49 -12.06
C ASP A 63 -1.86 1.86 -11.61
N LYS A 64 -2.74 2.62 -10.97
CA LYS A 64 -2.38 3.95 -10.48
C LYS A 64 -1.44 3.85 -9.28
N LEU A 65 -1.82 3.03 -8.30
CA LEU A 65 -1.01 2.85 -7.10
C LEU A 65 0.47 2.78 -7.45
N ARG A 66 0.82 1.89 -8.36
CA ARG A 66 2.20 1.73 -8.79
C ARG A 66 2.85 3.08 -9.05
N PHE A 67 2.07 4.00 -9.60
CA PHE A 67 2.57 5.34 -9.91
C PHE A 67 2.26 6.32 -8.78
N MET A 68 1.30 5.94 -7.93
CA MET A 68 0.90 6.79 -6.82
C MET A 68 2.10 7.13 -5.94
N SER A 69 2.84 6.10 -5.54
CA SER A 69 4.02 6.30 -4.69
C SER A 69 4.85 7.47 -5.19
N ARG A 70 4.99 7.59 -6.50
CA ARG A 70 5.76 8.67 -7.10
C ARG A 70 5.06 10.01 -6.90
N GLN A 71 3.76 10.04 -7.16
CA GLN A 71 2.98 11.26 -7.00
C GLN A 71 2.82 11.62 -5.53
N SER A 72 3.64 12.56 -5.07
CA SER A 72 3.59 13.00 -3.68
C SER A 72 3.18 14.46 -3.58
N ALA A 73 3.02 14.94 -2.35
CA ALA A 73 2.63 16.34 -2.12
C ALA A 73 1.66 16.82 -3.19
N THR A 74 0.71 15.96 -3.55
CA THR A 74 -0.29 16.30 -4.56
C THR A 74 -1.63 16.61 -3.92
N ASP A 75 -2.30 17.63 -4.43
CA ASP A 75 -3.61 18.03 -3.92
C ASP A 75 -4.74 17.46 -4.77
N ASN A 76 -5.09 16.20 -4.51
CA ASN A 76 -6.15 15.54 -5.26
C ASN A 76 -7.43 15.45 -4.43
N LEU A 77 -8.49 16.05 -4.94
CA LEU A 77 -9.77 16.05 -4.25
C LEU A 77 -10.89 16.52 -5.17
N CYS A 78 -11.95 15.72 -5.27
CA CYS A 78 -13.09 16.05 -6.11
C CYS A 78 -14.39 15.50 -5.53
N ALA A 79 -15.49 16.20 -5.78
CA ALA A 79 -16.79 15.78 -5.27
C ALA A 79 -17.31 14.56 -6.02
N ASP A 80 -17.05 13.38 -5.45
CA ASP A 80 -17.48 12.12 -6.06
C ASP A 80 -17.85 11.10 -4.99
N ALA A 81 -18.42 9.99 -5.41
CA ALA A 81 -18.83 8.93 -4.50
C ALA A 81 -19.10 7.63 -5.25
N LEU A 82 -18.56 6.53 -4.72
CA LEU A 82 -18.75 5.23 -5.34
C LEU A 82 -20.20 4.77 -5.24
N GLY A 83 -20.66 4.05 -6.26
CA GLY A 83 -22.03 3.57 -6.27
C GLY A 83 -22.16 2.19 -6.87
N ASP A 84 -23.08 2.04 -7.81
CA ASP A 84 -23.30 0.76 -8.47
C ASP A 84 -24.18 0.93 -9.71
N LYS A 85 -23.90 0.14 -10.75
CA LYS A 85 -24.66 0.20 -11.99
C LYS A 85 -25.80 -0.80 -11.98
N MET A 86 -26.85 -0.51 -12.74
CA MET A 86 -28.01 -1.39 -12.81
C MET A 86 -28.21 -1.89 -14.25
N ASP A 87 -27.83 -3.13 -14.49
CA ASP A 87 -27.97 -3.74 -15.81
C ASP A 87 -29.43 -4.04 -16.12
N GLY A 1 36.65 17.82 -33.09
CA GLY A 1 37.31 18.46 -31.96
C GLY A 1 36.34 19.01 -30.95
N SER A 2 35.70 18.13 -30.19
CA SER A 2 34.73 18.53 -29.19
C SER A 2 35.42 18.79 -27.84
N SER A 3 34.65 19.27 -26.88
CA SER A 3 35.18 19.55 -25.54
C SER A 3 35.40 18.25 -24.76
N GLY A 4 34.45 17.34 -24.85
CA GLY A 4 34.57 16.08 -24.15
C GLY A 4 34.35 16.22 -22.66
N SER A 5 33.16 15.85 -22.20
CA SER A 5 32.83 15.95 -20.77
C SER A 5 31.85 14.85 -20.37
N SER A 6 32.01 14.36 -19.15
CA SER A 6 31.15 13.30 -18.64
C SER A 6 30.49 13.72 -17.32
N GLY A 7 29.41 13.02 -16.96
CA GLY A 7 28.72 13.33 -15.73
C GLY A 7 27.95 12.14 -15.18
N MET A 8 26.62 12.27 -15.13
CA MET A 8 25.77 11.20 -14.63
C MET A 8 26.18 10.81 -13.20
N ASN A 9 26.50 11.80 -12.38
CA ASN A 9 26.90 11.56 -11.01
C ASN A 9 25.82 12.00 -10.04
N ILE A 10 25.25 13.17 -10.29
CA ILE A 10 24.20 13.72 -9.44
C ILE A 10 23.25 12.62 -8.97
N ARG A 11 23.03 12.55 -7.66
CA ARG A 11 22.15 11.55 -7.08
C ARG A 11 21.06 12.20 -6.24
N MET A 12 19.96 11.47 -6.01
CA MET A 12 18.85 11.97 -5.23
C MET A 12 18.52 11.03 -4.08
N GLY A 13 17.76 11.53 -3.11
CA GLY A 13 17.39 10.71 -1.97
C GLY A 13 15.92 10.84 -1.62
N THR A 14 15.36 9.78 -1.06
CA THR A 14 13.95 9.77 -0.67
C THR A 14 13.78 9.95 0.83
N LYS A 15 13.44 11.17 1.24
CA LYS A 15 13.25 11.48 2.65
C LYS A 15 12.12 12.48 2.84
N GLY A 16 11.69 12.65 4.09
CA GLY A 16 10.62 13.58 4.39
C GLY A 16 9.92 13.27 5.70
N LYS A 17 8.61 13.47 5.73
CA LYS A 17 7.82 13.21 6.93
C LYS A 17 6.40 12.78 6.56
N ARG A 18 5.96 11.66 7.13
CA ARG A 18 4.62 11.16 6.86
C ARG A 18 3.61 11.69 7.88
N PRO A 19 2.37 11.88 7.44
CA PRO A 19 1.29 12.39 8.29
C PRO A 19 0.87 11.39 9.37
N LEU A 20 0.66 11.88 10.58
CA LEU A 20 0.24 11.03 11.69
C LEU A 20 -1.15 10.46 11.45
N ARG A 21 -1.46 9.34 12.11
CA ARG A 21 -2.75 8.70 11.98
C ARG A 21 -3.09 8.47 10.50
N SER A 22 -2.10 7.98 9.75
CA SER A 22 -2.30 7.71 8.33
C SER A 22 -1.27 6.69 7.82
N LEU A 23 -1.59 6.05 6.70
CA LEU A 23 -0.70 5.06 6.12
C LEU A 23 -0.21 5.51 4.75
N THR A 24 0.85 4.85 4.26
CA THR A 24 1.42 5.19 2.96
C THR A 24 0.84 4.32 1.86
N PRO A 25 0.85 4.82 0.62
CA PRO A 25 0.33 4.11 -0.54
C PRO A 25 1.19 2.90 -0.92
N ARG A 26 2.50 3.06 -0.77
CA ARG A 26 3.44 1.98 -1.09
C ARG A 26 3.13 0.73 -0.28
N ASP A 27 2.67 0.91 0.95
CA ASP A 27 2.33 -0.20 1.83
C ASP A 27 1.46 -1.21 1.09
N LYS A 28 0.54 -0.72 0.26
CA LYS A 28 -0.36 -1.58 -0.49
C LYS A 28 0.41 -2.33 -1.58
N ILE A 29 1.21 -1.60 -2.34
CA ILE A 29 1.99 -2.20 -3.41
C ILE A 29 2.86 -3.35 -2.90
N HIS A 30 3.57 -3.10 -1.80
CA HIS A 30 4.42 -4.11 -1.20
C HIS A 30 3.75 -5.48 -1.20
N ALA A 31 2.53 -5.52 -0.67
CA ALA A 31 1.77 -6.76 -0.62
C ALA A 31 1.28 -7.17 -2.00
N ILE A 32 0.72 -6.22 -2.73
CA ILE A 32 0.21 -6.48 -4.07
C ILE A 32 1.07 -7.53 -4.78
N GLN A 33 2.38 -7.35 -4.73
CA GLN A 33 3.31 -8.29 -5.36
C GLN A 33 3.13 -9.69 -4.81
N ARG A 34 3.31 -9.82 -3.49
CA ARG A 34 3.18 -11.12 -2.83
C ARG A 34 2.10 -11.97 -3.50
N ILE A 35 0.92 -11.37 -3.66
CA ILE A 35 -0.20 -12.07 -4.29
C ILE A 35 0.15 -12.50 -5.71
N HIS A 36 0.68 -11.58 -6.48
CA HIS A 36 1.05 -11.87 -7.87
C HIS A 36 2.00 -13.07 -7.94
N ASP A 37 2.86 -13.20 -6.94
CA ASP A 37 3.81 -14.30 -6.88
C ASP A 37 3.09 -15.63 -6.74
N GLY A 38 2.30 -15.76 -5.67
CA GLY A 38 1.57 -16.99 -5.44
C GLY A 38 0.65 -16.90 -4.24
N GLU A 39 1.11 -16.20 -3.20
CA GLU A 39 0.33 -16.04 -1.97
C GLU A 39 -1.15 -15.83 -2.31
N SER A 40 -2.01 -16.53 -1.58
CA SER A 40 -3.45 -16.42 -1.79
C SER A 40 -3.96 -15.04 -1.42
N LYS A 41 -4.82 -14.48 -2.26
CA LYS A 41 -5.38 -13.15 -2.02
C LYS A 41 -5.86 -13.02 -0.58
N ALA A 42 -6.36 -14.12 -0.02
CA ALA A 42 -6.85 -14.13 1.36
C ALA A 42 -5.69 -14.12 2.34
N SER A 43 -4.66 -14.90 2.05
CA SER A 43 -3.50 -14.98 2.92
C SER A 43 -2.94 -13.60 3.23
N VAL A 44 -2.61 -12.86 2.17
CA VAL A 44 -2.07 -11.51 2.32
C VAL A 44 -3.10 -10.57 2.95
N ALA A 45 -4.37 -10.77 2.60
CA ALA A 45 -5.44 -9.94 3.13
C ALA A 45 -5.46 -9.98 4.65
N ARG A 46 -5.30 -11.17 5.21
CA ARG A 46 -5.30 -11.33 6.66
C ARG A 46 -3.92 -11.06 7.25
N ASP A 47 -2.88 -11.37 6.47
CA ASP A 47 -1.51 -11.15 6.90
C ASP A 47 -1.38 -9.83 7.65
N ILE A 48 -2.04 -8.80 7.14
CA ILE A 48 -2.00 -7.48 7.76
C ILE A 48 -3.20 -7.27 8.68
N GLY A 49 -4.32 -7.88 8.32
CA GLY A 49 -5.53 -7.74 9.12
C GLY A 49 -6.60 -6.93 8.42
N VAL A 50 -6.90 -7.29 7.18
CA VAL A 50 -7.91 -6.60 6.39
C VAL A 50 -8.81 -7.58 5.65
N PRO A 51 -10.06 -7.17 5.40
CA PRO A 51 -11.04 -8.00 4.68
C PRO A 51 -10.69 -8.18 3.21
N GLU A 52 -10.75 -9.41 2.73
CA GLU A 52 -10.44 -9.72 1.34
C GLU A 52 -11.05 -8.66 0.41
N SER A 53 -12.22 -8.15 0.79
CA SER A 53 -12.91 -7.15 -0.01
C SER A 53 -12.01 -5.96 -0.27
N THR A 54 -11.54 -5.33 0.80
CA THR A 54 -10.66 -4.17 0.68
C THR A 54 -9.44 -4.49 -0.17
N LEU A 55 -8.66 -5.47 0.27
CA LEU A 55 -7.46 -5.88 -0.45
C LEU A 55 -7.67 -5.78 -1.96
N ARG A 56 -8.77 -6.34 -2.44
CA ARG A 56 -9.09 -6.32 -3.86
C ARG A 56 -8.98 -4.90 -4.42
N GLY A 57 -9.59 -3.95 -3.71
CA GLY A 57 -9.55 -2.57 -4.15
C GLY A 57 -8.17 -2.14 -4.59
N TRP A 58 -7.15 -2.59 -3.88
CA TRP A 58 -5.77 -2.24 -4.20
C TRP A 58 -5.29 -3.02 -5.42
N CYS A 59 -5.70 -4.28 -5.50
CA CYS A 59 -5.31 -5.14 -6.63
C CYS A 59 -6.14 -4.83 -7.86
N LYS A 60 -7.14 -3.96 -7.70
CA LYS A 60 -8.01 -3.59 -8.81
C LYS A 60 -7.53 -2.29 -9.45
N ASN A 61 -6.88 -1.46 -8.66
CA ASN A 61 -6.36 -0.18 -9.16
C ASN A 61 -4.85 -0.08 -8.95
N GLU A 62 -4.18 -1.23 -8.98
CA GLU A 62 -2.74 -1.27 -8.80
C GLU A 62 -2.06 -0.14 -9.56
N ASP A 63 -2.40 0.00 -10.84
CA ASP A 63 -1.82 1.03 -11.68
C ASP A 63 -1.56 2.31 -10.87
N LYS A 64 -2.63 2.92 -10.39
CA LYS A 64 -2.53 4.14 -9.60
C LYS A 64 -1.53 3.97 -8.46
N LEU A 65 -1.81 3.01 -7.58
CA LEU A 65 -0.93 2.75 -6.44
C LEU A 65 0.54 2.77 -6.87
N ARG A 66 0.84 2.08 -7.96
CA ARG A 66 2.21 2.03 -8.47
C ARG A 66 2.77 3.44 -8.62
N PHE A 67 1.92 4.39 -9.01
CA PHE A 67 2.35 5.76 -9.19
C PHE A 67 2.08 6.59 -7.93
N MET A 68 1.30 6.03 -7.03
CA MET A 68 0.97 6.72 -5.78
C MET A 68 2.22 6.94 -4.93
N SER A 69 3.08 5.93 -4.88
CA SER A 69 4.31 6.01 -4.10
C SER A 69 5.09 7.29 -4.44
N ARG A 70 5.10 7.64 -5.73
CA ARG A 70 5.79 8.84 -6.17
C ARG A 70 5.54 10.01 -5.24
N GLN A 71 4.34 10.05 -4.65
CA GLN A 71 3.98 11.11 -3.74
C GLN A 71 3.47 10.54 -2.41
N SER A 72 3.56 11.35 -1.35
CA SER A 72 3.11 10.92 -0.04
C SER A 72 2.38 12.05 0.68
N ALA A 73 1.17 11.76 1.17
CA ALA A 73 0.38 12.74 1.88
C ALA A 73 -0.90 12.13 2.44
N THR A 74 -1.63 12.91 3.23
CA THR A 74 -2.87 12.44 3.83
C THR A 74 -3.87 12.01 2.76
N ASP A 75 -3.98 10.70 2.54
CA ASP A 75 -4.89 10.16 1.55
C ASP A 75 -6.31 10.06 2.11
N ASN A 76 -7.30 10.18 1.24
CA ASN A 76 -8.69 10.10 1.66
C ASN A 76 -9.55 9.43 0.58
N LEU A 77 -10.52 8.64 1.00
CA LEU A 77 -11.41 7.95 0.06
C LEU A 77 -12.65 8.78 -0.21
N CYS A 78 -13.35 8.45 -1.30
CA CYS A 78 -14.57 9.17 -1.67
C CYS A 78 -15.80 8.45 -1.13
N ALA A 79 -15.98 7.19 -1.54
CA ALA A 79 -17.13 6.41 -1.09
C ALA A 79 -16.94 4.94 -1.43
N ASP A 80 -17.50 4.07 -0.60
CA ASP A 80 -17.38 2.63 -0.81
C ASP A 80 -18.71 2.05 -1.28
N ALA A 81 -19.78 2.82 -1.12
CA ALA A 81 -21.11 2.38 -1.53
C ALA A 81 -21.51 3.01 -2.86
N LEU A 82 -22.14 2.21 -3.72
CA LEU A 82 -22.57 2.69 -5.03
C LEU A 82 -24.05 3.05 -5.01
N GLY A 83 -24.86 2.17 -4.44
CA GLY A 83 -26.28 2.42 -4.37
C GLY A 83 -26.89 2.76 -5.72
N ASP A 84 -27.12 1.73 -6.53
CA ASP A 84 -27.68 1.93 -7.86
C ASP A 84 -28.89 1.02 -8.07
N LYS A 85 -29.63 1.27 -9.14
CA LYS A 85 -30.82 0.47 -9.45
C LYS A 85 -31.13 0.52 -10.95
N MET A 86 -31.62 -0.59 -11.48
CA MET A 86 -31.96 -0.66 -12.90
C MET A 86 -33.40 -1.14 -13.09
N ASP A 87 -34.31 -0.20 -13.28
CA ASP A 87 -35.72 -0.52 -13.48
C ASP A 87 -36.14 -0.29 -14.92
N GLY A 1 45.54 35.74 5.97
CA GLY A 1 44.36 35.03 5.54
C GLY A 1 43.51 35.84 4.57
N SER A 2 43.72 35.61 3.27
CA SER A 2 42.98 36.34 2.24
C SER A 2 42.81 35.48 0.99
N SER A 3 41.62 35.55 0.40
CA SER A 3 41.32 34.77 -0.80
C SER A 3 40.12 35.35 -1.53
N GLY A 4 39.98 34.97 -2.80
CA GLY A 4 38.87 35.48 -3.60
C GLY A 4 37.54 34.93 -3.12
N SER A 5 36.57 34.87 -4.04
CA SER A 5 35.24 34.39 -3.70
C SER A 5 34.51 33.88 -4.95
N SER A 6 33.53 33.00 -4.75
CA SER A 6 32.77 32.45 -5.86
C SER A 6 31.27 32.46 -5.55
N GLY A 7 30.47 32.07 -6.53
CA GLY A 7 29.03 32.04 -6.34
C GLY A 7 28.35 31.00 -7.21
N MET A 8 27.65 30.06 -6.57
CA MET A 8 26.96 29.01 -7.31
C MET A 8 25.49 28.95 -6.90
N ASN A 9 24.71 28.12 -7.60
CA ASN A 9 23.29 27.98 -7.32
C ASN A 9 23.05 26.82 -6.36
N ILE A 10 22.58 27.14 -5.16
CA ILE A 10 22.30 26.12 -4.16
C ILE A 10 20.96 26.38 -3.46
N ARG A 11 20.44 25.35 -2.80
CA ARG A 11 19.16 25.47 -2.11
C ARG A 11 19.17 24.65 -0.82
N MET A 12 18.69 25.24 0.26
CA MET A 12 18.64 24.57 1.55
C MET A 12 17.22 24.50 2.08
N GLY A 13 17.05 23.87 3.24
CA GLY A 13 15.72 23.74 3.82
C GLY A 13 15.11 22.38 3.59
N THR A 14 15.73 21.35 4.16
CA THR A 14 15.23 19.98 4.01
C THR A 14 14.76 19.41 5.34
N LYS A 15 13.45 19.28 5.50
CA LYS A 15 12.88 18.75 6.72
C LYS A 15 11.41 18.37 6.52
N GLY A 16 11.00 17.27 7.14
CA GLY A 16 9.63 16.82 7.02
C GLY A 16 8.79 17.16 8.23
N LYS A 17 7.51 16.85 8.17
CA LYS A 17 6.60 17.12 9.28
C LYS A 17 5.87 15.86 9.72
N ARG A 18 5.01 15.99 10.72
CA ARG A 18 4.24 14.86 11.23
C ARG A 18 3.38 14.25 10.14
N PRO A 19 3.18 12.93 10.20
CA PRO A 19 2.37 12.19 9.22
C PRO A 19 0.89 12.52 9.34
N LEU A 20 0.11 12.12 8.33
CA LEU A 20 -1.33 12.37 8.33
C LEU A 20 -2.10 11.06 8.44
N ARG A 21 -3.29 11.14 9.01
CA ARG A 21 -4.14 9.96 9.18
C ARG A 21 -4.67 9.49 7.83
N SER A 22 -3.87 8.68 7.14
CA SER A 22 -4.26 8.15 5.83
C SER A 22 -3.26 7.11 5.34
N LEU A 23 -3.77 5.93 5.01
CA LEU A 23 -2.92 4.84 4.53
C LEU A 23 -2.20 5.24 3.26
N THR A 24 -0.88 5.04 3.24
CA THR A 24 -0.06 5.37 2.08
C THR A 24 -0.29 4.39 0.95
N PRO A 25 -0.13 4.88 -0.30
CA PRO A 25 -0.31 4.05 -1.50
C PRO A 25 0.79 3.00 -1.65
N ARG A 26 1.85 3.14 -0.86
CA ARG A 26 2.96 2.20 -0.92
C ARG A 26 2.63 0.92 -0.15
N ASP A 27 2.31 1.08 1.13
CA ASP A 27 1.97 -0.06 1.98
C ASP A 27 1.18 -1.11 1.20
N LYS A 28 0.26 -0.64 0.36
CA LYS A 28 -0.57 -1.53 -0.45
C LYS A 28 0.29 -2.29 -1.46
N ILE A 29 1.16 -1.57 -2.15
CA ILE A 29 2.04 -2.17 -3.15
C ILE A 29 2.84 -3.34 -2.56
N HIS A 30 3.53 -3.07 -1.46
CA HIS A 30 4.33 -4.10 -0.78
C HIS A 30 3.62 -5.44 -0.83
N ALA A 31 2.37 -5.46 -0.39
CA ALA A 31 1.57 -6.68 -0.37
C ALA A 31 1.13 -7.07 -1.78
N ILE A 32 0.55 -6.11 -2.50
CA ILE A 32 0.08 -6.34 -3.85
C ILE A 32 0.97 -7.35 -4.57
N GLN A 33 2.29 -7.18 -4.42
CA GLN A 33 3.25 -8.07 -5.06
C GLN A 33 3.07 -9.51 -4.56
N ARG A 34 3.23 -9.70 -3.25
CA ARG A 34 3.09 -11.01 -2.65
C ARG A 34 1.99 -11.82 -3.34
N ILE A 35 0.79 -11.26 -3.37
CA ILE A 35 -0.34 -11.92 -4.01
C ILE A 35 0.04 -12.49 -5.37
N HIS A 36 0.55 -11.62 -6.24
CA HIS A 36 0.96 -12.04 -7.58
C HIS A 36 2.03 -13.12 -7.51
N ASP A 37 2.90 -13.02 -6.50
CA ASP A 37 3.98 -13.99 -6.32
C ASP A 37 3.42 -15.41 -6.29
N GLY A 38 2.34 -15.61 -5.53
CA GLY A 38 1.74 -16.93 -5.43
C GLY A 38 0.83 -17.06 -4.22
N GLU A 39 1.05 -16.20 -3.23
CA GLU A 39 0.25 -16.22 -2.01
C GLU A 39 -1.20 -15.86 -2.31
N SER A 40 -2.11 -16.78 -2.01
CA SER A 40 -3.53 -16.56 -2.25
C SER A 40 -3.96 -15.19 -1.77
N LYS A 41 -4.86 -14.55 -2.51
CA LYS A 41 -5.34 -13.23 -2.17
C LYS A 41 -5.77 -13.17 -0.71
N ALA A 42 -6.46 -14.20 -0.25
CA ALA A 42 -6.92 -14.27 1.13
C ALA A 42 -5.75 -14.31 2.09
N SER A 43 -4.76 -15.15 1.78
CA SER A 43 -3.59 -15.29 2.63
C SER A 43 -2.92 -13.93 2.86
N VAL A 44 -2.75 -13.17 1.78
CA VAL A 44 -2.13 -11.85 1.87
C VAL A 44 -3.02 -10.87 2.62
N ALA A 45 -4.32 -10.93 2.34
CA ALA A 45 -5.29 -10.05 2.98
C ALA A 45 -5.18 -10.14 4.49
N ARG A 46 -5.09 -11.36 5.00
CA ARG A 46 -4.99 -11.58 6.44
C ARG A 46 -3.58 -11.28 6.94
N ASP A 47 -2.60 -11.45 6.07
CA ASP A 47 -1.21 -11.20 6.42
C ASP A 47 -1.07 -9.84 7.11
N ILE A 48 -1.48 -8.79 6.42
CA ILE A 48 -1.40 -7.44 6.98
C ILE A 48 -2.49 -7.21 8.02
N GLY A 49 -3.61 -7.90 7.86
CA GLY A 49 -4.71 -7.75 8.80
C GLY A 49 -5.90 -7.03 8.20
N VAL A 50 -6.32 -7.47 7.02
CA VAL A 50 -7.45 -6.86 6.34
C VAL A 50 -8.26 -7.90 5.57
N PRO A 51 -9.58 -7.67 5.46
CA PRO A 51 -10.48 -8.58 4.75
C PRO A 51 -10.26 -8.55 3.25
N GLU A 52 -10.11 -9.74 2.65
CA GLU A 52 -9.90 -9.85 1.23
C GLU A 52 -10.77 -8.85 0.46
N SER A 53 -11.99 -8.65 0.94
CA SER A 53 -12.92 -7.72 0.30
C SER A 53 -12.25 -6.38 0.04
N THR A 54 -11.66 -5.81 1.09
CA THR A 54 -10.99 -4.52 0.97
C THR A 54 -9.71 -4.64 0.17
N LEU A 55 -8.92 -5.67 0.47
CA LEU A 55 -7.66 -5.90 -0.24
C LEU A 55 -7.84 -5.72 -1.75
N ARG A 56 -8.87 -6.33 -2.29
CA ARG A 56 -9.16 -6.24 -3.72
C ARG A 56 -9.14 -4.78 -4.18
N GLY A 57 -9.81 -3.92 -3.43
CA GLY A 57 -9.87 -2.51 -3.77
C GLY A 57 -8.56 -2.01 -4.34
N TRP A 58 -7.48 -2.16 -3.59
CA TRP A 58 -6.17 -1.71 -4.02
C TRP A 58 -5.79 -2.34 -5.37
N CYS A 59 -5.85 -3.66 -5.42
CA CYS A 59 -5.52 -4.39 -6.64
C CYS A 59 -6.24 -3.80 -7.84
N LYS A 60 -7.47 -3.34 -7.62
CA LYS A 60 -8.27 -2.74 -8.69
C LYS A 60 -7.57 -1.52 -9.26
N ASN A 61 -7.22 -0.57 -8.40
CA ASN A 61 -6.55 0.65 -8.84
C ASN A 61 -5.05 0.58 -8.53
N GLU A 62 -4.51 -0.63 -8.54
CA GLU A 62 -3.10 -0.83 -8.26
C GLU A 62 -2.23 -0.06 -9.26
N ASP A 63 -2.61 -0.11 -10.53
CA ASP A 63 -1.88 0.59 -11.58
C ASP A 63 -1.33 1.92 -11.05
N LYS A 64 -2.23 2.80 -10.63
CA LYS A 64 -1.84 4.11 -10.11
C LYS A 64 -0.96 3.96 -8.88
N LEU A 65 -1.46 3.25 -7.88
CA LEU A 65 -0.72 3.03 -6.64
C LEU A 65 0.76 2.76 -6.93
N ARG A 66 1.01 1.81 -7.83
CA ARG A 66 2.37 1.45 -8.20
C ARG A 66 3.20 2.71 -8.51
N PHE A 67 2.55 3.69 -9.14
CA PHE A 67 3.22 4.93 -9.50
C PHE A 67 2.99 6.00 -8.44
N MET A 68 1.99 5.77 -7.60
CA MET A 68 1.67 6.72 -6.53
C MET A 68 2.88 6.97 -5.65
N SER A 69 3.44 5.90 -5.10
CA SER A 69 4.60 6.00 -4.22
C SER A 69 5.60 7.02 -4.76
N ARG A 70 5.96 6.87 -6.02
CA ARG A 70 6.91 7.77 -6.67
C ARG A 70 6.55 9.22 -6.39
N GLN A 71 5.27 9.55 -6.54
CA GLN A 71 4.79 10.90 -6.31
C GLN A 71 4.94 11.29 -4.84
N SER A 72 6.16 11.63 -4.44
CA SER A 72 6.43 12.01 -3.06
C SER A 72 5.56 11.22 -2.10
N ALA A 73 5.41 9.93 -2.35
CA ALA A 73 4.60 9.06 -1.51
C ALA A 73 5.37 7.82 -1.09
N THR A 74 6.65 8.01 -0.77
CA THR A 74 7.50 6.90 -0.36
C THR A 74 8.65 7.39 0.53
N ASP A 75 8.80 6.77 1.69
CA ASP A 75 9.85 7.14 2.63
C ASP A 75 11.11 6.30 2.40
N ASN A 76 11.95 6.73 1.48
CA ASN A 76 13.17 6.01 1.16
C ASN A 76 14.35 6.98 1.02
N LEU A 77 15.27 6.92 1.97
CA LEU A 77 16.45 7.79 1.94
C LEU A 77 17.59 7.15 1.15
N CYS A 78 17.70 5.83 1.24
CA CYS A 78 18.73 5.10 0.54
C CYS A 78 18.58 5.26 -0.98
N ALA A 79 19.66 4.98 -1.71
CA ALA A 79 19.65 5.09 -3.16
C ALA A 79 18.29 4.69 -3.73
N ASP A 80 17.75 5.53 -4.59
CA ASP A 80 16.45 5.27 -5.21
C ASP A 80 16.54 5.39 -6.72
N ALA A 81 17.61 4.87 -7.29
CA ALA A 81 17.82 4.92 -8.74
C ALA A 81 17.69 6.35 -9.26
N LEU A 82 18.26 7.29 -8.52
CA LEU A 82 18.20 8.70 -8.91
C LEU A 82 18.74 8.89 -10.32
N GLY A 83 18.17 9.86 -11.04
CA GLY A 83 18.60 10.14 -12.39
C GLY A 83 17.98 11.40 -12.96
N ASP A 84 18.53 11.87 -14.07
CA ASP A 84 18.01 13.08 -14.72
C ASP A 84 16.57 12.89 -15.17
N LYS A 85 15.68 13.69 -14.61
CA LYS A 85 14.26 13.62 -14.95
C LYS A 85 14.02 14.12 -16.37
N MET A 86 12.83 13.82 -16.91
CA MET A 86 12.48 14.24 -18.26
C MET A 86 12.30 15.76 -18.31
N ASP A 87 13.40 16.47 -18.45
CA ASP A 87 13.36 17.93 -18.52
C ASP A 87 12.34 18.39 -19.54
N GLY A 1 24.20 -7.20 -34.61
CA GLY A 1 23.51 -8.42 -34.24
C GLY A 1 22.12 -8.17 -33.72
N SER A 2 21.27 -9.19 -33.76
CA SER A 2 19.89 -9.06 -33.29
C SER A 2 19.75 -9.65 -31.88
N SER A 3 19.32 -8.83 -30.94
CA SER A 3 19.14 -9.27 -29.56
C SER A 3 18.49 -8.17 -28.73
N GLY A 4 18.22 -8.49 -27.47
CA GLY A 4 17.60 -7.52 -26.57
C GLY A 4 16.66 -8.17 -25.58
N SER A 5 17.09 -8.26 -24.32
CA SER A 5 16.29 -8.87 -23.27
C SER A 5 16.60 -8.24 -21.92
N SER A 6 15.70 -8.44 -20.96
CA SER A 6 15.87 -7.88 -19.62
C SER A 6 15.54 -8.93 -18.56
N GLY A 7 16.13 -8.77 -17.39
CA GLY A 7 15.90 -9.71 -16.30
C GLY A 7 16.16 -9.09 -14.94
N MET A 8 17.31 -8.46 -14.78
CA MET A 8 17.68 -7.84 -13.51
C MET A 8 16.47 -7.20 -12.86
N ASN A 9 16.26 -7.52 -11.58
CA ASN A 9 15.13 -6.98 -10.83
C ASN A 9 15.58 -5.86 -9.89
N ILE A 10 15.07 -4.66 -10.12
CA ILE A 10 15.42 -3.51 -9.30
C ILE A 10 14.53 -3.43 -8.06
N ARG A 11 15.17 -3.38 -6.90
CA ARG A 11 14.45 -3.31 -5.63
C ARG A 11 14.95 -2.14 -4.78
N MET A 12 14.08 -1.15 -4.59
CA MET A 12 14.45 0.02 -3.79
C MET A 12 14.32 -0.27 -2.30
N GLY A 13 14.68 0.71 -1.48
CA GLY A 13 14.59 0.53 -0.04
C GLY A 13 13.72 1.58 0.63
N THR A 14 13.24 1.27 1.83
CA THR A 14 12.38 2.19 2.57
C THR A 14 13.19 3.37 3.10
N LYS A 15 13.28 4.43 2.29
CA LYS A 15 14.01 5.62 2.68
C LYS A 15 13.09 6.61 3.40
N GLY A 16 12.22 6.08 4.25
CA GLY A 16 11.30 6.92 4.99
C GLY A 16 11.11 6.45 6.41
N LYS A 17 11.47 7.30 7.37
CA LYS A 17 11.33 6.96 8.79
C LYS A 17 10.46 8.00 9.50
N ARG A 18 10.53 9.23 9.04
CA ARG A 18 9.75 10.31 9.64
C ARG A 18 8.30 9.88 9.85
N PRO A 19 7.69 10.35 10.95
CA PRO A 19 6.30 10.03 11.29
C PRO A 19 5.30 10.69 10.34
N LEU A 20 4.16 10.05 10.18
CA LEU A 20 3.12 10.57 9.30
C LEU A 20 1.73 10.34 9.88
N ARG A 21 0.72 10.93 9.26
CA ARG A 21 -0.66 10.79 9.72
C ARG A 21 -1.58 10.36 8.58
N SER A 22 -1.06 9.52 7.69
CA SER A 22 -1.84 9.05 6.55
C SER A 22 -1.17 7.82 5.91
N LEU A 23 -1.90 6.73 5.84
CA LEU A 23 -1.39 5.50 5.25
C LEU A 23 -0.99 5.72 3.80
N THR A 24 0.30 5.67 3.53
CA THR A 24 0.82 5.87 2.18
C THR A 24 0.39 4.72 1.26
N PRO A 25 0.32 5.00 -0.05
CA PRO A 25 -0.07 4.01 -1.05
C PRO A 25 0.98 2.93 -1.23
N ARG A 26 2.19 3.18 -0.75
CA ARG A 26 3.28 2.23 -0.86
C ARG A 26 3.09 1.06 0.10
N ASP A 27 2.33 1.30 1.17
CA ASP A 27 2.07 0.28 2.17
C ASP A 27 1.25 -0.86 1.57
N LYS A 28 0.40 -0.53 0.61
CA LYS A 28 -0.44 -1.53 -0.05
C LYS A 28 0.34 -2.26 -1.13
N ILE A 29 1.12 -1.53 -1.90
CA ILE A 29 1.93 -2.11 -2.97
C ILE A 29 2.77 -3.26 -2.45
N HIS A 30 3.46 -3.03 -1.34
CA HIS A 30 4.31 -4.05 -0.73
C HIS A 30 3.66 -5.43 -0.84
N ALA A 31 2.43 -5.53 -0.34
CA ALA A 31 1.70 -6.79 -0.38
C ALA A 31 1.23 -7.11 -1.80
N ILE A 32 0.68 -6.11 -2.48
CA ILE A 32 0.19 -6.29 -3.84
C ILE A 32 1.05 -7.29 -4.61
N GLN A 33 2.37 -7.14 -4.47
CA GLN A 33 3.30 -8.03 -5.15
C GLN A 33 3.08 -9.47 -4.73
N ARG A 34 3.15 -9.73 -3.43
CA ARG A 34 2.96 -11.08 -2.90
C ARG A 34 1.93 -11.84 -3.72
N ILE A 35 0.70 -11.33 -3.76
CA ILE A 35 -0.38 -11.97 -4.51
C ILE A 35 0.12 -12.47 -5.85
N HIS A 36 0.69 -11.57 -6.65
CA HIS A 36 1.21 -11.92 -7.96
C HIS A 36 2.15 -13.12 -7.87
N ASP A 37 2.94 -13.16 -6.80
CA ASP A 37 3.88 -14.26 -6.60
C ASP A 37 3.16 -15.60 -6.57
N GLY A 38 2.07 -15.67 -5.83
CA GLY A 38 1.30 -16.90 -5.73
C GLY A 38 0.37 -16.91 -4.54
N GLU A 39 0.78 -16.23 -3.46
CA GLU A 39 -0.03 -16.17 -2.25
C GLU A 39 -1.47 -15.80 -2.57
N SER A 40 -2.41 -16.64 -2.14
CA SER A 40 -3.82 -16.41 -2.39
C SER A 40 -4.28 -15.10 -1.77
N LYS A 41 -4.97 -14.28 -2.56
CA LYS A 41 -5.45 -12.99 -2.09
C LYS A 41 -5.86 -13.06 -0.62
N ALA A 42 -6.72 -14.03 -0.30
CA ALA A 42 -7.19 -14.21 1.08
C ALA A 42 -6.02 -14.25 2.05
N SER A 43 -5.02 -15.08 1.75
CA SER A 43 -3.85 -15.20 2.61
C SER A 43 -3.27 -13.84 2.94
N VAL A 44 -2.88 -13.10 1.90
CA VAL A 44 -2.31 -11.77 2.09
C VAL A 44 -3.27 -10.85 2.85
N ALA A 45 -4.52 -10.83 2.41
CA ALA A 45 -5.54 -10.00 3.04
C ALA A 45 -5.44 -10.09 4.56
N ARG A 46 -5.12 -11.28 5.06
CA ARG A 46 -5.00 -11.49 6.50
C ARG A 46 -3.57 -11.23 6.97
N ASP A 47 -2.60 -11.57 6.12
CA ASP A 47 -1.20 -11.38 6.44
C ASP A 47 -0.98 -10.08 7.21
N ILE A 48 -1.80 -9.07 6.89
CA ILE A 48 -1.71 -7.78 7.55
C ILE A 48 -2.86 -7.56 8.52
N GLY A 49 -4.03 -8.12 8.17
CA GLY A 49 -5.20 -7.98 9.01
C GLY A 49 -6.26 -7.11 8.38
N VAL A 50 -6.66 -7.45 7.16
CA VAL A 50 -7.68 -6.71 6.44
C VAL A 50 -8.64 -7.64 5.70
N PRO A 51 -9.89 -7.21 5.53
CA PRO A 51 -10.92 -7.98 4.84
C PRO A 51 -10.65 -8.09 3.35
N GLU A 52 -10.68 -9.32 2.84
CA GLU A 52 -10.45 -9.55 1.41
C GLU A 52 -11.01 -8.42 0.56
N SER A 53 -12.17 -7.91 0.96
CA SER A 53 -12.81 -6.81 0.24
C SER A 53 -11.83 -5.68 0.01
N THR A 54 -11.34 -5.10 1.10
CA THR A 54 -10.40 -3.99 1.01
C THR A 54 -9.20 -4.35 0.14
N LEU A 55 -8.53 -5.44 0.49
CA LEU A 55 -7.36 -5.89 -0.27
C LEU A 55 -7.62 -5.81 -1.77
N ARG A 56 -8.55 -6.62 -2.24
CA ARG A 56 -8.89 -6.64 -3.67
C ARG A 56 -8.84 -5.23 -4.26
N GLY A 57 -9.57 -4.31 -3.64
CA GLY A 57 -9.59 -2.94 -4.12
C GLY A 57 -8.23 -2.48 -4.61
N TRP A 58 -7.22 -2.67 -3.79
CA TRP A 58 -5.86 -2.27 -4.15
C TRP A 58 -5.43 -2.90 -5.48
N CYS A 59 -5.26 -4.21 -5.47
CA CYS A 59 -4.86 -4.93 -6.68
C CYS A 59 -5.67 -4.47 -7.88
N LYS A 60 -6.94 -4.16 -7.66
CA LYS A 60 -7.82 -3.70 -8.72
C LYS A 60 -7.33 -2.37 -9.31
N ASN A 61 -7.02 -1.42 -8.42
CA ASN A 61 -6.53 -0.12 -8.85
C ASN A 61 -5.04 0.03 -8.56
N GLU A 62 -4.32 -1.09 -8.59
CA GLU A 62 -2.89 -1.08 -8.34
C GLU A 62 -2.16 -0.21 -9.35
N ASP A 63 -2.70 -0.14 -10.58
CA ASP A 63 -2.11 0.66 -11.64
C ASP A 63 -1.65 2.01 -11.10
N LYS A 64 -2.60 2.78 -10.58
CA LYS A 64 -2.29 4.10 -10.04
C LYS A 64 -1.34 3.99 -8.84
N LEU A 65 -1.73 3.19 -7.86
CA LEU A 65 -0.92 3.01 -6.66
C LEU A 65 0.56 2.89 -7.02
N ARG A 66 0.87 2.01 -7.98
CA ARG A 66 2.24 1.80 -8.41
C ARG A 66 2.92 3.14 -8.70
N PHE A 67 2.17 4.08 -9.26
CA PHE A 67 2.70 5.40 -9.58
C PHE A 67 2.41 6.39 -8.45
N MET A 68 1.50 6.02 -7.57
CA MET A 68 1.14 6.88 -6.44
C MET A 68 2.35 7.19 -5.58
N SER A 69 3.05 6.13 -5.15
CA SER A 69 4.23 6.30 -4.31
C SER A 69 5.17 7.36 -4.88
N ARG A 70 5.33 7.35 -6.20
CA ARG A 70 6.19 8.31 -6.87
C ARG A 70 5.59 9.72 -6.81
N GLN A 71 4.36 9.84 -7.27
CA GLN A 71 3.68 11.13 -7.28
C GLN A 71 2.18 10.96 -7.03
N SER A 72 1.64 11.76 -6.12
CA SER A 72 0.21 11.69 -5.78
C SER A 72 -0.29 13.04 -5.31
N ALA A 73 -1.62 13.17 -5.21
CA ALA A 73 -2.24 14.42 -4.77
C ALA A 73 -3.25 14.16 -3.67
N THR A 74 -2.95 14.66 -2.47
CA THR A 74 -3.84 14.47 -1.33
C THR A 74 -5.27 14.84 -1.68
N ASP A 75 -6.21 14.03 -1.22
CA ASP A 75 -7.63 14.26 -1.48
C ASP A 75 -8.49 13.79 -0.31
N ASN A 76 -9.71 14.30 -0.26
CA ASN A 76 -10.64 13.94 0.81
C ASN A 76 -11.81 13.12 0.27
N LEU A 77 -12.67 12.66 1.18
CA LEU A 77 -13.82 11.86 0.80
C LEU A 77 -13.44 10.78 -0.20
N CYS A 78 -12.36 10.08 0.09
CA CYS A 78 -11.87 9.00 -0.78
C CYS A 78 -12.74 7.76 -0.64
N ALA A 79 -13.95 7.81 -1.19
CA ALA A 79 -14.87 6.69 -1.11
C ALA A 79 -16.02 6.86 -2.09
N ASP A 80 -16.31 5.81 -2.86
CA ASP A 80 -17.39 5.85 -3.84
C ASP A 80 -18.14 4.52 -3.86
N ALA A 81 -19.43 4.58 -4.20
CA ALA A 81 -20.26 3.39 -4.26
C ALA A 81 -20.49 2.96 -5.71
N LEU A 82 -20.86 1.69 -5.88
CA LEU A 82 -21.12 1.15 -7.22
C LEU A 82 -22.60 0.92 -7.43
N GLY A 83 -23.20 0.08 -6.59
CA GLY A 83 -24.62 -0.22 -6.72
C GLY A 83 -25.44 1.02 -7.03
N ASP A 84 -26.53 0.82 -7.75
CA ASP A 84 -27.41 1.93 -8.12
C ASP A 84 -28.87 1.48 -8.15
N LYS A 85 -29.77 2.44 -8.37
CA LYS A 85 -31.20 2.14 -8.41
C LYS A 85 -31.69 2.06 -9.85
N MET A 86 -32.01 0.86 -10.29
CA MET A 86 -32.50 0.64 -11.65
C MET A 86 -34.02 0.44 -11.66
N ASP A 87 -34.74 1.51 -11.97
CA ASP A 87 -36.20 1.45 -12.01
C ASP A 87 -36.79 2.75 -12.56
N GLY A 1 -14.26 16.93 6.56
CA GLY A 1 -14.02 17.53 5.26
C GLY A 1 -12.57 17.93 5.07
N SER A 2 -12.35 19.18 4.66
CA SER A 2 -11.00 19.67 4.42
C SER A 2 -10.97 21.20 4.49
N SER A 3 -9.78 21.75 4.73
CA SER A 3 -9.61 23.20 4.81
C SER A 3 -9.27 23.78 3.45
N GLY A 4 -8.15 23.35 2.88
CA GLY A 4 -7.72 23.84 1.59
C GLY A 4 -6.62 24.87 1.69
N SER A 5 -5.39 24.44 1.44
CA SER A 5 -4.24 25.34 1.51
C SER A 5 -3.20 24.97 0.45
N SER A 6 -2.39 25.96 0.07
CA SER A 6 -1.36 25.75 -0.94
C SER A 6 -0.06 26.44 -0.54
N GLY A 7 1.06 25.84 -0.93
CA GLY A 7 2.36 26.42 -0.61
C GLY A 7 3.33 25.38 -0.07
N MET A 8 4.05 24.72 -0.97
CA MET A 8 5.02 23.70 -0.59
C MET A 8 6.39 24.00 -1.19
N ASN A 9 6.78 25.26 -1.16
CA ASN A 9 8.07 25.67 -1.71
C ASN A 9 9.08 25.91 -0.59
N ILE A 10 9.65 24.84 -0.07
CA ILE A 10 10.63 24.92 1.00
C ILE A 10 11.80 23.96 0.76
N ARG A 11 12.96 24.30 1.31
CA ARG A 11 14.15 23.47 1.16
C ARG A 11 14.20 22.39 2.24
N MET A 12 13.03 21.88 2.60
CA MET A 12 12.93 20.84 3.62
C MET A 12 14.15 19.90 3.56
N GLY A 13 14.52 19.52 2.34
CA GLY A 13 15.66 18.63 2.16
C GLY A 13 15.65 17.48 3.15
N THR A 14 16.32 17.66 4.27
CA THR A 14 16.39 16.63 5.30
C THR A 14 15.05 15.93 5.48
N LYS A 15 14.94 14.72 4.94
CA LYS A 15 13.70 13.95 5.05
C LYS A 15 13.17 13.95 6.48
N GLY A 16 12.06 14.66 6.69
CA GLY A 16 11.47 14.72 8.02
C GLY A 16 10.85 13.41 8.45
N LYS A 17 9.71 13.48 9.12
CA LYS A 17 9.02 12.29 9.59
C LYS A 17 7.51 12.47 9.51
N ARG A 18 6.80 11.40 9.16
CA ARG A 18 5.35 11.44 9.05
C ARG A 18 4.69 10.73 10.23
N PRO A 19 3.43 11.08 10.50
CA PRO A 19 2.65 10.49 11.60
C PRO A 19 2.30 9.03 11.35
N LEU A 20 2.04 8.30 12.41
CA LEU A 20 1.68 6.89 12.31
C LEU A 20 0.21 6.71 11.94
N ARG A 21 -0.47 7.83 11.76
CA ARG A 21 -1.90 7.81 11.41
C ARG A 21 -2.07 7.78 9.89
N SER A 22 -1.38 8.69 9.20
CA SER A 22 -1.46 8.76 7.74
C SER A 22 -0.68 7.62 7.09
N LEU A 23 -1.40 6.74 6.41
CA LEU A 23 -0.78 5.61 5.74
C LEU A 23 -0.20 6.02 4.38
N THR A 24 0.88 5.35 3.98
CA THR A 24 1.52 5.65 2.71
C THR A 24 0.96 4.78 1.59
N PRO A 25 0.93 5.32 0.37
CA PRO A 25 0.43 4.62 -0.81
C PRO A 25 1.34 3.48 -1.24
N ARG A 26 2.56 3.47 -0.72
CA ARG A 26 3.53 2.43 -1.05
C ARG A 26 3.15 1.11 -0.39
N ASP A 27 2.77 1.17 0.88
CA ASP A 27 2.38 -0.02 1.62
C ASP A 27 1.44 -0.90 0.80
N LYS A 28 0.33 -0.31 0.36
CA LYS A 28 -0.65 -1.05 -0.44
C LYS A 28 0.05 -1.92 -1.47
N ILE A 29 1.17 -1.44 -1.99
CA ILE A 29 1.93 -2.18 -2.99
C ILE A 29 2.63 -3.39 -2.37
N HIS A 30 3.15 -3.20 -1.16
CA HIS A 30 3.84 -4.27 -0.45
C HIS A 30 3.15 -5.62 -0.69
N ALA A 31 1.84 -5.65 -0.45
CA ALA A 31 1.07 -6.87 -0.64
C ALA A 31 0.86 -7.17 -2.12
N ILE A 32 0.38 -6.18 -2.86
CA ILE A 32 0.13 -6.33 -4.28
C ILE A 32 1.16 -7.26 -4.92
N GLN A 33 2.44 -6.95 -4.72
CA GLN A 33 3.52 -7.77 -5.26
C GLN A 33 3.52 -9.15 -4.65
N ARG A 34 3.26 -9.23 -3.35
CA ARG A 34 3.23 -10.50 -2.64
C ARG A 34 2.14 -11.41 -3.20
N ILE A 35 1.05 -10.81 -3.67
CA ILE A 35 -0.06 -11.56 -4.24
C ILE A 35 0.34 -12.22 -5.55
N HIS A 36 1.05 -11.47 -6.39
CA HIS A 36 1.49 -11.98 -7.69
C HIS A 36 2.57 -13.05 -7.51
N ASP A 37 3.50 -12.80 -6.60
CA ASP A 37 4.58 -13.74 -6.33
C ASP A 37 4.05 -15.17 -6.20
N GLY A 38 2.92 -15.31 -5.50
CA GLY A 38 2.32 -16.62 -5.32
C GLY A 38 1.18 -16.60 -4.33
N GLU A 39 1.33 -15.80 -3.27
CA GLU A 39 0.31 -15.70 -2.24
C GLU A 39 -1.04 -15.34 -2.86
N SER A 40 -2.12 -15.80 -2.21
CA SER A 40 -3.47 -15.54 -2.70
C SER A 40 -4.10 -14.38 -1.93
N LYS A 41 -4.88 -13.56 -2.64
CA LYS A 41 -5.54 -12.41 -2.03
C LYS A 41 -6.03 -12.76 -0.62
N ALA A 42 -6.79 -13.84 -0.51
CA ALA A 42 -7.31 -14.28 0.78
C ALA A 42 -6.20 -14.38 1.82
N SER A 43 -5.07 -14.95 1.41
CA SER A 43 -3.94 -15.12 2.31
C SER A 43 -3.28 -13.77 2.61
N VAL A 44 -2.97 -13.02 1.57
CA VAL A 44 -2.34 -11.71 1.72
C VAL A 44 -3.16 -10.82 2.66
N ALA A 45 -4.47 -10.84 2.48
CA ALA A 45 -5.36 -10.04 3.31
C ALA A 45 -5.07 -10.24 4.79
N ARG A 46 -5.23 -11.49 5.24
CA ARG A 46 -4.99 -11.83 6.64
C ARG A 46 -3.51 -11.66 7.00
N ASP A 47 -2.66 -11.68 5.98
CA ASP A 47 -1.22 -11.52 6.18
C ASP A 47 -0.92 -10.29 7.02
N ILE A 48 -1.60 -9.19 6.71
CA ILE A 48 -1.40 -7.94 7.44
C ILE A 48 -2.54 -7.69 8.42
N GLY A 49 -3.68 -8.34 8.18
CA GLY A 49 -4.82 -8.18 9.06
C GLY A 49 -5.92 -7.33 8.44
N VAL A 50 -6.19 -7.57 7.16
CA VAL A 50 -7.21 -6.83 6.44
C VAL A 50 -8.19 -7.77 5.73
N PRO A 51 -9.46 -7.35 5.65
CA PRO A 51 -10.51 -8.14 5.01
C PRO A 51 -10.34 -8.19 3.50
N GLU A 52 -10.59 -9.37 2.92
CA GLU A 52 -10.47 -9.56 1.48
C GLU A 52 -11.08 -8.38 0.72
N SER A 53 -12.37 -8.14 0.98
CA SER A 53 -13.08 -7.05 0.33
C SER A 53 -12.17 -5.83 0.14
N THR A 54 -11.68 -5.30 1.25
CA THR A 54 -10.80 -4.14 1.21
C THR A 54 -9.56 -4.41 0.37
N LEU A 55 -8.90 -5.54 0.63
CA LEU A 55 -7.71 -5.92 -0.11
C LEU A 55 -7.94 -5.84 -1.61
N ARG A 56 -8.92 -6.60 -2.09
CA ARG A 56 -9.26 -6.62 -3.51
C ARG A 56 -9.15 -5.21 -4.11
N GLY A 57 -9.73 -4.23 -3.43
CA GLY A 57 -9.68 -2.87 -3.91
C GLY A 57 -8.34 -2.51 -4.51
N TRP A 58 -7.31 -2.48 -3.67
CA TRP A 58 -5.96 -2.15 -4.12
C TRP A 58 -5.66 -2.80 -5.47
N CYS A 59 -5.59 -4.13 -5.47
CA CYS A 59 -5.31 -4.87 -6.69
C CYS A 59 -6.04 -4.26 -7.89
N LYS A 60 -7.29 -3.89 -7.69
CA LYS A 60 -8.10 -3.30 -8.74
C LYS A 60 -7.44 -2.02 -9.26
N ASN A 61 -7.18 -1.08 -8.37
CA ASN A 61 -6.55 0.19 -8.74
C ASN A 61 -5.04 0.12 -8.54
N GLU A 62 -4.49 -1.09 -8.63
CA GLU A 62 -3.05 -1.28 -8.46
C GLU A 62 -2.25 -0.41 -9.44
N ASP A 63 -2.75 -0.33 -10.67
CA ASP A 63 -2.09 0.46 -11.71
C ASP A 63 -1.56 1.77 -11.12
N LYS A 64 -2.48 2.62 -10.68
CA LYS A 64 -2.11 3.90 -10.09
C LYS A 64 -1.21 3.72 -8.87
N LEU A 65 -1.68 2.90 -7.93
CA LEU A 65 -0.92 2.63 -6.71
C LEU A 65 0.56 2.47 -7.02
N ARG A 66 0.88 1.56 -7.94
CA ARG A 66 2.27 1.31 -8.33
C ARG A 66 3.01 2.62 -8.54
N PHE A 67 2.32 3.62 -9.08
CA PHE A 67 2.92 4.92 -9.33
C PHE A 67 2.65 5.88 -8.18
N MET A 68 1.63 5.58 -7.38
CA MET A 68 1.25 6.40 -6.25
C MET A 68 2.46 6.64 -5.34
N SER A 69 3.09 5.55 -4.91
CA SER A 69 4.25 5.63 -4.03
C SER A 69 5.17 6.78 -4.45
N ARG A 70 5.42 6.88 -5.75
CA ARG A 70 6.28 7.92 -6.28
C ARG A 70 5.95 9.27 -5.66
N GLN A 71 4.69 9.65 -5.70
CA GLN A 71 4.23 10.92 -5.13
C GLN A 71 3.10 10.70 -4.14
N SER A 72 3.24 11.28 -2.95
CA SER A 72 2.24 11.15 -1.91
C SER A 72 1.79 12.51 -1.41
N ALA A 73 0.50 12.64 -1.12
CA ALA A 73 -0.06 13.89 -0.63
C ALA A 73 -0.69 13.72 0.75
N THR A 74 -1.07 14.83 1.37
CA THR A 74 -1.68 14.80 2.69
C THR A 74 -3.19 14.63 2.59
N ASP A 75 -3.73 14.86 1.39
CA ASP A 75 -5.16 14.73 1.16
C ASP A 75 -5.50 13.38 0.52
N ASN A 76 -6.40 12.65 1.16
CA ASN A 76 -6.80 11.33 0.65
C ASN A 76 -8.32 11.23 0.56
N LEU A 77 -8.80 10.16 -0.05
CA LEU A 77 -10.23 9.94 -0.21
C LEU A 77 -10.62 8.52 0.21
N CYS A 78 -10.92 8.35 1.50
CA CYS A 78 -11.30 7.05 2.03
C CYS A 78 -12.58 6.55 1.38
N ALA A 79 -12.72 5.24 1.29
CA ALA A 79 -13.90 4.63 0.69
C ALA A 79 -15.13 4.83 1.57
N ASP A 80 -16.26 5.14 0.96
CA ASP A 80 -17.50 5.34 1.69
C ASP A 80 -18.00 4.04 2.30
N ALA A 81 -17.37 2.93 1.91
CA ALA A 81 -17.75 1.62 2.43
C ALA A 81 -19.21 1.31 2.12
N LEU A 82 -19.62 1.56 0.88
CA LEU A 82 -20.99 1.31 0.45
C LEU A 82 -21.20 -0.16 0.13
N GLY A 83 -22.44 -0.62 0.24
CA GLY A 83 -22.75 -2.01 -0.05
C GLY A 83 -23.83 -2.57 0.85
N ASP A 84 -24.73 -3.37 0.28
CA ASP A 84 -25.82 -3.97 1.04
C ASP A 84 -26.27 -5.28 0.40
N LYS A 85 -26.95 -6.10 1.19
CA LYS A 85 -27.44 -7.39 0.70
C LYS A 85 -28.92 -7.57 1.04
N MET A 86 -29.62 -8.34 0.21
CA MET A 86 -31.03 -8.60 0.43
C MET A 86 -31.28 -10.07 0.74
N ASP A 87 -30.35 -10.67 1.47
CA ASP A 87 -30.47 -12.09 1.82
C ASP A 87 -29.36 -12.49 2.79
N GLY A 1 33.20 -32.58 -14.65
CA GLY A 1 32.39 -33.71 -15.04
C GLY A 1 31.02 -33.30 -15.52
N SER A 2 30.01 -33.50 -14.67
CA SER A 2 28.64 -33.15 -15.03
C SER A 2 28.38 -31.66 -14.84
N SER A 3 27.20 -31.21 -15.24
CA SER A 3 26.84 -29.80 -15.12
C SER A 3 25.56 -29.63 -14.31
N GLY A 4 25.25 -28.40 -13.94
CA GLY A 4 24.05 -28.13 -13.17
C GLY A 4 24.00 -26.70 -12.67
N SER A 5 22.88 -26.33 -12.02
CA SER A 5 22.71 -24.99 -11.50
C SER A 5 21.54 -24.94 -10.53
N SER A 6 21.84 -24.84 -9.24
CA SER A 6 20.82 -24.79 -8.21
C SER A 6 21.00 -23.56 -7.32
N GLY A 7 19.90 -23.06 -6.76
CA GLY A 7 19.97 -21.90 -5.90
C GLY A 7 19.44 -20.65 -6.56
N MET A 8 18.33 -20.13 -6.04
CA MET A 8 17.72 -18.93 -6.59
C MET A 8 17.06 -18.10 -5.50
N ASN A 9 17.66 -16.96 -5.19
CA ASN A 9 17.13 -16.08 -4.16
C ASN A 9 17.51 -14.62 -4.44
N ILE A 10 16.52 -13.73 -4.34
CA ILE A 10 16.75 -12.32 -4.58
C ILE A 10 17.03 -11.57 -3.27
N ARG A 11 17.97 -10.65 -3.33
CA ARG A 11 18.34 -9.86 -2.15
C ARG A 11 18.78 -8.45 -2.56
N MET A 12 18.06 -7.45 -2.06
CA MET A 12 18.38 -6.06 -2.36
C MET A 12 18.50 -5.24 -1.09
N GLY A 13 17.57 -5.45 -0.16
CA GLY A 13 17.60 -4.73 1.09
C GLY A 13 16.46 -3.74 1.22
N THR A 14 15.49 -4.07 2.06
CA THR A 14 14.32 -3.21 2.26
C THR A 14 14.58 -2.21 3.38
N LYS A 15 15.71 -1.52 3.32
CA LYS A 15 16.07 -0.53 4.32
C LYS A 15 16.23 0.85 3.70
N GLY A 16 15.89 1.88 4.45
CA GLY A 16 16.00 3.23 3.95
C GLY A 16 15.57 4.27 4.98
N LYS A 17 14.30 4.25 5.33
CA LYS A 17 13.76 5.20 6.30
C LYS A 17 12.60 4.58 7.07
N ARG A 18 11.98 5.38 7.95
CA ARG A 18 10.86 4.90 8.75
C ARG A 18 9.57 5.65 8.38
N PRO A 19 8.43 4.94 8.48
CA PRO A 19 7.13 5.52 8.16
C PRO A 19 6.69 6.57 9.18
N LEU A 20 5.78 7.44 8.76
CA LEU A 20 5.28 8.49 9.64
C LEU A 20 3.78 8.30 9.92
N ARG A 21 3.22 9.20 10.71
CA ARG A 21 1.80 9.14 11.06
C ARG A 21 0.96 8.77 9.83
N SER A 22 1.05 9.60 8.79
CA SER A 22 0.29 9.36 7.57
C SER A 22 0.82 8.14 6.83
N LEU A 23 -0.07 7.40 6.19
CA LEU A 23 0.30 6.21 5.44
C LEU A 23 0.77 6.57 4.04
N THR A 24 1.17 5.56 3.27
CA THR A 24 1.65 5.78 1.91
C THR A 24 1.11 4.70 0.97
N PRO A 25 0.97 5.06 -0.32
CA PRO A 25 0.46 4.14 -1.34
C PRO A 25 1.46 3.03 -1.66
N ARG A 26 2.74 3.31 -1.43
CA ARG A 26 3.79 2.32 -1.70
C ARG A 26 3.77 1.21 -0.65
N ASP A 27 3.23 1.52 0.53
CA ASP A 27 3.15 0.54 1.61
C ASP A 27 2.17 -0.58 1.27
N LYS A 28 0.90 -0.23 1.15
CA LYS A 28 -0.14 -1.20 0.82
C LYS A 28 0.29 -2.07 -0.36
N ILE A 29 1.15 -1.52 -1.21
CA ILE A 29 1.64 -2.26 -2.37
C ILE A 29 2.45 -3.47 -1.95
N HIS A 30 3.20 -3.34 -0.86
CA HIS A 30 4.02 -4.43 -0.36
C HIS A 30 3.31 -5.78 -0.52
N ALA A 31 1.98 -5.74 -0.52
CA ALA A 31 1.18 -6.95 -0.67
C ALA A 31 0.91 -7.24 -2.15
N ILE A 32 0.44 -6.24 -2.87
CA ILE A 32 0.15 -6.39 -4.29
C ILE A 32 1.11 -7.37 -4.95
N GLN A 33 2.39 -7.26 -4.60
CA GLN A 33 3.41 -8.13 -5.16
C GLN A 33 3.34 -9.52 -4.53
N ARG A 34 3.35 -9.56 -3.20
CA ARG A 34 3.28 -10.83 -2.48
C ARG A 34 2.36 -11.81 -3.20
N ILE A 35 1.28 -11.30 -3.77
CA ILE A 35 0.33 -12.14 -4.48
C ILE A 35 0.92 -12.66 -5.78
N HIS A 36 1.36 -11.74 -6.63
CA HIS A 36 1.96 -12.10 -7.92
C HIS A 36 3.05 -13.16 -7.73
N ASP A 37 3.69 -13.16 -6.57
CA ASP A 37 4.74 -14.12 -6.27
C ASP A 37 4.19 -15.53 -6.23
N GLY A 38 3.18 -15.75 -5.41
CA GLY A 38 2.58 -17.08 -5.29
C GLY A 38 1.41 -17.10 -4.32
N GLU A 39 1.46 -16.24 -3.32
CA GLU A 39 0.41 -16.17 -2.32
C GLU A 39 -0.91 -15.74 -2.95
N SER A 40 -2.02 -16.02 -2.26
CA SER A 40 -3.34 -15.66 -2.76
C SER A 40 -3.85 -14.39 -2.08
N LYS A 41 -4.82 -13.74 -2.71
CA LYS A 41 -5.40 -12.52 -2.16
C LYS A 41 -5.91 -12.75 -0.74
N ALA A 42 -6.51 -13.92 -0.51
CA ALA A 42 -7.04 -14.26 0.80
C ALA A 42 -5.94 -14.27 1.85
N SER A 43 -4.91 -15.08 1.61
CA SER A 43 -3.79 -15.19 2.54
C SER A 43 -3.20 -13.81 2.84
N VAL A 44 -2.92 -13.04 1.79
CA VAL A 44 -2.36 -11.71 1.95
C VAL A 44 -3.34 -10.78 2.66
N ALA A 45 -4.63 -11.03 2.48
CA ALA A 45 -5.67 -10.22 3.09
C ALA A 45 -5.60 -10.31 4.62
N ARG A 46 -5.58 -11.54 5.13
CA ARG A 46 -5.53 -11.76 6.56
C ARG A 46 -4.11 -11.54 7.09
N ASP A 47 -3.12 -11.89 6.27
CA ASP A 47 -1.72 -11.73 6.64
C ASP A 47 -1.51 -10.46 7.46
N ILE A 48 -1.94 -9.33 6.89
CA ILE A 48 -1.80 -8.04 7.56
C ILE A 48 -2.96 -7.80 8.52
N GLY A 49 -4.11 -8.38 8.22
CA GLY A 49 -5.28 -8.22 9.07
C GLY A 49 -6.35 -7.36 8.42
N VAL A 50 -6.70 -7.69 7.18
CA VAL A 50 -7.72 -6.95 6.45
C VAL A 50 -8.64 -7.89 5.69
N PRO A 51 -9.92 -7.50 5.55
CA PRO A 51 -10.93 -8.29 4.85
C PRO A 51 -10.68 -8.34 3.35
N GLU A 52 -10.73 -9.54 2.78
CA GLU A 52 -10.51 -9.72 1.36
C GLU A 52 -11.16 -8.59 0.55
N SER A 53 -12.36 -8.20 0.97
CA SER A 53 -13.08 -7.13 0.29
C SER A 53 -12.20 -5.91 0.09
N THR A 54 -11.60 -5.42 1.18
CA THR A 54 -10.73 -4.26 1.13
C THR A 54 -9.55 -4.50 0.19
N LEU A 55 -8.73 -5.48 0.54
CA LEU A 55 -7.56 -5.81 -0.28
C LEU A 55 -7.86 -5.64 -1.76
N ARG A 56 -8.88 -6.35 -2.24
CA ARG A 56 -9.27 -6.27 -3.64
C ARG A 56 -9.19 -4.83 -4.16
N GLY A 57 -9.74 -3.91 -3.38
CA GLY A 57 -9.72 -2.51 -3.76
C GLY A 57 -8.36 -2.06 -4.27
N TRP A 58 -7.32 -2.43 -3.54
CA TRP A 58 -5.96 -2.06 -3.92
C TRP A 58 -5.58 -2.67 -5.26
N CYS A 59 -5.52 -4.00 -5.30
CA CYS A 59 -5.17 -4.71 -6.53
C CYS A 59 -5.92 -4.14 -7.73
N LYS A 60 -7.15 -3.71 -7.49
CA LYS A 60 -7.99 -3.14 -8.55
C LYS A 60 -7.38 -1.83 -9.06
N ASN A 61 -7.09 -0.91 -8.13
CA ASN A 61 -6.52 0.37 -8.49
C ASN A 61 -5.00 0.29 -8.55
N GLU A 62 -4.47 -0.93 -8.54
CA GLU A 62 -3.03 -1.15 -8.59
C GLU A 62 -2.38 -0.22 -9.61
N ASP A 63 -3.03 -0.08 -10.77
CA ASP A 63 -2.51 0.77 -11.83
C ASP A 63 -2.01 2.09 -11.27
N LYS A 64 -2.89 2.85 -10.65
CA LYS A 64 -2.54 4.14 -10.07
C LYS A 64 -1.54 3.97 -8.93
N LEU A 65 -1.86 3.08 -7.99
CA LEU A 65 -0.99 2.82 -6.86
C LEU A 65 0.46 2.72 -7.29
N ARG A 66 0.73 1.90 -8.30
CA ARG A 66 2.08 1.72 -8.81
C ARG A 66 2.75 3.07 -9.05
N PHE A 67 1.97 4.06 -9.47
CA PHE A 67 2.48 5.39 -9.73
C PHE A 67 2.29 6.30 -8.53
N MET A 68 1.49 5.83 -7.57
CA MET A 68 1.20 6.60 -6.36
C MET A 68 2.46 6.75 -5.51
N SER A 69 3.26 5.68 -5.45
CA SER A 69 4.49 5.68 -4.67
C SER A 69 5.36 6.88 -5.04
N ARG A 70 5.63 7.02 -6.33
CA ARG A 70 6.46 8.12 -6.83
C ARG A 70 5.98 9.45 -6.25
N GLN A 71 4.70 9.73 -6.41
CA GLN A 71 4.12 10.97 -5.92
C GLN A 71 3.68 10.83 -4.46
N SER A 72 3.21 11.93 -3.88
CA SER A 72 2.78 11.93 -2.49
C SER A 72 1.31 12.33 -2.38
N ALA A 73 0.49 11.82 -3.30
CA ALA A 73 -0.93 12.13 -3.31
C ALA A 73 -1.64 11.47 -2.13
N THR A 74 -1.61 12.14 -0.99
CA THR A 74 -2.25 11.62 0.21
C THR A 74 -3.66 12.18 0.37
N ASP A 75 -4.39 12.26 -0.74
CA ASP A 75 -5.75 12.78 -0.72
C ASP A 75 -6.73 11.75 -1.27
N ASN A 76 -6.39 11.19 -2.43
CA ASN A 76 -7.24 10.19 -3.07
C ASN A 76 -7.76 9.18 -2.04
N LEU A 77 -7.01 9.03 -0.95
CA LEU A 77 -7.40 8.09 0.11
C LEU A 77 -8.18 8.82 1.21
N CYS A 78 -8.57 8.07 2.24
CA CYS A 78 -9.32 8.63 3.35
C CYS A 78 -9.46 7.61 4.48
N ALA A 79 -9.81 8.10 5.67
CA ALA A 79 -9.98 7.24 6.83
C ALA A 79 -11.03 7.79 7.79
N ASP A 80 -11.47 6.95 8.71
CA ASP A 80 -12.48 7.36 9.68
C ASP A 80 -12.44 6.48 10.91
N ALA A 81 -13.13 6.90 11.97
CA ALA A 81 -13.18 6.13 13.21
C ALA A 81 -14.10 4.92 13.08
N LEU A 82 -13.52 3.73 13.11
CA LEU A 82 -14.30 2.50 13.00
C LEU A 82 -14.30 1.74 14.32
N GLY A 83 -15.31 0.89 14.50
CA GLY A 83 -15.41 0.11 15.72
C GLY A 83 -16.08 -1.23 15.49
N ASP A 84 -15.50 -2.04 14.61
CA ASP A 84 -16.03 -3.36 14.31
C ASP A 84 -15.76 -4.34 15.44
N LYS A 85 -16.81 -5.02 15.91
CA LYS A 85 -16.68 -5.99 16.99
C LYS A 85 -15.93 -7.23 16.52
N MET A 86 -15.06 -7.76 17.38
CA MET A 86 -14.29 -8.95 17.06
C MET A 86 -15.10 -9.91 16.20
N ASP A 87 -16.33 -10.17 16.64
CA ASP A 87 -17.22 -11.09 15.91
C ASP A 87 -18.31 -10.31 15.18
N GLY A 1 -28.67 -26.58 -17.13
CA GLY A 1 -28.12 -26.48 -15.79
C GLY A 1 -27.71 -25.07 -15.43
N SER A 2 -26.80 -24.95 -14.47
CA SER A 2 -26.33 -23.65 -14.02
C SER A 2 -25.09 -23.79 -13.15
N SER A 3 -24.47 -22.65 -12.83
CA SER A 3 -23.25 -22.65 -12.01
C SER A 3 -23.22 -21.43 -11.10
N GLY A 4 -23.04 -21.66 -9.81
CA GLY A 4 -22.99 -20.58 -8.85
C GLY A 4 -21.94 -20.79 -7.78
N SER A 5 -22.29 -20.48 -6.54
CA SER A 5 -21.37 -20.65 -5.41
C SER A 5 -21.82 -21.78 -4.50
N SER A 6 -20.85 -22.39 -3.82
CA SER A 6 -21.15 -23.49 -2.91
C SER A 6 -21.80 -22.98 -1.63
N GLY A 7 -21.19 -21.96 -1.03
CA GLY A 7 -21.73 -21.40 0.20
C GLY A 7 -20.96 -20.17 0.66
N MET A 8 -21.49 -19.50 1.69
CA MET A 8 -20.84 -18.31 2.22
C MET A 8 -20.56 -18.46 3.71
N ASN A 9 -19.28 -18.45 4.07
CA ASN A 9 -18.88 -18.59 5.46
C ASN A 9 -17.93 -17.47 5.87
N ILE A 10 -17.64 -17.38 7.16
CA ILE A 10 -16.74 -16.35 7.68
C ILE A 10 -16.89 -15.05 6.90
N ARG A 11 -18.12 -14.56 6.80
CA ARG A 11 -18.40 -13.33 6.07
C ARG A 11 -19.29 -12.41 6.89
N MET A 12 -18.91 -12.20 8.15
CA MET A 12 -19.67 -11.33 9.05
C MET A 12 -18.80 -10.85 10.21
N GLY A 13 -18.87 -9.55 10.48
CA GLY A 13 -18.08 -8.99 11.56
C GLY A 13 -18.29 -7.48 11.71
N THR A 14 -18.09 -6.75 10.61
CA THR A 14 -18.24 -5.31 10.63
C THR A 14 -17.66 -4.70 11.89
N LYS A 15 -16.51 -5.21 12.31
CA LYS A 15 -15.84 -4.71 13.51
C LYS A 15 -14.60 -3.89 13.15
N GLY A 16 -14.74 -3.05 12.13
CA GLY A 16 -13.63 -2.23 11.69
C GLY A 16 -14.08 -0.87 11.18
N LYS A 17 -14.27 0.07 12.09
CA LYS A 17 -14.70 1.41 11.73
C LYS A 17 -13.90 1.94 10.54
N ARG A 18 -12.63 2.24 10.79
CA ARG A 18 -11.76 2.75 9.73
C ARG A 18 -10.33 2.90 10.25
N PRO A 19 -9.36 2.86 9.31
CA PRO A 19 -7.93 2.98 9.64
C PRO A 19 -7.57 4.40 10.10
N LEU A 20 -6.86 4.48 11.22
CA LEU A 20 -6.46 5.77 11.77
C LEU A 20 -4.94 5.84 11.90
N ARG A 21 -4.25 4.84 11.36
CA ARG A 21 -2.80 4.79 11.41
C ARG A 21 -2.18 5.45 10.18
N SER A 22 -2.88 6.44 9.64
CA SER A 22 -2.41 7.16 8.47
C SER A 22 -1.70 6.20 7.49
N LEU A 23 -2.30 5.03 7.29
CA LEU A 23 -1.73 4.03 6.39
C LEU A 23 -1.18 4.69 5.13
N THR A 24 -0.16 4.08 4.56
CA THR A 24 0.47 4.59 3.35
C THR A 24 0.01 3.81 2.11
N PRO A 25 0.04 4.47 0.95
CA PRO A 25 -0.36 3.85 -0.32
C PRO A 25 0.63 2.80 -0.79
N ARG A 26 1.90 2.97 -0.42
CA ARG A 26 2.94 2.03 -0.80
C ARG A 26 2.82 0.73 -0.02
N ASP A 27 2.41 0.84 1.24
CA ASP A 27 2.25 -0.33 2.10
C ASP A 27 1.43 -1.41 1.41
N LYS A 28 0.34 -0.99 0.75
CA LYS A 28 -0.53 -1.92 0.04
C LYS A 28 0.18 -2.50 -1.17
N ILE A 29 0.78 -1.64 -1.98
CA ILE A 29 1.48 -2.07 -3.18
C ILE A 29 2.40 -3.26 -2.88
N HIS A 30 2.82 -3.36 -1.62
CA HIS A 30 3.69 -4.46 -1.21
C HIS A 30 2.92 -5.78 -1.16
N ALA A 31 1.85 -5.81 -0.39
CA ALA A 31 1.04 -7.01 -0.26
C ALA A 31 0.50 -7.46 -1.61
N ILE A 32 0.65 -6.59 -2.62
CA ILE A 32 0.18 -6.91 -3.96
C ILE A 32 1.12 -7.88 -4.66
N GLN A 33 2.41 -7.56 -4.67
CA GLN A 33 3.41 -8.41 -5.29
C GLN A 33 3.39 -9.82 -4.69
N ARG A 34 2.87 -9.93 -3.48
CA ARG A 34 2.79 -11.21 -2.79
C ARG A 34 1.93 -12.19 -3.59
N ILE A 35 0.88 -11.69 -4.21
CA ILE A 35 -0.02 -12.52 -4.99
C ILE A 35 0.66 -12.98 -6.28
N HIS A 36 1.53 -12.14 -6.82
CA HIS A 36 2.25 -12.46 -8.05
C HIS A 36 3.01 -13.78 -7.90
N ASP A 37 3.41 -14.10 -6.68
CA ASP A 37 4.14 -15.33 -6.41
C ASP A 37 3.19 -16.51 -6.26
N GLY A 38 2.27 -16.39 -5.30
CA GLY A 38 1.31 -17.46 -5.07
C GLY A 38 0.35 -17.13 -3.94
N GLU A 39 0.86 -16.48 -2.90
CA GLU A 39 0.04 -16.11 -1.75
C GLU A 39 -1.34 -15.64 -2.20
N SER A 40 -2.37 -16.42 -1.82
CA SER A 40 -3.74 -16.09 -2.18
C SER A 40 -4.16 -14.76 -1.58
N LYS A 41 -5.06 -14.06 -2.27
CA LYS A 41 -5.54 -12.76 -1.81
C LYS A 41 -6.00 -12.84 -0.36
N ALA A 42 -6.88 -13.80 -0.07
CA ALA A 42 -7.40 -13.99 1.28
C ALA A 42 -6.27 -14.14 2.28
N SER A 43 -5.15 -14.72 1.83
CA SER A 43 -4.00 -14.92 2.69
C SER A 43 -3.30 -13.60 3.00
N VAL A 44 -2.89 -12.90 1.94
CA VAL A 44 -2.21 -11.62 2.09
C VAL A 44 -3.09 -10.61 2.83
N ALA A 45 -4.38 -10.62 2.52
CA ALA A 45 -5.33 -9.71 3.15
C ALA A 45 -5.19 -9.75 4.67
N ARG A 46 -5.17 -10.95 5.23
CA ARG A 46 -5.05 -11.12 6.67
C ARG A 46 -3.61 -10.92 7.11
N ASP A 47 -2.66 -11.39 6.31
CA ASP A 47 -1.24 -11.27 6.63
C ASP A 47 -0.95 -9.93 7.29
N ILE A 48 -1.42 -8.85 6.67
CA ILE A 48 -1.22 -7.51 7.20
C ILE A 48 -2.29 -7.15 8.22
N GLY A 49 -3.49 -7.67 8.01
CA GLY A 49 -4.59 -7.39 8.92
C GLY A 49 -5.67 -6.53 8.29
N VAL A 50 -6.18 -6.96 7.14
CA VAL A 50 -7.22 -6.22 6.43
C VAL A 50 -8.20 -7.16 5.76
N PRO A 51 -9.45 -6.70 5.61
CA PRO A 51 -10.52 -7.49 4.98
C PRO A 51 -10.30 -7.66 3.48
N GLU A 52 -10.31 -8.92 3.03
CA GLU A 52 -10.11 -9.21 1.62
C GLU A 52 -10.74 -8.13 0.74
N SER A 53 -11.94 -7.70 1.11
CA SER A 53 -12.65 -6.67 0.35
C SER A 53 -11.72 -5.51 0.01
N THR A 54 -11.00 -5.01 1.02
CA THR A 54 -10.08 -3.90 0.83
C THR A 54 -8.95 -4.29 -0.11
N LEU A 55 -8.24 -5.35 0.23
CA LEU A 55 -7.13 -5.83 -0.59
C LEU A 55 -7.47 -5.75 -2.07
N ARG A 56 -8.48 -6.51 -2.48
CA ARG A 56 -8.92 -6.52 -3.87
C ARG A 56 -8.87 -5.12 -4.48
N GLY A 57 -9.38 -4.15 -3.74
CA GLY A 57 -9.38 -2.78 -4.22
C GLY A 57 -8.02 -2.34 -4.72
N TRP A 58 -7.03 -2.38 -3.84
CA TRP A 58 -5.68 -1.97 -4.21
C TRP A 58 -5.25 -2.62 -5.52
N CYS A 59 -5.07 -3.93 -5.51
CA CYS A 59 -4.68 -4.66 -6.70
C CYS A 59 -5.48 -4.21 -7.91
N LYS A 60 -6.79 -4.10 -7.74
CA LYS A 60 -7.68 -3.68 -8.82
C LYS A 60 -7.18 -2.36 -9.44
N ASN A 61 -6.84 -1.41 -8.60
CA ASN A 61 -6.36 -0.11 -9.05
C ASN A 61 -4.85 0.01 -8.87
N GLU A 62 -4.16 -1.13 -8.96
CA GLU A 62 -2.72 -1.15 -8.80
C GLU A 62 -2.06 -0.04 -9.62
N ASP A 63 -2.45 0.06 -10.88
CA ASP A 63 -1.91 1.08 -11.77
C ASP A 63 -1.67 2.39 -11.03
N LYS A 64 -2.76 3.02 -10.58
CA LYS A 64 -2.66 4.28 -9.85
C LYS A 64 -1.67 4.17 -8.69
N LEU A 65 -1.93 3.23 -7.78
CA LEU A 65 -1.07 3.02 -6.63
C LEU A 65 0.40 3.10 -7.03
N ARG A 66 0.77 2.30 -8.03
CA ARG A 66 2.15 2.28 -8.51
C ARG A 66 2.69 3.70 -8.69
N PHE A 67 1.81 4.60 -9.14
CA PHE A 67 2.20 5.99 -9.36
C PHE A 67 1.86 6.85 -8.15
N MET A 68 1.01 6.32 -7.28
CA MET A 68 0.60 7.04 -6.07
C MET A 68 1.81 7.37 -5.21
N SER A 69 2.60 6.36 -4.90
CA SER A 69 3.79 6.54 -4.07
C SER A 69 4.74 7.56 -4.69
N ARG A 70 5.03 7.38 -5.98
CA ARG A 70 5.92 8.29 -6.70
C ARG A 70 5.59 9.74 -6.37
N GLN A 71 4.30 10.04 -6.28
CA GLN A 71 3.86 11.40 -5.98
C GLN A 71 3.66 11.58 -4.48
N SER A 72 4.55 12.36 -3.86
CA SER A 72 4.48 12.62 -2.43
C SER A 72 3.21 13.40 -2.08
N ALA A 73 2.13 12.68 -1.80
CA ALA A 73 0.86 13.30 -1.45
C ALA A 73 0.84 13.71 0.03
N THR A 74 -0.24 14.37 0.44
CA THR A 74 -0.39 14.81 1.81
C THR A 74 -1.31 13.88 2.60
N ASP A 75 -1.18 12.58 2.35
CA ASP A 75 -2.00 11.59 3.03
C ASP A 75 -1.62 11.49 4.51
N ASN A 76 -0.31 11.37 4.77
CA ASN A 76 0.18 11.27 6.13
C ASN A 76 -0.25 12.47 6.97
N LEU A 77 -0.79 12.21 8.15
CA LEU A 77 -1.25 13.27 9.04
C LEU A 77 -0.12 13.73 9.96
N CYS A 78 1.07 13.87 9.41
CA CYS A 78 2.23 14.30 10.18
C CYS A 78 2.68 15.68 9.75
N ALA A 79 2.70 15.92 8.44
CA ALA A 79 3.11 17.20 7.90
C ALA A 79 2.12 18.30 8.28
N ASP A 80 2.49 19.55 7.98
CA ASP A 80 1.63 20.69 8.29
C ASP A 80 0.68 20.99 7.14
N ALA A 81 -0.49 20.36 7.16
CA ALA A 81 -1.47 20.57 6.10
C ALA A 81 -2.79 19.86 6.45
N LEU A 82 -3.89 20.39 5.93
CA LEU A 82 -5.21 19.81 6.17
C LEU A 82 -5.54 18.74 5.13
N GLY A 83 -5.40 19.10 3.86
CA GLY A 83 -5.70 18.18 2.79
C GLY A 83 -7.18 18.07 2.49
N ASP A 84 -7.53 17.25 1.50
CA ASP A 84 -8.93 17.07 1.13
C ASP A 84 -9.34 15.61 1.29
N LYS A 85 -9.96 15.29 2.42
CA LYS A 85 -10.41 13.94 2.70
C LYS A 85 -11.81 13.71 2.15
N MET A 86 -11.91 13.41 0.86
CA MET A 86 -13.20 13.17 0.22
C MET A 86 -14.24 14.17 0.69
N ASP A 87 -13.82 15.43 0.85
CA ASP A 87 -14.73 16.48 1.29
C ASP A 87 -15.92 16.60 0.36
N GLY A 1 17.97 28.37 -11.61
CA GLY A 1 17.34 27.34 -10.80
C GLY A 1 18.33 26.34 -10.26
N SER A 2 18.62 26.44 -8.97
CA SER A 2 19.57 25.53 -8.33
C SER A 2 19.10 24.09 -8.44
N SER A 3 20.03 23.15 -8.30
CA SER A 3 19.71 21.73 -8.38
C SER A 3 20.66 20.91 -7.51
N GLY A 4 20.19 19.73 -7.10
CA GLY A 4 21.01 18.86 -6.27
C GLY A 4 20.26 18.33 -5.07
N SER A 5 20.47 17.06 -4.74
CA SER A 5 19.80 16.44 -3.60
C SER A 5 20.68 15.36 -2.99
N SER A 6 20.77 15.37 -1.66
CA SER A 6 21.58 14.39 -0.94
C SER A 6 21.31 14.46 0.56
N GLY A 7 21.43 13.32 1.23
CA GLY A 7 21.20 13.27 2.66
C GLY A 7 21.40 11.88 3.23
N MET A 8 22.65 11.44 3.26
CA MET A 8 22.99 10.11 3.78
C MET A 8 23.42 10.20 5.24
N ASN A 9 22.69 11.01 6.02
CA ASN A 9 23.00 11.19 7.43
C ASN A 9 21.81 10.79 8.29
N ILE A 10 20.61 11.20 7.88
CA ILE A 10 19.40 10.89 8.61
C ILE A 10 19.37 9.43 9.04
N ARG A 11 19.18 9.21 10.34
CA ARG A 11 19.14 7.86 10.89
C ARG A 11 17.87 7.63 11.68
N MET A 12 17.68 6.41 12.18
CA MET A 12 16.50 6.07 12.96
C MET A 12 16.88 5.78 14.41
N GLY A 13 15.86 5.71 15.27
CA GLY A 13 16.11 5.44 16.68
C GLY A 13 14.83 5.26 17.47
N THR A 14 14.96 4.83 18.72
CA THR A 14 13.80 4.62 19.57
C THR A 14 12.85 5.81 19.53
N LYS A 15 11.71 5.63 18.86
CA LYS A 15 10.72 6.69 18.74
C LYS A 15 9.39 6.14 18.24
N GLY A 16 8.35 6.97 18.27
CA GLY A 16 7.04 6.55 17.82
C GLY A 16 6.13 6.17 18.97
N LYS A 17 5.65 7.18 19.69
CA LYS A 17 4.76 6.96 20.82
C LYS A 17 3.54 6.13 20.40
N ARG A 18 2.77 6.66 19.46
CA ARG A 18 1.58 5.97 18.96
C ARG A 18 1.49 6.07 17.45
N PRO A 19 0.98 5.01 16.81
CA PRO A 19 0.81 4.95 15.36
C PRO A 19 -0.28 5.90 14.85
N LEU A 20 -0.19 6.30 13.59
CA LEU A 20 -1.16 7.20 12.99
C LEU A 20 -2.13 6.43 12.09
N ARG A 21 -3.43 6.62 12.33
CA ARG A 21 -4.45 5.95 11.54
C ARG A 21 -4.15 6.06 10.05
N SER A 22 -3.51 7.16 9.66
CA SER A 22 -3.16 7.39 8.27
C SER A 22 -1.92 6.61 7.87
N LEU A 23 -2.00 5.87 6.78
CA LEU A 23 -0.88 5.07 6.30
C LEU A 23 -0.53 5.43 4.86
N THR A 24 0.69 5.09 4.45
CA THR A 24 1.15 5.38 3.10
C THR A 24 0.59 4.38 2.09
N PRO A 25 0.50 4.79 0.83
CA PRO A 25 -0.01 3.93 -0.25
C PRO A 25 0.94 2.79 -0.59
N ARG A 26 2.23 3.06 -0.50
CA ARG A 26 3.25 2.05 -0.80
C ARG A 26 3.13 0.86 0.15
N ASP A 27 2.68 1.14 1.38
CA ASP A 27 2.52 0.09 2.38
C ASP A 27 1.66 -1.06 1.84
N LYS A 28 0.66 -0.71 1.03
CA LYS A 28 -0.21 -1.71 0.44
C LYS A 28 0.41 -2.34 -0.80
N ILE A 29 0.82 -1.49 -1.74
CA ILE A 29 1.44 -1.97 -2.97
C ILE A 29 2.40 -3.14 -2.69
N HIS A 30 3.02 -3.12 -1.52
CA HIS A 30 3.96 -4.17 -1.13
C HIS A 30 3.26 -5.53 -1.10
N ALA A 31 2.09 -5.57 -0.47
CA ALA A 31 1.32 -6.81 -0.37
C ALA A 31 0.83 -7.26 -1.74
N ILE A 32 0.34 -6.31 -2.53
CA ILE A 32 -0.16 -6.61 -3.87
C ILE A 32 0.63 -7.74 -4.51
N GLN A 33 1.95 -7.63 -4.46
CA GLN A 33 2.82 -8.65 -5.03
C GLN A 33 2.64 -9.98 -4.33
N ARG A 34 2.68 -9.97 -3.00
CA ARG A 34 2.52 -11.19 -2.21
C ARG A 34 1.53 -12.14 -2.89
N ILE A 35 0.48 -11.58 -3.46
CA ILE A 35 -0.53 -12.38 -4.15
C ILE A 35 0.02 -13.02 -5.40
N HIS A 36 0.61 -12.21 -6.27
CA HIS A 36 1.19 -12.70 -7.51
C HIS A 36 2.32 -13.69 -7.23
N ASP A 37 3.15 -13.39 -6.25
CA ASP A 37 4.26 -14.26 -5.88
C ASP A 37 3.80 -15.72 -5.83
N GLY A 38 2.71 -15.96 -5.13
CA GLY A 38 2.20 -17.32 -5.01
C GLY A 38 1.18 -17.45 -3.88
N GLU A 39 1.28 -16.59 -2.89
CA GLU A 39 0.37 -16.61 -1.75
C GLU A 39 -1.07 -16.38 -2.21
N SER A 40 -2.01 -17.06 -1.55
CA SER A 40 -3.42 -16.92 -1.88
C SER A 40 -3.95 -15.55 -1.46
N LYS A 41 -4.68 -14.90 -2.36
CA LYS A 41 -5.24 -13.58 -2.09
C LYS A 41 -5.65 -13.47 -0.62
N ALA A 42 -6.44 -14.43 -0.15
CA ALA A 42 -6.89 -14.44 1.23
C ALA A 42 -5.71 -14.33 2.20
N SER A 43 -4.72 -15.19 2.02
CA SER A 43 -3.54 -15.21 2.88
C SER A 43 -2.90 -13.83 2.92
N VAL A 44 -2.67 -13.25 1.75
CA VAL A 44 -2.05 -11.93 1.65
C VAL A 44 -2.89 -10.88 2.37
N ALA A 45 -4.20 -10.97 2.21
CA ALA A 45 -5.12 -10.03 2.86
C ALA A 45 -5.06 -10.15 4.38
N ARG A 46 -5.11 -11.39 4.87
CA ARG A 46 -5.07 -11.64 6.30
C ARG A 46 -3.65 -11.44 6.84
N ASP A 47 -2.69 -11.34 5.94
CA ASP A 47 -1.29 -11.15 6.32
C ASP A 47 -1.15 -9.95 7.25
N ILE A 48 -1.60 -8.80 6.79
CA ILE A 48 -1.53 -7.57 7.58
C ILE A 48 -2.71 -7.46 8.54
N GLY A 49 -3.82 -8.09 8.18
CA GLY A 49 -5.01 -8.05 9.02
C GLY A 49 -6.16 -7.31 8.38
N VAL A 50 -6.32 -7.51 7.07
CA VAL A 50 -7.40 -6.86 6.33
C VAL A 50 -8.23 -7.87 5.57
N PRO A 51 -9.54 -7.58 5.43
CA PRO A 51 -10.47 -8.47 4.71
C PRO A 51 -10.22 -8.49 3.21
N GLU A 52 -10.14 -9.68 2.65
CA GLU A 52 -9.89 -9.84 1.22
C GLU A 52 -10.67 -8.80 0.42
N SER A 53 -11.79 -8.35 0.97
CA SER A 53 -12.63 -7.36 0.31
C SER A 53 -11.84 -6.09 0.01
N THR A 54 -11.35 -5.44 1.07
CA THR A 54 -10.57 -4.23 0.93
C THR A 54 -9.33 -4.46 0.08
N LEU A 55 -8.63 -5.54 0.35
CA LEU A 55 -7.41 -5.88 -0.39
C LEU A 55 -7.60 -5.61 -1.88
N ARG A 56 -8.62 -6.23 -2.47
CA ARG A 56 -8.90 -6.05 -3.88
C ARG A 56 -8.89 -4.58 -4.26
N GLY A 57 -9.58 -3.76 -3.46
CA GLY A 57 -9.64 -2.34 -3.73
C GLY A 57 -8.33 -1.79 -4.28
N TRP A 58 -7.22 -2.23 -3.70
CA TRP A 58 -5.91 -1.77 -4.14
C TRP A 58 -5.59 -2.30 -5.54
N CYS A 59 -5.46 -3.63 -5.65
CA CYS A 59 -5.15 -4.26 -6.92
C CYS A 59 -5.93 -3.59 -8.05
N LYS A 60 -7.19 -3.28 -7.79
CA LYS A 60 -8.04 -2.65 -8.80
C LYS A 60 -7.35 -1.44 -9.42
N ASN A 61 -6.94 -0.51 -8.58
CA ASN A 61 -6.25 0.69 -9.05
C ASN A 61 -4.74 0.51 -9.01
N GLU A 62 -4.29 -0.74 -9.11
CA GLU A 62 -2.87 -1.04 -9.07
C GLU A 62 -2.09 -0.15 -10.04
N ASP A 63 -2.71 0.15 -11.18
CA ASP A 63 -2.10 0.99 -12.19
C ASP A 63 -1.61 2.31 -11.59
N LYS A 64 -2.55 3.07 -11.04
CA LYS A 64 -2.22 4.35 -10.42
C LYS A 64 -1.33 4.16 -9.20
N LEU A 65 -1.69 3.20 -8.35
CA LEU A 65 -0.93 2.92 -7.14
C LEU A 65 0.56 2.89 -7.44
N ARG A 66 0.93 2.23 -8.54
CA ARG A 66 2.33 2.13 -8.93
C ARG A 66 2.97 3.52 -9.04
N PHE A 67 2.19 4.47 -9.52
CA PHE A 67 2.68 5.84 -9.68
C PHE A 67 2.32 6.69 -8.47
N MET A 68 1.40 6.18 -7.65
CA MET A 68 0.96 6.90 -6.46
C MET A 68 2.14 7.22 -5.56
N SER A 69 2.89 6.20 -5.17
CA SER A 69 4.04 6.37 -4.30
C SER A 69 5.06 7.31 -4.94
N ARG A 70 5.30 7.13 -6.23
CA ARG A 70 6.25 7.96 -6.96
C ARG A 70 5.86 9.43 -6.89
N GLN A 71 4.57 9.70 -7.13
CA GLN A 71 4.07 11.07 -7.09
C GLN A 71 4.20 11.66 -5.70
N SER A 72 5.37 12.19 -5.39
CA SER A 72 5.63 12.79 -4.09
C SER A 72 5.52 14.30 -4.14
N ALA A 73 4.30 14.81 -3.99
CA ALA A 73 4.05 16.25 -4.03
C ALA A 73 3.62 16.77 -2.67
N THR A 74 2.50 16.25 -2.16
CA THR A 74 1.98 16.66 -0.86
C THR A 74 2.06 15.53 0.15
N ASP A 75 3.01 15.63 1.08
CA ASP A 75 3.19 14.60 2.11
C ASP A 75 2.17 14.77 3.22
N ASN A 76 1.96 13.70 3.98
CA ASN A 76 1.00 13.72 5.08
C ASN A 76 -0.41 14.02 4.57
N LEU A 77 -0.67 13.60 3.33
CA LEU A 77 -1.98 13.82 2.73
C LEU A 77 -3.08 13.12 3.53
N CYS A 78 -4.26 13.73 3.55
CA CYS A 78 -5.39 13.17 4.27
C CYS A 78 -6.66 13.97 4.01
N ALA A 79 -7.71 13.29 3.59
CA ALA A 79 -8.99 13.94 3.31
C ALA A 79 -8.78 15.25 2.56
N ASP A 80 -7.89 15.23 1.57
CA ASP A 80 -7.60 16.42 0.78
C ASP A 80 -8.02 16.22 -0.67
N ALA A 81 -7.97 17.30 -1.45
CA ALA A 81 -8.35 17.24 -2.85
C ALA A 81 -7.21 16.68 -3.70
N LEU A 82 -7.53 15.68 -4.52
CA LEU A 82 -6.54 15.05 -5.39
C LEU A 82 -6.86 15.29 -6.86
N GLY A 83 -5.85 15.69 -7.62
CA GLY A 83 -6.05 15.96 -9.04
C GLY A 83 -5.49 17.30 -9.46
N ASP A 84 -4.19 17.33 -9.74
CA ASP A 84 -3.54 18.57 -10.16
C ASP A 84 -2.86 18.39 -11.51
N LYS A 85 -3.51 17.64 -12.39
CA LYS A 85 -2.96 17.39 -13.72
C LYS A 85 -3.09 18.63 -14.61
N MET A 86 -2.00 19.37 -14.74
CA MET A 86 -1.98 20.58 -15.56
C MET A 86 -2.15 20.24 -17.03
N ASP A 87 -1.25 19.40 -17.55
CA ASP A 87 -1.30 19.00 -18.94
C ASP A 87 -1.19 17.47 -19.07
N GLY A 1 42.55 -31.17 10.29
CA GLY A 1 42.35 -29.78 9.95
C GLY A 1 42.01 -28.92 11.17
N SER A 2 41.72 -27.65 10.94
CA SER A 2 41.38 -26.74 12.02
C SER A 2 40.73 -25.47 11.49
N SER A 3 39.92 -24.83 12.31
CA SER A 3 39.23 -23.61 11.92
C SER A 3 38.80 -22.80 13.15
N GLY A 4 38.32 -21.59 12.91
CA GLY A 4 37.88 -20.74 14.00
C GLY A 4 37.28 -19.43 13.52
N SER A 5 37.95 -18.79 12.56
CA SER A 5 37.48 -17.53 12.02
C SER A 5 35.99 -17.58 11.71
N SER A 6 35.20 -16.81 12.44
CA SER A 6 33.76 -16.77 12.26
C SER A 6 33.32 -15.43 11.68
N GLY A 7 32.41 -15.47 10.71
CA GLY A 7 31.92 -14.26 10.09
C GLY A 7 30.48 -13.96 10.46
N MET A 8 30.22 -12.72 10.86
CA MET A 8 28.87 -12.30 11.25
C MET A 8 27.95 -12.28 10.03
N ASN A 9 26.95 -13.17 10.04
CA ASN A 9 25.99 -13.24 8.94
C ASN A 9 24.56 -13.21 9.47
N ILE A 10 24.06 -12.01 9.73
CA ILE A 10 22.70 -11.84 10.24
C ILE A 10 22.00 -10.67 9.55
N ARG A 11 20.71 -10.51 9.83
CA ARG A 11 19.93 -9.43 9.25
C ARG A 11 19.47 -8.45 10.32
N MET A 12 19.86 -7.19 10.18
CA MET A 12 19.49 -6.16 11.13
C MET A 12 18.66 -5.06 10.45
N GLY A 13 18.11 -4.16 11.26
CA GLY A 13 17.30 -3.08 10.72
C GLY A 13 17.92 -2.47 9.48
N THR A 14 17.13 -2.39 8.41
CA THR A 14 17.60 -1.82 7.15
C THR A 14 16.53 -0.96 6.50
N LYS A 15 16.72 0.36 6.55
CA LYS A 15 15.77 1.29 5.96
C LYS A 15 14.35 0.98 6.43
N GLY A 16 14.22 0.55 7.68
CA GLY A 16 12.92 0.24 8.23
C GLY A 16 11.87 1.27 7.85
N LYS A 17 12.09 2.51 8.26
CA LYS A 17 11.15 3.59 7.97
C LYS A 17 9.74 3.21 8.38
N ARG A 18 9.58 2.83 9.64
CA ARG A 18 8.28 2.44 10.16
C ARG A 18 7.21 3.46 9.77
N PRO A 19 5.99 2.97 9.49
CA PRO A 19 4.86 3.82 9.09
C PRO A 19 4.35 4.68 10.25
N LEU A 20 3.43 5.58 9.95
CA LEU A 20 2.86 6.47 10.96
C LEU A 20 1.37 6.21 11.13
N ARG A 21 0.73 7.01 11.99
CA ARG A 21 -0.70 6.87 12.23
C ARG A 21 -1.46 6.66 10.94
N SER A 22 -1.33 7.62 10.02
CA SER A 22 -2.01 7.54 8.73
C SER A 22 -1.27 6.59 7.78
N LEU A 23 -1.90 5.48 7.45
CA LEU A 23 -1.30 4.50 6.55
C LEU A 23 -0.76 5.18 5.30
N THR A 24 0.04 4.43 4.53
CA THR A 24 0.63 4.96 3.31
C THR A 24 0.19 4.15 2.10
N PRO A 25 0.14 4.80 0.92
CA PRO A 25 -0.27 4.16 -0.33
C PRO A 25 0.77 3.16 -0.83
N ARG A 26 1.99 3.27 -0.32
CA ARG A 26 3.07 2.38 -0.71
C ARG A 26 2.96 1.05 0.02
N ASP A 27 2.41 1.09 1.22
CA ASP A 27 2.24 -0.12 2.04
C ASP A 27 1.54 -1.22 1.24
N LYS A 28 0.45 -0.85 0.57
CA LYS A 28 -0.30 -1.81 -0.23
C LYS A 28 0.55 -2.39 -1.34
N ILE A 29 1.07 -1.53 -2.20
CA ILE A 29 1.92 -1.97 -3.30
C ILE A 29 2.83 -3.12 -2.88
N HIS A 30 3.36 -3.02 -1.67
CA HIS A 30 4.24 -4.06 -1.14
C HIS A 30 3.56 -5.43 -1.17
N ALA A 31 2.40 -5.50 -0.52
CA ALA A 31 1.65 -6.75 -0.46
C ALA A 31 1.19 -7.18 -1.86
N ILE A 32 0.70 -6.22 -2.64
CA ILE A 32 0.23 -6.50 -3.98
C ILE A 32 1.06 -7.61 -4.63
N GLN A 33 2.38 -7.48 -4.54
CA GLN A 33 3.29 -8.46 -5.12
C GLN A 33 3.00 -9.85 -4.57
N ARG A 34 2.95 -9.97 -3.25
CA ARG A 34 2.69 -11.25 -2.60
C ARG A 34 1.72 -12.08 -3.43
N ILE A 35 0.62 -11.46 -3.84
CA ILE A 35 -0.40 -12.15 -4.64
C ILE A 35 0.20 -12.68 -5.94
N HIS A 36 0.88 -11.80 -6.67
CA HIS A 36 1.50 -12.17 -7.94
C HIS A 36 2.52 -13.28 -7.73
N ASP A 37 3.23 -13.23 -6.62
CA ASP A 37 4.24 -14.23 -6.29
C ASP A 37 3.64 -15.64 -6.29
N GLY A 38 2.56 -15.80 -5.53
CA GLY A 38 1.91 -17.10 -5.45
C GLY A 38 0.79 -17.12 -4.44
N GLU A 39 0.95 -16.36 -3.36
CA GLU A 39 -0.06 -16.29 -2.31
C GLU A 39 -1.41 -15.87 -2.88
N SER A 40 -2.47 -16.09 -2.10
CA SER A 40 -3.82 -15.74 -2.52
C SER A 40 -4.32 -14.51 -1.76
N LYS A 41 -5.16 -13.72 -2.43
CA LYS A 41 -5.72 -12.51 -1.81
C LYS A 41 -6.07 -12.76 -0.35
N ALA A 42 -6.77 -13.86 -0.09
CA ALA A 42 -7.16 -14.22 1.27
C ALA A 42 -5.95 -14.27 2.20
N SER A 43 -4.97 -15.09 1.83
CA SER A 43 -3.76 -15.23 2.63
C SER A 43 -3.14 -13.87 2.92
N VAL A 44 -2.84 -13.12 1.88
CA VAL A 44 -2.24 -11.80 2.02
C VAL A 44 -3.08 -10.91 2.93
N ALA A 45 -4.38 -10.88 2.67
CA ALA A 45 -5.30 -10.08 3.47
C ALA A 45 -5.10 -10.33 4.96
N ARG A 46 -5.07 -11.61 5.34
CA ARG A 46 -4.89 -11.99 6.73
C ARG A 46 -3.50 -11.57 7.24
N ASP A 47 -2.51 -11.67 6.35
CA ASP A 47 -1.15 -11.31 6.71
C ASP A 47 -1.12 -10.07 7.61
N ILE A 48 -1.80 -9.02 7.19
CA ILE A 48 -1.87 -7.78 7.95
C ILE A 48 -3.11 -7.75 8.84
N GLY A 49 -4.19 -8.36 8.36
CA GLY A 49 -5.42 -8.38 9.13
C GLY A 49 -6.52 -7.57 8.48
N VAL A 50 -6.75 -7.80 7.19
CA VAL A 50 -7.78 -7.08 6.45
C VAL A 50 -8.62 -8.04 5.60
N PRO A 51 -9.90 -7.68 5.41
CA PRO A 51 -10.83 -8.49 4.62
C PRO A 51 -10.50 -8.47 3.14
N GLU A 52 -10.58 -9.64 2.50
CA GLU A 52 -10.29 -9.76 1.08
C GLU A 52 -10.97 -8.64 0.28
N SER A 53 -12.12 -8.19 0.78
CA SER A 53 -12.88 -7.14 0.12
C SER A 53 -12.01 -5.89 -0.07
N THR A 54 -11.40 -5.43 1.02
CA THR A 54 -10.54 -4.25 0.97
C THR A 54 -9.31 -4.50 0.12
N LEU A 55 -8.58 -5.58 0.42
CA LEU A 55 -7.37 -5.93 -0.32
C LEU A 55 -7.59 -5.75 -1.81
N ARG A 56 -8.61 -6.40 -2.36
CA ARG A 56 -8.92 -6.32 -3.78
C ARG A 56 -8.88 -4.87 -4.25
N GLY A 57 -9.56 -3.99 -3.52
CA GLY A 57 -9.60 -2.58 -3.88
C GLY A 57 -8.25 -2.09 -4.39
N TRP A 58 -7.21 -2.31 -3.59
CA TRP A 58 -5.87 -1.87 -3.97
C TRP A 58 -5.48 -2.41 -5.34
N CYS A 59 -5.50 -3.73 -5.47
CA CYS A 59 -5.15 -4.38 -6.73
C CYS A 59 -5.93 -3.76 -7.89
N LYS A 60 -7.20 -3.46 -7.65
CA LYS A 60 -8.05 -2.87 -8.67
C LYS A 60 -7.40 -1.65 -9.30
N ASN A 61 -6.82 -0.80 -8.46
CA ASN A 61 -6.14 0.40 -8.92
C ASN A 61 -4.63 0.24 -8.89
N GLU A 62 -4.18 -1.02 -8.93
CA GLU A 62 -2.75 -1.32 -8.91
C GLU A 62 -1.97 -0.31 -9.75
N ASP A 63 -2.35 -0.19 -11.02
CA ASP A 63 -1.69 0.73 -11.93
C ASP A 63 -1.40 2.06 -11.24
N LYS A 64 -2.46 2.78 -10.87
CA LYS A 64 -2.32 4.06 -10.20
C LYS A 64 -1.38 3.96 -9.01
N LEU A 65 -1.74 3.11 -8.05
CA LEU A 65 -0.93 2.91 -6.85
C LEU A 65 0.55 2.89 -7.21
N ARG A 66 0.92 2.04 -8.17
CA ARG A 66 2.31 1.92 -8.60
C ARG A 66 2.91 3.29 -8.87
N PHE A 67 2.10 4.19 -9.42
CA PHE A 67 2.56 5.54 -9.73
C PHE A 67 2.22 6.50 -8.60
N MET A 68 1.33 6.08 -7.72
CA MET A 68 0.91 6.90 -6.58
C MET A 68 2.11 7.27 -5.71
N SER A 69 2.68 6.26 -5.04
CA SER A 69 3.83 6.46 -4.17
C SER A 69 4.88 7.31 -4.87
N ARG A 70 5.18 6.98 -6.11
CA ARG A 70 6.18 7.70 -6.90
C ARG A 70 5.91 9.21 -6.85
N GLN A 71 4.67 9.60 -7.15
CA GLN A 71 4.29 11.00 -7.15
C GLN A 71 4.31 11.57 -5.73
N SER A 72 3.82 10.79 -4.78
CA SER A 72 3.78 11.22 -3.39
C SER A 72 4.72 10.38 -2.53
N ALA A 73 5.94 10.88 -2.34
CA ALA A 73 6.94 10.17 -1.53
C ALA A 73 7.09 10.80 -0.16
N THR A 74 7.79 10.11 0.74
CA THR A 74 8.01 10.61 2.09
C THR A 74 9.01 9.74 2.84
N ASP A 75 9.93 10.38 3.56
CA ASP A 75 10.94 9.66 4.34
C ASP A 75 11.21 10.37 5.65
N ASN A 76 11.34 9.59 6.72
CA ASN A 76 11.61 10.14 8.05
C ASN A 76 12.62 9.27 8.80
N LEU A 77 13.46 9.93 9.59
CA LEU A 77 14.48 9.22 10.36
C LEU A 77 14.72 9.91 11.70
N CYS A 78 14.23 9.29 12.78
CA CYS A 78 14.39 9.84 14.12
C CYS A 78 15.46 9.08 14.89
N ALA A 79 15.88 9.65 16.02
CA ALA A 79 16.89 9.02 16.86
C ALA A 79 16.26 8.06 17.86
N ASP A 80 16.67 6.80 17.81
CA ASP A 80 16.15 5.79 18.72
C ASP A 80 17.24 4.79 19.11
N ALA A 81 16.92 3.93 20.07
CA ALA A 81 17.87 2.92 20.53
C ALA A 81 17.90 1.72 19.58
N LEU A 82 18.67 1.85 18.50
CA LEU A 82 18.79 0.78 17.53
C LEU A 82 19.60 -0.38 18.08
N GLY A 83 20.74 -0.07 18.70
CA GLY A 83 21.58 -1.10 19.27
C GLY A 83 20.82 -2.06 20.15
N ASP A 84 20.94 -3.35 19.87
CA ASP A 84 20.24 -4.38 20.65
C ASP A 84 20.98 -5.71 20.57
N LYS A 85 20.49 -6.70 21.30
CA LYS A 85 21.10 -8.02 21.32
C LYS A 85 20.23 -9.01 22.09
N MET A 86 20.17 -10.24 21.61
CA MET A 86 19.38 -11.28 22.26
C MET A 86 20.15 -11.91 23.41
N ASP A 87 21.43 -12.19 23.18
CA ASP A 87 22.29 -12.78 24.20
C ASP A 87 23.29 -11.77 24.73
N GLY A 1 52.62 -0.61 23.55
CA GLY A 1 51.84 -1.83 23.48
C GLY A 1 50.53 -1.74 24.24
N SER A 2 49.59 -0.96 23.70
CA SER A 2 48.30 -0.79 24.34
C SER A 2 47.46 -2.06 24.24
N SER A 3 46.28 -2.04 24.84
CA SER A 3 45.39 -3.20 24.82
C SER A 3 43.99 -2.80 24.35
N GLY A 4 43.35 -1.91 25.10
CA GLY A 4 42.02 -1.47 24.74
C GLY A 4 40.94 -2.45 25.17
N SER A 5 39.68 -2.01 25.09
CA SER A 5 38.56 -2.86 25.48
C SER A 5 38.15 -3.77 24.34
N SER A 6 37.21 -4.68 24.62
CA SER A 6 36.73 -5.62 23.62
C SER A 6 35.22 -5.80 23.72
N GLY A 7 34.51 -5.50 22.64
CA GLY A 7 33.07 -5.64 22.63
C GLY A 7 32.58 -6.61 21.56
N MET A 8 32.05 -7.75 22.00
CA MET A 8 31.55 -8.76 21.07
C MET A 8 30.32 -8.25 20.33
N ASN A 9 29.39 -7.66 21.08
CA ASN A 9 28.16 -7.14 20.48
C ASN A 9 27.97 -5.66 20.84
N ILE A 10 27.93 -5.37 22.15
CA ILE A 10 27.75 -4.01 22.61
C ILE A 10 26.83 -3.22 21.69
N ARG A 11 25.69 -3.80 21.35
CA ARG A 11 24.72 -3.16 20.47
C ARG A 11 23.46 -2.80 21.24
N MET A 12 23.41 -1.57 21.76
CA MET A 12 22.26 -1.09 22.51
C MET A 12 21.37 -0.19 21.64
N GLY A 13 20.06 -0.29 21.84
CA GLY A 13 19.14 0.52 21.08
C GLY A 13 17.70 0.24 21.42
N THR A 14 17.06 1.20 22.10
CA THR A 14 15.66 1.05 22.50
C THR A 14 14.84 2.27 22.10
N LYS A 15 14.13 2.16 20.98
CA LYS A 15 13.30 3.25 20.50
C LYS A 15 11.95 3.26 21.19
N GLY A 16 11.19 4.33 20.98
CA GLY A 16 9.87 4.45 21.59
C GLY A 16 8.75 4.12 20.62
N LYS A 17 7.78 5.02 20.52
CA LYS A 17 6.65 4.83 19.63
C LYS A 17 6.12 6.17 19.13
N ARG A 18 5.14 6.12 18.22
CA ARG A 18 4.56 7.33 17.66
C ARG A 18 3.03 7.19 17.56
N PRO A 19 2.33 8.33 17.66
CA PRO A 19 0.87 8.36 17.59
C PRO A 19 0.36 8.07 16.17
N LEU A 20 -0.96 8.06 16.02
CA LEU A 20 -1.57 7.79 14.72
C LEU A 20 -0.89 8.60 13.62
N ARG A 21 -1.02 8.13 12.38
CA ARG A 21 -0.42 8.81 11.24
C ARG A 21 -0.93 8.22 9.93
N SER A 22 -1.51 9.07 9.10
CA SER A 22 -2.04 8.64 7.81
C SER A 22 -1.17 7.54 7.20
N LEU A 23 -1.82 6.52 6.65
CA LEU A 23 -1.11 5.40 6.04
C LEU A 23 -0.29 5.87 4.84
N THR A 24 0.34 4.93 4.16
CA THR A 24 1.16 5.25 2.99
C THR A 24 0.73 4.43 1.78
N PRO A 25 0.90 5.00 0.58
CA PRO A 25 0.54 4.33 -0.68
C PRO A 25 1.46 3.15 -1.00
N ARG A 26 2.69 3.22 -0.51
CA ARG A 26 3.67 2.16 -0.74
C ARG A 26 3.33 0.92 0.08
N ASP A 27 2.89 1.14 1.32
CA ASP A 27 2.53 0.04 2.21
C ASP A 27 1.60 -0.95 1.50
N LYS A 28 0.75 -0.43 0.62
CA LYS A 28 -0.19 -1.27 -0.12
C LYS A 28 0.53 -2.08 -1.19
N ILE A 29 1.30 -1.40 -2.04
CA ILE A 29 2.04 -2.06 -3.10
C ILE A 29 2.75 -3.32 -2.57
N HIS A 30 3.11 -3.29 -1.29
CA HIS A 30 3.79 -4.42 -0.67
C HIS A 30 3.00 -5.71 -0.88
N ALA A 31 1.78 -5.74 -0.34
CA ALA A 31 0.94 -6.91 -0.46
C ALA A 31 0.58 -7.19 -1.93
N ILE A 32 0.17 -6.15 -2.64
CA ILE A 32 -0.19 -6.27 -4.05
C ILE A 32 0.67 -7.32 -4.74
N GLN A 33 1.98 -7.21 -4.57
CA GLN A 33 2.92 -8.14 -5.18
C GLN A 33 2.81 -9.52 -4.53
N ARG A 34 2.91 -9.56 -3.20
CA ARG A 34 2.82 -10.81 -2.47
C ARG A 34 1.80 -11.75 -3.10
N ILE A 35 0.75 -11.16 -3.67
CA ILE A 35 -0.31 -11.94 -4.31
C ILE A 35 0.18 -12.55 -5.62
N HIS A 36 0.63 -11.71 -6.53
CA HIS A 36 1.12 -12.16 -7.83
C HIS A 36 2.30 -13.11 -7.65
N ASP A 37 3.06 -12.91 -6.57
CA ASP A 37 4.21 -13.76 -6.29
C ASP A 37 3.83 -15.23 -6.27
N GLY A 38 2.80 -15.56 -5.50
CA GLY A 38 2.34 -16.93 -5.40
C GLY A 38 1.30 -17.12 -4.32
N GLU A 39 1.31 -16.25 -3.33
CA GLU A 39 0.35 -16.32 -2.23
C GLU A 39 -1.07 -16.10 -2.73
N SER A 40 -2.05 -16.43 -1.88
CA SER A 40 -3.45 -16.28 -2.24
C SER A 40 -4.02 -14.99 -1.66
N LYS A 41 -4.79 -14.28 -2.47
CA LYS A 41 -5.40 -13.02 -2.04
C LYS A 41 -5.79 -13.08 -0.57
N ALA A 42 -6.37 -14.20 -0.16
CA ALA A 42 -6.78 -14.39 1.22
C ALA A 42 -5.61 -14.25 2.17
N SER A 43 -4.66 -15.18 2.07
CA SER A 43 -3.48 -15.17 2.92
C SER A 43 -2.88 -13.77 3.00
N VAL A 44 -2.70 -13.15 1.85
CA VAL A 44 -2.14 -11.80 1.79
C VAL A 44 -2.96 -10.82 2.62
N ALA A 45 -4.28 -10.96 2.56
CA ALA A 45 -5.18 -10.10 3.31
C ALA A 45 -4.92 -10.20 4.81
N ARG A 46 -4.98 -11.40 5.34
CA ARG A 46 -4.75 -11.64 6.76
C ARG A 46 -3.35 -11.17 7.16
N ASP A 47 -2.35 -11.55 6.36
CA ASP A 47 -0.97 -11.18 6.63
C ASP A 47 -0.89 -9.73 7.13
N ILE A 48 -1.56 -8.83 6.41
CA ILE A 48 -1.55 -7.43 6.78
C ILE A 48 -2.67 -7.11 7.78
N GLY A 49 -3.72 -7.93 7.76
CA GLY A 49 -4.83 -7.72 8.66
C GLY A 49 -5.95 -6.91 8.04
N VAL A 50 -6.46 -7.39 6.89
CA VAL A 50 -7.53 -6.70 6.19
C VAL A 50 -8.47 -7.70 5.51
N PRO A 51 -9.75 -7.33 5.40
CA PRO A 51 -10.77 -8.17 4.78
C PRO A 51 -10.57 -8.29 3.27
N GLU A 52 -10.54 -9.53 2.77
CA GLU A 52 -10.36 -9.78 1.34
C GLU A 52 -11.06 -8.72 0.51
N SER A 53 -12.30 -8.41 0.89
CA SER A 53 -13.09 -7.42 0.17
C SER A 53 -12.26 -6.17 -0.13
N THR A 54 -11.81 -5.50 0.94
CA THR A 54 -11.00 -4.30 0.79
C THR A 54 -9.75 -4.57 -0.03
N LEU A 55 -9.00 -5.61 0.35
CA LEU A 55 -7.78 -5.97 -0.36
C LEU A 55 -7.98 -5.88 -1.87
N ARG A 56 -8.87 -6.72 -2.40
CA ARG A 56 -9.14 -6.72 -3.83
C ARG A 56 -9.15 -5.31 -4.40
N GLY A 57 -9.83 -4.40 -3.71
CA GLY A 57 -9.90 -3.02 -4.15
C GLY A 57 -8.58 -2.53 -4.69
N TRP A 58 -7.58 -2.42 -3.83
CA TRP A 58 -6.26 -1.96 -4.22
C TRP A 58 -5.86 -2.54 -5.57
N CYS A 59 -5.78 -3.86 -5.65
CA CYS A 59 -5.41 -4.54 -6.88
C CYS A 59 -6.03 -3.84 -8.09
N LYS A 60 -7.27 -3.40 -7.94
CA LYS A 60 -7.97 -2.72 -9.01
C LYS A 60 -7.26 -1.44 -9.43
N ASN A 61 -7.06 -0.54 -8.46
CA ASN A 61 -6.38 0.72 -8.73
C ASN A 61 -4.86 0.54 -8.70
N GLU A 62 -4.43 -0.72 -8.61
CA GLU A 62 -3.01 -1.02 -8.56
C GLU A 62 -2.23 -0.18 -9.58
N ASP A 63 -2.81 -0.02 -10.76
CA ASP A 63 -2.17 0.78 -11.81
C ASP A 63 -1.60 2.07 -11.25
N LYS A 64 -2.46 2.90 -10.69
CA LYS A 64 -2.04 4.18 -10.11
C LYS A 64 -1.15 3.95 -8.90
N LEU A 65 -1.61 3.12 -7.97
CA LEU A 65 -0.85 2.81 -6.77
C LEU A 65 0.64 2.65 -7.09
N ARG A 66 0.93 1.82 -8.09
CA ARG A 66 2.32 1.57 -8.50
C ARG A 66 3.07 2.89 -8.67
N PHE A 67 2.38 3.90 -9.20
CA PHE A 67 2.98 5.20 -9.42
C PHE A 67 2.70 6.14 -8.26
N MET A 68 1.71 5.78 -7.44
CA MET A 68 1.35 6.60 -6.28
C MET A 68 2.56 6.81 -5.36
N SER A 69 3.34 5.76 -5.17
CA SER A 69 4.53 5.85 -4.33
C SER A 69 5.68 6.51 -5.07
N ARG A 70 5.86 6.13 -6.33
CA ARG A 70 6.94 6.69 -7.14
C ARG A 70 6.93 8.21 -7.09
N GLN A 71 5.74 8.80 -7.26
CA GLN A 71 5.60 10.25 -7.23
C GLN A 71 5.85 10.80 -5.83
N SER A 72 5.09 10.28 -4.85
CA SER A 72 5.23 10.73 -3.47
C SER A 72 6.40 10.02 -2.79
N ALA A 73 7.54 10.00 -3.47
CA ALA A 73 8.74 9.36 -2.94
C ALA A 73 9.82 10.39 -2.64
N THR A 74 10.25 11.11 -3.66
CA THR A 74 11.28 12.13 -3.51
C THR A 74 10.74 13.52 -3.83
N ASP A 75 11.07 14.49 -2.99
CA ASP A 75 10.62 15.86 -3.18
C ASP A 75 11.20 16.46 -4.46
N ASN A 76 10.39 17.25 -5.15
CA ASN A 76 10.82 17.88 -6.40
C ASN A 76 10.42 19.35 -6.43
N LEU A 77 11.40 20.23 -6.56
CA LEU A 77 11.16 21.67 -6.61
C LEU A 77 10.84 22.12 -8.03
N CYS A 78 9.98 21.36 -8.71
CA CYS A 78 9.60 21.68 -10.07
C CYS A 78 8.18 21.20 -10.36
N ALA A 79 7.27 22.13 -10.64
CA ALA A 79 5.89 21.80 -10.93
C ALA A 79 5.18 22.96 -11.63
N ASP A 80 4.91 22.78 -12.91
CA ASP A 80 4.23 23.82 -13.69
C ASP A 80 3.05 23.23 -14.47
N ALA A 81 2.03 24.05 -14.68
CA ALA A 81 0.84 23.61 -15.41
C ALA A 81 0.54 24.55 -16.56
N LEU A 82 1.58 25.08 -17.18
CA LEU A 82 1.43 26.00 -18.31
C LEU A 82 1.90 25.34 -19.61
N GLY A 83 1.16 25.60 -20.69
CA GLY A 83 1.52 25.03 -21.98
C GLY A 83 1.95 26.08 -22.98
N ASP A 84 1.18 27.18 -23.06
CA ASP A 84 1.49 28.26 -23.98
C ASP A 84 2.19 29.41 -23.26
N LYS A 85 3.50 29.53 -23.48
CA LYS A 85 4.28 30.59 -22.86
C LYS A 85 4.13 31.91 -23.62
N MET A 86 3.95 32.99 -22.87
CA MET A 86 3.79 34.32 -23.48
C MET A 86 5.15 34.92 -23.80
N ASP A 87 6.08 34.85 -22.85
CA ASP A 87 7.41 35.39 -23.03
C ASP A 87 8.41 34.29 -23.40
N GLY A 1 -58.60 7.32 -14.62
CA GLY A 1 -57.22 7.48 -15.02
C GLY A 1 -56.27 6.69 -14.14
N SER A 2 -54.98 6.98 -14.24
CA SER A 2 -53.97 6.30 -13.45
C SER A 2 -52.73 7.17 -13.27
N SER A 3 -51.84 6.75 -12.38
CA SER A 3 -50.61 7.49 -12.11
C SER A 3 -49.41 6.55 -12.08
N GLY A 4 -48.21 7.13 -11.99
CA GLY A 4 -47.00 6.34 -11.96
C GLY A 4 -45.91 6.98 -11.13
N SER A 5 -44.66 6.68 -11.46
CA SER A 5 -43.52 7.23 -10.73
C SER A 5 -42.24 7.12 -11.56
N SER A 6 -41.28 7.99 -11.27
CA SER A 6 -40.01 8.00 -11.98
C SER A 6 -38.92 8.64 -11.14
N GLY A 7 -37.69 8.59 -11.65
CA GLY A 7 -36.56 9.17 -10.93
C GLY A 7 -36.35 10.63 -11.27
N MET A 8 -36.40 11.48 -10.25
CA MET A 8 -36.21 12.91 -10.43
C MET A 8 -34.76 13.24 -10.77
N ASN A 9 -33.84 12.57 -10.07
CA ASN A 9 -32.41 12.79 -10.29
C ASN A 9 -31.59 11.75 -9.53
N ILE A 10 -30.30 11.68 -9.85
CA ILE A 10 -29.40 10.75 -9.20
C ILE A 10 -28.14 11.45 -8.68
N ARG A 11 -27.74 11.12 -7.46
CA ARG A 11 -26.55 11.71 -6.86
C ARG A 11 -25.43 10.70 -6.75
N MET A 12 -24.20 11.14 -7.01
CA MET A 12 -23.04 10.26 -6.94
C MET A 12 -22.18 10.61 -5.72
N GLY A 13 -21.71 11.84 -5.65
CA GLY A 13 -20.88 12.26 -4.54
C GLY A 13 -20.01 13.45 -4.88
N THR A 14 -19.64 14.22 -3.86
CA THR A 14 -18.82 15.40 -4.06
C THR A 14 -17.55 15.33 -3.21
N LYS A 15 -16.41 15.08 -3.87
CA LYS A 15 -15.13 14.99 -3.18
C LYS A 15 -14.47 16.35 -3.09
N GLY A 16 -13.64 16.53 -2.06
CA GLY A 16 -12.95 17.80 -1.89
C GLY A 16 -12.00 17.78 -0.71
N LYS A 17 -12.50 17.35 0.45
CA LYS A 17 -11.69 17.29 1.66
C LYS A 17 -11.14 15.88 1.88
N ARG A 18 -10.32 15.72 2.90
CA ARG A 18 -9.73 14.42 3.22
C ARG A 18 -9.65 14.21 4.72
N PRO A 19 -9.86 12.96 5.16
CA PRO A 19 -9.81 12.60 6.58
C PRO A 19 -8.40 12.66 7.15
N LEU A 20 -8.26 12.22 8.39
CA LEU A 20 -6.96 12.23 9.05
C LEU A 20 -6.46 10.81 9.30
N ARG A 21 -5.18 10.67 9.63
CA ARG A 21 -4.59 9.37 9.90
C ARG A 21 -4.72 8.45 8.68
N SER A 22 -4.51 9.01 7.50
CA SER A 22 -4.62 8.24 6.27
C SER A 22 -3.35 7.43 6.02
N LEU A 23 -3.45 6.45 5.13
CA LEU A 23 -2.31 5.60 4.79
C LEU A 23 -1.73 5.96 3.44
N THR A 24 -0.64 5.31 3.07
CA THR A 24 0.01 5.57 1.79
C THR A 24 -0.09 4.35 0.86
N PRO A 25 0.01 4.60 -0.45
CA PRO A 25 -0.08 3.55 -1.47
C PRO A 25 1.14 2.64 -1.45
N ARG A 26 2.33 3.24 -1.50
CA ARG A 26 3.58 2.49 -1.48
C ARG A 26 3.55 1.42 -0.40
N ASP A 27 3.02 1.77 0.77
CA ASP A 27 2.94 0.84 1.89
C ASP A 27 1.98 -0.30 1.58
N LYS A 28 0.72 0.05 1.32
CA LYS A 28 -0.31 -0.94 1.02
C LYS A 28 0.15 -1.85 -0.11
N ILE A 29 1.08 -1.36 -0.93
CA ILE A 29 1.60 -2.13 -2.05
C ILE A 29 2.43 -3.33 -1.56
N HIS A 30 3.10 -3.15 -0.42
CA HIS A 30 3.91 -4.21 0.16
C HIS A 30 3.27 -5.57 -0.05
N ALA A 31 1.94 -5.58 -0.12
CA ALA A 31 1.20 -6.82 -0.31
C ALA A 31 0.96 -7.10 -1.80
N ILE A 32 0.46 -6.09 -2.51
CA ILE A 32 0.18 -6.23 -3.93
C ILE A 32 1.20 -7.14 -4.60
N GLN A 33 2.46 -6.99 -4.24
CA GLN A 33 3.52 -7.81 -4.80
C GLN A 33 3.30 -9.29 -4.49
N ARG A 34 3.28 -9.61 -3.20
CA ARG A 34 3.07 -10.98 -2.76
C ARG A 34 2.12 -11.72 -3.69
N ILE A 35 1.01 -11.06 -4.03
CA ILE A 35 0.01 -11.65 -4.91
C ILE A 35 0.63 -12.06 -6.25
N HIS A 36 1.38 -11.14 -6.84
CA HIS A 36 2.03 -11.42 -8.12
C HIS A 36 3.08 -12.51 -7.98
N ASP A 37 3.81 -12.48 -6.86
CA ASP A 37 4.85 -13.46 -6.60
C ASP A 37 4.28 -14.88 -6.62
N GLY A 38 3.20 -15.09 -5.87
CA GLY A 38 2.57 -16.40 -5.82
C GLY A 38 1.40 -16.44 -4.84
N GLU A 39 1.55 -15.73 -3.74
CA GLU A 39 0.49 -15.69 -2.72
C GLU A 39 -0.85 -15.33 -3.34
N SER A 40 -1.93 -15.60 -2.60
CA SER A 40 -3.27 -15.30 -3.08
C SER A 40 -3.87 -14.11 -2.33
N LYS A 41 -4.86 -13.47 -2.94
CA LYS A 41 -5.52 -12.32 -2.33
C LYS A 41 -5.96 -12.65 -0.91
N ALA A 42 -6.53 -13.83 -0.72
CA ALA A 42 -7.00 -14.26 0.59
C ALA A 42 -5.85 -14.31 1.60
N SER A 43 -4.81 -15.06 1.25
CA SER A 43 -3.64 -15.20 2.12
C SER A 43 -3.06 -13.84 2.46
N VAL A 44 -2.83 -13.01 1.45
CA VAL A 44 -2.28 -11.68 1.64
C VAL A 44 -3.16 -10.85 2.56
N ALA A 45 -4.38 -10.58 2.12
CA ALA A 45 -5.33 -9.79 2.90
C ALA A 45 -5.23 -10.15 4.39
N ARG A 46 -5.49 -11.42 4.70
CA ARG A 46 -5.44 -11.89 6.08
C ARG A 46 -4.04 -11.73 6.66
N ASP A 47 -3.03 -11.98 5.83
CA ASP A 47 -1.65 -11.86 6.25
C ASP A 47 -1.46 -10.69 7.21
N ILE A 48 -1.78 -9.48 6.74
CA ILE A 48 -1.65 -8.28 7.56
C ILE A 48 -2.81 -8.18 8.55
N GLY A 49 -3.95 -8.76 8.19
CA GLY A 49 -5.10 -8.71 9.06
C GLY A 49 -6.21 -7.83 8.52
N VAL A 50 -6.55 -8.02 7.25
CA VAL A 50 -7.59 -7.22 6.61
C VAL A 50 -8.54 -8.10 5.81
N PRO A 51 -9.81 -7.69 5.74
CA PRO A 51 -10.84 -8.43 4.99
C PRO A 51 -10.63 -8.36 3.49
N GLU A 52 -10.65 -9.52 2.83
CA GLU A 52 -10.47 -9.59 1.38
C GLU A 52 -11.14 -8.41 0.70
N SER A 53 -12.40 -8.16 1.05
CA SER A 53 -13.16 -7.06 0.47
C SER A 53 -12.30 -5.81 0.32
N THR A 54 -11.74 -5.36 1.44
CA THR A 54 -10.89 -4.18 1.44
C THR A 54 -9.69 -4.35 0.50
N LEU A 55 -8.86 -5.33 0.81
CA LEU A 55 -7.67 -5.61 0.00
C LEU A 55 -7.96 -5.38 -1.48
N ARG A 56 -8.89 -6.18 -2.03
CA ARG A 56 -9.26 -6.06 -3.43
C ARG A 56 -9.20 -4.61 -3.89
N GLY A 57 -9.74 -3.72 -3.06
CA GLY A 57 -9.74 -2.30 -3.40
C GLY A 57 -8.43 -1.84 -4.00
N TRP A 58 -7.33 -2.19 -3.36
CA TRP A 58 -6.01 -1.81 -3.84
C TRP A 58 -5.66 -2.55 -5.13
N CYS A 59 -5.54 -3.87 -5.03
CA CYS A 59 -5.22 -4.69 -6.20
C CYS A 59 -5.94 -4.17 -7.45
N LYS A 60 -7.25 -3.99 -7.33
CA LYS A 60 -8.05 -3.50 -8.45
C LYS A 60 -7.41 -2.28 -9.09
N ASN A 61 -7.22 -1.23 -8.29
CA ASN A 61 -6.63 0.00 -8.77
C ASN A 61 -5.10 -0.05 -8.65
N GLU A 62 -4.57 -1.25 -8.54
CA GLU A 62 -3.12 -1.44 -8.41
C GLU A 62 -2.37 -0.64 -9.48
N ASP A 63 -2.87 -0.71 -10.71
CA ASP A 63 -2.25 0.00 -11.82
C ASP A 63 -1.67 1.34 -11.35
N LYS A 64 -2.55 2.24 -10.92
CA LYS A 64 -2.12 3.55 -10.45
C LYS A 64 -1.24 3.42 -9.20
N LEU A 65 -1.73 2.67 -8.21
CA LEU A 65 -0.98 2.46 -6.98
C LEU A 65 0.50 2.22 -7.26
N ARG A 66 0.78 1.44 -8.31
CA ARG A 66 2.15 1.13 -8.68
C ARG A 66 2.93 2.40 -8.97
N PHE A 67 2.27 3.37 -9.60
CA PHE A 67 2.91 4.64 -9.93
C PHE A 67 2.63 5.69 -8.86
N MET A 68 1.70 5.38 -7.96
CA MET A 68 1.34 6.30 -6.89
C MET A 68 2.54 6.57 -5.98
N SER A 69 3.28 5.51 -5.67
CA SER A 69 4.46 5.63 -4.81
C SER A 69 5.32 6.80 -5.24
N ARG A 70 5.52 6.93 -6.55
CA ARG A 70 6.34 8.02 -7.10
C ARG A 70 6.00 9.35 -6.44
N GLN A 71 4.71 9.62 -6.32
CA GLN A 71 4.24 10.86 -5.70
C GLN A 71 5.03 11.17 -4.43
N SER A 72 5.22 12.45 -4.14
CA SER A 72 5.95 12.87 -2.95
C SER A 72 5.54 12.04 -1.74
N ALA A 73 6.34 11.01 -1.43
CA ALA A 73 6.07 10.14 -0.30
C ALA A 73 6.22 10.89 1.02
N THR A 74 7.42 11.41 1.27
CA THR A 74 7.70 12.14 2.49
C THR A 74 7.37 11.30 3.73
N ASP A 75 7.76 10.03 3.70
CA ASP A 75 7.51 9.13 4.81
C ASP A 75 8.83 8.65 5.42
N ASN A 76 9.16 9.18 6.59
CA ASN A 76 10.39 8.81 7.28
C ASN A 76 10.44 7.30 7.52
N LEU A 77 11.57 6.68 7.18
CA LEU A 77 11.74 5.25 7.35
C LEU A 77 13.18 4.92 7.77
N CYS A 78 13.41 3.67 8.13
CA CYS A 78 14.74 3.23 8.55
C CYS A 78 15.04 1.83 8.00
N ALA A 79 16.32 1.53 7.85
CA ALA A 79 16.75 0.23 7.34
C ALA A 79 17.21 -0.68 8.47
N ASP A 80 16.60 -1.85 8.56
CA ASP A 80 16.94 -2.81 9.60
C ASP A 80 18.02 -3.78 9.11
N ALA A 81 19.01 -3.23 8.41
CA ALA A 81 20.11 -4.05 7.89
C ALA A 81 21.45 -3.54 8.39
N LEU A 82 21.98 -4.22 9.40
CA LEU A 82 23.27 -3.85 9.98
C LEU A 82 24.21 -5.05 10.04
N GLY A 83 25.49 -4.81 9.75
CA GLY A 83 26.47 -5.87 9.77
C GLY A 83 27.57 -5.63 10.78
N ASP A 84 28.31 -6.67 11.13
CA ASP A 84 29.40 -6.56 12.09
C ASP A 84 30.36 -7.74 11.96
N LYS A 85 31.43 -7.70 12.73
CA LYS A 85 32.43 -8.77 12.72
C LYS A 85 32.75 -9.24 14.13
N MET A 86 33.12 -10.51 14.26
CA MET A 86 33.45 -11.08 15.56
C MET A 86 34.25 -10.08 16.39
N ASP A 87 35.35 -9.60 15.83
CA ASP A 87 36.21 -8.64 16.52
C ASP A 87 35.39 -7.45 17.02
#